data_3I2Q
# 
_entry.id   3I2Q 
# 
_audit_conform.dict_name       mmcif_pdbx.dic 
_audit_conform.dict_version    5.378 
_audit_conform.dict_location   http://mmcif.pdb.org/dictionaries/ascii/mmcif_pdbx.dic 
# 
loop_
_database_2.database_id 
_database_2.database_code 
_database_2.pdbx_database_accession 
_database_2.pdbx_DOI 
PDB   3I2Q         pdb_00003i2q 10.2210/pdb3i2q/pdb 
NDB   NA0051       ?            ?                   
RCSB  RCSB053889   ?            ?                   
WWPDB D_1000053889 ?            ?                   
# 
loop_
_pdbx_database_related.db_name 
_pdbx_database_related.db_id 
_pdbx_database_related.details 
_pdbx_database_related.content_type 
PDB 3I2P 
;Crystal structure of the hairpin ribozyme product-mimic with 5'-deoxy-5'-fluoroguanosine
;
unspecified 
PDB 3I2R 
;Crystal structure of the hairpin ribozyme with a 2',5'-linked substrate with N1-deazaadenosine at position A9
;
unspecified 
PDB 3I2S 
;Crystal structure of the hairpin ribozyme with a 2'OMe substrate and N1-deazaadenosine at position A10
;
unspecified 
PDB 3I2U 
;Crystal structure of the haiprin ribozyme with a 2',5'-linked substrate and N1-deazaadenosine at position A10
;
unspecified 
# 
_pdbx_database_status.status_code                     REL 
_pdbx_database_status.entry_id                        3I2Q 
_pdbx_database_status.recvd_initial_deposition_date   2009-06-29 
_pdbx_database_status.deposit_site                    RCSB 
_pdbx_database_status.process_site                    RCSB 
_pdbx_database_status.status_code_sf                  REL 
_pdbx_database_status.status_code_mr                  ? 
_pdbx_database_status.SG_entry                        ? 
_pdbx_database_status.pdb_format_compatible           Y 
_pdbx_database_status.status_code_cs                  ? 
_pdbx_database_status.status_code_nmr_data            ? 
_pdbx_database_status.methods_development_category    ? 
# 
loop_
_audit_author.name 
_audit_author.pdbx_ordinal 
'Wedekind, J.E.' 1 
'Spitale, R.C.'  2 
'Krucinska, J.'  3 
# 
_citation.id                        primary 
_citation.title                     
;Single-atom imino substitutions at A9 and A10 reveal distinct effects on the fold and function of the hairpin ribozyme catalytic core.
;
_citation.journal_abbrev            Biochemistry 
_citation.journal_volume            48 
_citation.page_first                7777 
_citation.page_last                 7779 
_citation.year                      2009 
_citation.journal_id_ASTM           BICHAW 
_citation.country                   US 
_citation.journal_id_ISSN           0006-2960 
_citation.journal_id_CSD            0033 
_citation.book_publisher            ? 
_citation.pdbx_database_id_PubMed   19634899 
_citation.pdbx_database_id_DOI      10.1021/bi9011622 
# 
loop_
_citation_author.citation_id 
_citation_author.name 
_citation_author.ordinal 
_citation_author.identifier_ORCID 
primary 'Spitale, R.C.'  1 ? 
primary 'Volpini, R.'    2 ? 
primary 'Mungillo, M.V.' 3 ? 
primary 'Krucinska, J.'  4 ? 
primary 'Cristalli, G.'  5 ? 
primary 'Wedekind, J.E.' 6 ? 
# 
_cell.entry_id           3I2Q 
_cell.length_a           93.350 
_cell.length_b           93.350 
_cell.length_c           131.450 
_cell.angle_alpha        90.00 
_cell.angle_beta         90.00 
_cell.angle_gamma        120.00 
_cell.Z_PDB              12 
_cell.pdbx_unique_axis   ? 
_cell.length_a_esd       ? 
_cell.length_b_esd       ? 
_cell.length_c_esd       ? 
_cell.angle_alpha_esd    ? 
_cell.angle_beta_esd     ? 
_cell.angle_gamma_esd    ? 
# 
_symmetry.entry_id                         3I2Q 
_symmetry.space_group_name_H-M             'P 61 2 2' 
_symmetry.pdbx_full_space_group_name_H-M   ? 
_symmetry.cell_setting                     ? 
_symmetry.Int_Tables_number                178 
_symmetry.space_group_name_Hall            ? 
# 
loop_
_entity.id 
_entity.type 
_entity.src_method 
_entity.pdbx_description 
_entity.formula_weight 
_entity.pdbx_number_of_molecules 
_entity.pdbx_ec 
_entity.pdbx_mutation 
_entity.pdbx_fragment 
_entity.details 
1 polymer     syn "5'-R(*UP*CP*CP*CP*(A2M)P*GP*UP*CP*CP*AP*CP*CP*GP*U)-3'"            4372.663 1 ? ? ? 'Hairpin ribozyme' 
2 polymer     syn 'DNA/RNA (30-MER)'                                                  9762.001 1 ? ? ? 'Hairpin ribozyme' 
3 polymer     syn "5'-R(*UP*CP*GP*UP*GP*GP*UP*AP*CP*AP*UP*UP*AP*CP*CP*UP*GP*CP*C)-3'" 5991.568 1 ? ? ? 'Hairpin ribozyme' 
4 non-polymer syn 'SULFATE ION'                                                       96.063   1 ? ? ? ?                  
5 non-polymer syn 'COBALT HEXAMMINE(III)'                                             161.116  1 ? ? ? 'Hairpin ribozyme' 
# 
loop_
_entity_poly.entity_id 
_entity_poly.type 
_entity_poly.nstd_linkage 
_entity_poly.nstd_monomer 
_entity_poly.pdbx_seq_one_letter_code 
_entity_poly.pdbx_seq_one_letter_code_can 
_entity_poly.pdbx_strand_id 
_entity_poly.pdbx_target_identifier 
1 polyribonucleotide                                  no yes 'UCCC(A2M)GUCCACCGU'                     UCCCAGUCCACCGU A ? 
2 'polydeoxyribonucleotide/polyribonucleotide hybrid' no yes 'CGGUGAG(1DP)AGGG(S9L)GGCAGAGAAACACACGA' 
CGGUGAGXAGGGXGGCAGAGAAACACACGA B ? 
3 polyribonucleotide                                  no no  UCGUGGUACAUUACCUGCC                      UCGUGGUACAUUACCUGCC C ? 
# 
loop_
_entity_poly_seq.entity_id 
_entity_poly_seq.num 
_entity_poly_seq.mon_id 
_entity_poly_seq.hetero 
1 1  U   n 
1 2  C   n 
1 3  C   n 
1 4  C   n 
1 5  A2M n 
1 6  G   n 
1 7  U   n 
1 8  C   n 
1 9  C   n 
1 10 A   n 
1 11 C   n 
1 12 C   n 
1 13 G   n 
1 14 U   n 
2 1  C   n 
2 2  G   n 
2 3  G   n 
2 4  U   n 
2 5  G   n 
2 6  A   n 
2 7  G   n 
2 8  1DP n 
2 9  A   n 
2 10 G   n 
2 11 G   n 
2 12 G   n 
2 13 S9L n 
2 14 G   n 
2 15 G   n 
2 16 C   n 
2 17 A   n 
2 18 G   n 
2 19 A   n 
2 20 G   n 
2 21 A   n 
2 22 A   n 
2 23 A   n 
2 24 C   n 
2 25 A   n 
2 26 C   n 
2 27 A   n 
2 28 C   n 
2 29 G   n 
2 30 A   n 
3 1  U   n 
3 2  C   n 
3 3  G   n 
3 4  U   n 
3 5  G   n 
3 6  G   n 
3 7  U   n 
3 8  A   n 
3 9  C   n 
3 10 A   n 
3 11 U   n 
3 12 U   n 
3 13 A   n 
3 14 C   n 
3 15 C   n 
3 16 U   n 
3 17 G   n 
3 18 C   n 
3 19 C   n 
# 
loop_
_pdbx_entity_src_syn.entity_id 
_pdbx_entity_src_syn.pdbx_src_id 
_pdbx_entity_src_syn.pdbx_alt_source_flag 
_pdbx_entity_src_syn.pdbx_beg_seq_num 
_pdbx_entity_src_syn.pdbx_end_seq_num 
_pdbx_entity_src_syn.organism_scientific 
_pdbx_entity_src_syn.organism_common_name 
_pdbx_entity_src_syn.ncbi_taxonomy_id 
_pdbx_entity_src_syn.details 
1 1 sample ? ? ? ? ? 'The RNA was synthesized by Dharmacon Inc., following the tobacco ringspot virus sequence' 
2 1 sample ? ? ? ? ? 'The RNA was synthesized by Dharmacon Inc., following the tobacco ringspot virus sequence' 
3 1 sample ? ? ? ? ? 'The RNA was synthesized by Dharmacon Inc., following the tobacco ringspot virus sequence' 
# 
loop_
_struct_ref.id 
_struct_ref.db_name 
_struct_ref.db_code 
_struct_ref.pdbx_db_accession 
_struct_ref.entity_id 
_struct_ref.pdbx_align_begin 
_struct_ref.pdbx_seq_one_letter_code 
_struct_ref.pdbx_db_isoform 
1 PDB 3I2Q 3I2Q 1 -5 UCCCCGUCCACCGU                 ? 
2 PDB 3I2Q 3I2Q 2 2  CGGUGAGAAGGGXGGCAGAGAAACACACGA ? 
3 PDB 3I2Q 3I2Q 3 31 UCGUGGUACAUUACCUGCC            ? 
# 
loop_
_struct_ref_seq.align_id 
_struct_ref_seq.ref_id 
_struct_ref_seq.pdbx_PDB_id_code 
_struct_ref_seq.pdbx_strand_id 
_struct_ref_seq.seq_align_beg 
_struct_ref_seq.pdbx_seq_align_beg_ins_code 
_struct_ref_seq.seq_align_end 
_struct_ref_seq.pdbx_seq_align_end_ins_code 
_struct_ref_seq.pdbx_db_accession 
_struct_ref_seq.db_align_beg 
_struct_ref_seq.pdbx_db_align_beg_ins_code 
_struct_ref_seq.db_align_end 
_struct_ref_seq.pdbx_db_align_end_ins_code 
_struct_ref_seq.pdbx_auth_seq_align_beg 
_struct_ref_seq.pdbx_auth_seq_align_end 
1 1 3I2Q A 1 ? 14 ? 3I2Q -5 ? 9  ? -5 9  
2 2 3I2Q B 1 ? 30 ? 3I2Q 2  ? 31 ? 2  31 
3 3 3I2Q C 1 ? 19 ? 3I2Q 31 ? 49 ? 31 49 
# 
loop_
_chem_comp.id 
_chem_comp.type 
_chem_comp.mon_nstd_flag 
_chem_comp.name 
_chem_comp.pdbx_synonyms 
_chem_comp.formula 
_chem_comp.formula_weight 
1DP 'RNA linking' . "N1-deaza-adenosine-5'-monophosphate"                     
'3-(5-O-phosphono-beta-D-ribofuranosyl)-3H-imidazo[4,5-b]pyridin-7-amine' 'C11 H15 N4 O7 P' 346.233 
A   'RNA linking' y "ADENOSINE-5'-MONOPHOSPHATE"                              ? 'C10 H14 N5 O7 P' 347.221 
A2M 'RNA linking' n 
;2'-O-methyladenosine 5'-(dihydrogen phosphate)
;
?                                                                         'C11 H16 N5 O7 P' 361.248 
C   'RNA linking' y "CYTIDINE-5'-MONOPHOSPHATE"                               ? 'C9 H14 N3 O8 P'  323.197 
G   'RNA linking' y "GUANOSINE-5'-MONOPHOSPHATE"                              ? 'C10 H14 N5 O8 P' 363.221 
NCO non-polymer   . 'COBALT HEXAMMINE(III)'                                   ? 'Co H18 N6 3'     161.116 
S9L non-polymer   . '2-[2-(2-HYDROXYETHOXY)ETHOXY]ETHYL DIHYDROGEN PHOSPHATE' ? 'C6 H15 O7 P'     230.153 
SO4 non-polymer   . 'SULFATE ION'                                             ? 'O4 S -2'         96.063  
U   'RNA linking' y "URIDINE-5'-MONOPHOSPHATE"                                ? 'C9 H13 N2 O9 P'  324.181 
# 
_exptl.entry_id          3I2Q 
_exptl.method            'X-RAY DIFFRACTION' 
_exptl.crystals_number   1 
# 
_exptl_crystal.id                    1 
_exptl_crystal.density_meas          ? 
_exptl_crystal.density_Matthews      4.11 
_exptl_crystal.density_percent_sol   70.05 
_exptl_crystal.description           ? 
_exptl_crystal.F_000                 ? 
_exptl_crystal.preparation           ? 
# 
_exptl_crystal_grow.crystal_id      1 
_exptl_crystal_grow.method          'VAPOR DIFFUSION, HANGING DROP' 
_exptl_crystal_grow.temp            293.15 
_exptl_crystal_grow.temp_details    ? 
_exptl_crystal_grow.pH              7.0 
_exptl_crystal_grow.pdbx_details    
;Well solutions contained 20.5% w/v PEG 2000 MME, 0.10 M Na cacodylate, pH 6.5 or 7.0, 0.25 M Li2SO4, 2.5 mM Co(NH3)6Cl3 and 2 mM Spermidine-HCl. Crystals grew as hexagonal rods or plates and reached a size of 0.3 mm x 0.2 mm x 0.2 mm in approximately 3 weeks, VAPOR DIFFUSION, HANGING DROP, temperature 293.15K
;
_exptl_crystal_grow.pdbx_pH_range   ? 
# 
loop_
_exptl_crystal_grow_comp.crystal_id 
_exptl_crystal_grow_comp.id 
_exptl_crystal_grow_comp.sol_id 
_exptl_crystal_grow_comp.name 
_exptl_crystal_grow_comp.volume 
_exptl_crystal_grow_comp.conc 
_exptl_crystal_grow_comp.details 
1 1  ? 'PEG 2000 MME'  ? ? ? 
1 2  ? 'Na cacodylate' ? ? ? 
1 3  ? Li2SO4          ? ? ? 
1 4  ? 'Co(NH3)6Cl3'   ? ? ? 
1 5  ? Spermidine-HCl  ? ? ? 
1 6  ? 'PEG 2000 MME'  ? ? ? 
1 7  ? 'Na cacodylate' ? ? ? 
1 8  ? Li2SO4          ? ? ? 
1 9  ? 'Co(NH3)6Cl3'   ? ? ? 
1 10 ? Spermidine-HCl  ? ? ? 
# 
_diffrn.id                     1 
_diffrn.ambient_temp           100 
_diffrn.ambient_temp_details   ? 
_diffrn.crystal_id             1 
# 
_diffrn_detector.diffrn_id              1 
_diffrn_detector.detector               CCD 
_diffrn_detector.type                   'ADSC QUANTUM 315r' 
_diffrn_detector.pdbx_collection_date   2009-01-29 
_diffrn_detector.details                'Vertical focusing mirror, single crystal Si(111) bent monochromator (horizontal focusing)' 
# 
_diffrn_radiation.diffrn_id                        1 
_diffrn_radiation.wavelength_id                    1 
_diffrn_radiation.pdbx_monochromatic_or_laue_m_l   M 
_diffrn_radiation.monochromator                    'Si(111) single crystal' 
_diffrn_radiation.pdbx_diffrn_protocol             'SINGLE WAVELENGTH' 
_diffrn_radiation.pdbx_scattering_type             x-ray 
# 
_diffrn_radiation_wavelength.id           1 
_diffrn_radiation_wavelength.wavelength   0.9700 
_diffrn_radiation_wavelength.wt           1.0 
# 
_diffrn_source.diffrn_id                   1 
_diffrn_source.source                      SYNCHROTRON 
_diffrn_source.type                        'SSRL BEAMLINE BL7-1' 
_diffrn_source.pdbx_synchrotron_site       SSRL 
_diffrn_source.pdbx_synchrotron_beamline   BL7-1 
_diffrn_source.pdbx_wavelength             ? 
_diffrn_source.pdbx_wavelength_list        0.9700 
# 
_reflns.entry_id                     3I2Q 
_reflns.observed_criterion_sigma_I   ? 
_reflns.observed_criterion_sigma_F   ? 
_reflns.d_resolution_low             50.00 
_reflns.d_resolution_high            2.80 
_reflns.number_obs                   9310 
_reflns.number_all                   ? 
_reflns.percent_possible_obs         99.8 
_reflns.pdbx_Rmerge_I_obs            0.077 
_reflns.pdbx_Rsym_value              ? 
_reflns.pdbx_netI_over_sigmaI        7.7 
_reflns.B_iso_Wilson_estimate        132.1 
_reflns.pdbx_redundancy              7.8 
_reflns.R_free_details               ? 
_reflns.limit_h_max                  ? 
_reflns.limit_h_min                  ? 
_reflns.limit_k_max                  ? 
_reflns.limit_k_min                  ? 
_reflns.limit_l_max                  ? 
_reflns.limit_l_min                  ? 
_reflns.observed_criterion_F_max     ? 
_reflns.observed_criterion_F_min     ? 
_reflns.pdbx_chi_squared             ? 
_reflns.pdbx_scaling_rejects         ? 
_reflns.pdbx_ordinal                 1 
_reflns.pdbx_diffrn_id               1 
# 
_reflns_shell.d_res_high             2.8 
_reflns_shell.d_res_low              2.9 
_reflns_shell.percent_possible_all   99.8 
_reflns_shell.Rmerge_I_obs           0.361 
_reflns_shell.pdbx_Rsym_value        ? 
_reflns_shell.meanI_over_sigI_obs    1.8 
_reflns_shell.pdbx_redundancy        7.1 
_reflns_shell.percent_possible_obs   ? 
_reflns_shell.number_unique_all      1645 
_reflns_shell.number_measured_all    ? 
_reflns_shell.number_measured_obs    ? 
_reflns_shell.number_unique_obs      ? 
_reflns_shell.pdbx_chi_squared       ? 
_reflns_shell.pdbx_ordinal           1 
_reflns_shell.pdbx_diffrn_id         1 
# 
_refine.entry_id                                 3I2Q 
_refine.ls_number_reflns_obs                     7977 
_refine.ls_number_reflns_all                     ? 
_refine.pdbx_ls_sigma_I                          ? 
_refine.pdbx_ls_sigma_F                          0.0 
_refine.pdbx_data_cutoff_high_absF               62866.93 
_refine.pdbx_data_cutoff_low_absF                0.000000 
_refine.pdbx_data_cutoff_high_rms_absF           ? 
_refine.ls_d_res_low                             40.42 
_refine.ls_d_res_high                            2.90 
_refine.ls_percent_reflns_obs                    99.7 
_refine.ls_R_factor_obs                          0.203 
_refine.ls_R_factor_all                          ? 
_refine.ls_R_factor_R_work                       0.203 
_refine.ls_R_factor_R_free                       0.227 
_refine.ls_R_factor_R_free_error                 0.009 
_refine.ls_R_factor_R_free_error_details         ? 
_refine.ls_percent_reflns_R_free                 7.6 
_refine.ls_number_reflns_R_free                  607 
_refine.ls_number_parameters                     ? 
_refine.ls_number_restraints                     ? 
_refine.occupancy_min                            ? 
_refine.occupancy_max                            ? 
_refine.correlation_coeff_Fo_to_Fc               ? 
_refine.correlation_coeff_Fo_to_Fc_free          ? 
_refine.B_iso_mean                               73.0 
_refine.aniso_B[1][1]                            -15.62 
_refine.aniso_B[2][2]                            -15.62 
_refine.aniso_B[3][3]                            31.23 
_refine.aniso_B[1][2]                            0.00 
_refine.aniso_B[1][3]                            0.00 
_refine.aniso_B[2][3]                            0.00 
_refine.solvent_model_details                    'FLAT MODEL' 
_refine.solvent_model_param_ksol                 0.3 
_refine.solvent_model_param_bsol                 36.7653 
_refine.pdbx_solvent_vdw_probe_radii             ? 
_refine.pdbx_solvent_ion_probe_radii             ? 
_refine.pdbx_solvent_shrinkage_radii             ? 
_refine.pdbx_ls_cross_valid_method               THROUGHOUT 
_refine.details                                  'BULK SOLVENT MODEL USED' 
_refine.pdbx_starting_model                      'PDB entry 2OUE' 
_refine.pdbx_method_to_determine_struct          'FOURIER SYNTHESIS' 
_refine.pdbx_isotropic_thermal_model             RESTRAINED 
_refine.pdbx_stereochemistry_target_values       ? 
_refine.pdbx_stereochem_target_val_spec_case     ? 
_refine.pdbx_R_Free_selection_details            RANDOM 
_refine.pdbx_overall_ESU_R                       ? 
_refine.pdbx_overall_ESU_R_Free                  ? 
_refine.overall_SU_ML                            ? 
_refine.overall_SU_B                             ? 
_refine.ls_redundancy_reflns_obs                 ? 
_refine.B_iso_min                                ? 
_refine.B_iso_max                                ? 
_refine.overall_SU_R_Cruickshank_DPI             ? 
_refine.overall_SU_R_free                        ? 
_refine.ls_wR_factor_R_free                      ? 
_refine.ls_wR_factor_R_work                      ? 
_refine.overall_FOM_free_R_set                   ? 
_refine.overall_FOM_work_R_set                   ? 
_refine.pdbx_overall_phase_error                 ? 
_refine.pdbx_refine_id                           'X-RAY DIFFRACTION' 
_refine.pdbx_diffrn_id                           1 
_refine.pdbx_TLS_residual_ADP_flag               ? 
_refine.pdbx_overall_SU_R_free_Cruickshank_DPI   ? 
_refine.pdbx_overall_SU_R_Blow_DPI               ? 
_refine.pdbx_overall_SU_R_free_Blow_DPI          ? 
# 
_refine_analyze.entry_id                        3I2Q 
_refine_analyze.Luzzati_coordinate_error_obs    0.38 
_refine_analyze.Luzzati_sigma_a_obs             0.55 
_refine_analyze.Luzzati_d_res_low_obs           5.00 
_refine_analyze.Luzzati_coordinate_error_free   0.44 
_refine_analyze.Luzzati_sigma_a_free            0.61 
_refine_analyze.Luzzati_d_res_low_free          ? 
_refine_analyze.number_disordered_residues      ? 
_refine_analyze.occupancy_sum_hydrogen          ? 
_refine_analyze.occupancy_sum_non_hydrogen      ? 
_refine_analyze.pdbx_Luzzati_d_res_high_obs     ? 
_refine_analyze.pdbx_refine_id                  'X-RAY DIFFRACTION' 
# 
_refine_hist.pdbx_refine_id                   'X-RAY DIFFRACTION' 
_refine_hist.cycle_id                         LAST 
_refine_hist.pdbx_number_atoms_protein        0 
_refine_hist.pdbx_number_atoms_nucleic_acid   1311 
_refine_hist.pdbx_number_atoms_ligand         11 
_refine_hist.number_atoms_solvent             0 
_refine_hist.number_atoms_total               1322 
_refine_hist.d_res_high                       2.90 
_refine_hist.d_res_low                        40.42 
# 
loop_
_refine_ls_restr.type 
_refine_ls_restr.dev_ideal 
_refine_ls_restr.dev_ideal_target 
_refine_ls_restr.weight 
_refine_ls_restr.number 
_refine_ls_restr.pdbx_refine_id 
_refine_ls_restr.pdbx_restraint_function 
c_bond_d           0.006 ? ? ? 'X-RAY DIFFRACTION' ? 
c_angle_deg        1.4   ? ? ? 'X-RAY DIFFRACTION' ? 
c_dihedral_angle_d 17.3  ? ? ? 'X-RAY DIFFRACTION' ? 
c_improper_angle_d 2.41  ? ? ? 'X-RAY DIFFRACTION' ? 
# 
_refine_ls_shell.pdbx_total_number_of_bins_used   6 
_refine_ls_shell.d_res_high                       2.90 
_refine_ls_shell.d_res_low                        3.08 
_refine_ls_shell.number_reflns_R_work             1177 
_refine_ls_shell.R_factor_R_work                  0.424 
_refine_ls_shell.percent_reflns_obs               99.9 
_refine_ls_shell.R_factor_R_free                  0.448 
_refine_ls_shell.R_factor_R_free_error            0.042 
_refine_ls_shell.percent_reflns_R_free            8.8 
_refine_ls_shell.number_reflns_R_free             113 
_refine_ls_shell.number_reflns_all                ? 
_refine_ls_shell.R_factor_all                     ? 
_refine_ls_shell.number_reflns_obs                ? 
_refine_ls_shell.redundancy_reflns_obs            ? 
_refine_ls_shell.pdbx_refine_id                   'X-RAY DIFFRACTION' 
# 
loop_
_pdbx_xplor_file.serial_no 
_pdbx_xplor_file.param_file 
_pdbx_xplor_file.topol_file 
_pdbx_xplor_file.pdbx_refine_id 
1 dna-rnaATT protein.top 'X-RAY DIFFRACTION' 
2 cobalt.par ?           'X-RAY DIFFRACTION' 
3 to         ?           'X-RAY DIFFRACTION' 
4 to         ?           'X-RAY DIFFRACTION' 
5 to         ?           'X-RAY DIFFRACTION' 
# 
_struct.entry_id                  3I2Q 
_struct.title                     
;Crystal structure of the hairpin ribozyme with 2'OMe substrate strand and N1-deazaadenosine at position A9
;
_struct.pdbx_model_details        ? 
_struct.pdbx_CASP_flag            ? 
_struct.pdbx_model_type_details   ? 
# 
_struct_keywords.entry_id        3I2Q 
_struct_keywords.pdbx_keywords   RNA 
_struct_keywords.text            'hairpin ribozyme, N1-deazaadenosine, RNA' 
# 
loop_
_struct_asym.id 
_struct_asym.pdbx_blank_PDB_chainid_flag 
_struct_asym.pdbx_modified 
_struct_asym.entity_id 
_struct_asym.details 
A N N 1 ? 
B N N 2 ? 
C N N 3 ? 
D N N 4 ? 
E N N 5 ? 
# 
_struct_biol.id        1 
_struct_biol.details   'THE BIOLOGICAL UNIT IS THE SAME AS AN ASYMMETRIC UNIT' 
# 
loop_
_struct_conn.id 
_struct_conn.conn_type_id 
_struct_conn.pdbx_leaving_atom_flag 
_struct_conn.pdbx_PDB_id 
_struct_conn.ptnr1_label_asym_id 
_struct_conn.ptnr1_label_comp_id 
_struct_conn.ptnr1_label_seq_id 
_struct_conn.ptnr1_label_atom_id 
_struct_conn.pdbx_ptnr1_label_alt_id 
_struct_conn.pdbx_ptnr1_PDB_ins_code 
_struct_conn.pdbx_ptnr1_standard_comp_id 
_struct_conn.ptnr1_symmetry 
_struct_conn.ptnr2_label_asym_id 
_struct_conn.ptnr2_label_comp_id 
_struct_conn.ptnr2_label_seq_id 
_struct_conn.ptnr2_label_atom_id 
_struct_conn.pdbx_ptnr2_label_alt_id 
_struct_conn.pdbx_ptnr2_PDB_ins_code 
_struct_conn.ptnr1_auth_asym_id 
_struct_conn.ptnr1_auth_comp_id 
_struct_conn.ptnr1_auth_seq_id 
_struct_conn.ptnr2_auth_asym_id 
_struct_conn.ptnr2_auth_comp_id 
_struct_conn.ptnr2_auth_seq_id 
_struct_conn.ptnr2_symmetry 
_struct_conn.pdbx_ptnr3_label_atom_id 
_struct_conn.pdbx_ptnr3_label_seq_id 
_struct_conn.pdbx_ptnr3_label_comp_id 
_struct_conn.pdbx_ptnr3_label_asym_id 
_struct_conn.pdbx_ptnr3_label_alt_id 
_struct_conn.pdbx_ptnr3_PDB_ins_code 
_struct_conn.details 
_struct_conn.pdbx_dist_value 
_struct_conn.pdbx_value_order 
_struct_conn.pdbx_role 
covale1  covale both ? A C   4  "O3'" ? ? ? 1_555 A A2M 5  P  ? ? A C   -2 A A2M -1 1_555 ? ? ? ? ? ? ?                    1.598 ? 
? 
covale2  covale one  ? A A2M 5  "O3'" ? ? ? 1_555 A G   6  P  ? ? A A2M -1 A G   1  1_555 ? ? ? ? ? ? ?                    1.616 ? 
? 
covale3  covale both ? B G   7  "O3'" ? ? ? 1_555 B 1DP 8  P  ? ? B G   8  B 1DP 9  1_555 ? ? ? ? ? ? ?                    1.602 ? 
? 
covale4  covale both ? B 1DP 8  "O3'" ? ? ? 1_555 B A   9  P  ? ? B 1DP 9  B A   10 1_555 ? ? ? ? ? ? ?                    1.603 ? 
? 
covale5  covale both ? B G   12 "O3'" ? ? ? 1_555 B S9L 13 P  ? ? B G   13 B S9L 14 1_555 ? ? ? ? ? ? ?                    1.616 ? 
? 
covale6  covale both ? B S9L 13 "O3'" ? ? ? 1_555 B G   14 P  ? ? B S9L 14 B G   15 1_555 ? ? ? ? ? ? ?                    1.611 ? 
? 
hydrog1  hydrog ?    ? A C   2  N3    ? ? ? 1_555 B G   12 N1 ? ? A C   -4 B G   13 1_555 ? ? ? ? ? ? WATSON-CRICK         ?     ? 
? 
hydrog2  hydrog ?    ? A C   2  N4    ? ? ? 1_555 B G   12 O6 ? ? A C   -4 B G   13 1_555 ? ? ? ? ? ? WATSON-CRICK         ?     ? 
? 
hydrog3  hydrog ?    ? A C   2  O2    ? ? ? 1_555 B G   12 N2 ? ? A C   -4 B G   13 1_555 ? ? ? ? ? ? WATSON-CRICK         ?     ? 
? 
hydrog4  hydrog ?    ? A C   3  N3    ? ? ? 1_555 B G   11 N1 ? ? A C   -3 B G   12 1_555 ? ? ? ? ? ? WATSON-CRICK         ?     ? 
? 
hydrog5  hydrog ?    ? A C   3  N4    ? ? ? 1_555 B G   11 O6 ? ? A C   -3 B G   12 1_555 ? ? ? ? ? ? WATSON-CRICK         ?     ? 
? 
hydrog6  hydrog ?    ? A C   3  O2    ? ? ? 1_555 B G   11 N2 ? ? A C   -3 B G   12 1_555 ? ? ? ? ? ? WATSON-CRICK         ?     ? 
? 
hydrog7  hydrog ?    ? A C   4  N3    ? ? ? 1_555 B G   10 N1 ? ? A C   -2 B G   11 1_555 ? ? ? ? ? ? WATSON-CRICK         ?     ? 
? 
hydrog8  hydrog ?    ? A C   4  N4    ? ? ? 1_555 B G   10 O6 ? ? A C   -2 B G   11 1_555 ? ? ? ? ? ? WATSON-CRICK         ?     ? 
? 
hydrog9  hydrog ?    ? A C   4  O2    ? ? ? 1_555 B G   10 N2 ? ? A C   -2 B G   11 1_555 ? ? ? ? ? ? WATSON-CRICK         ?     ? 
? 
hydrog10 hydrog ?    ? A G   6  N1    ? ? ? 1_555 B C   24 N3 ? ? A G   1  B C   25 1_555 ? ? ? ? ? ? WATSON-CRICK         ?     ? 
? 
hydrog11 hydrog ?    ? A G   6  N2    ? ? ? 1_555 B C   24 O2 ? ? A G   1  B C   25 1_555 ? ? ? ? ? ? WATSON-CRICK         ?     ? 
? 
hydrog12 hydrog ?    ? A G   6  O6    ? ? ? 1_555 B C   24 N4 ? ? A G   1  B C   25 1_555 ? ? ? ? ? ? WATSON-CRICK         ?     ? 
? 
hydrog13 hydrog ?    ? A U   7  O4    ? ? ? 1_555 B G   7  N2 ? ? A U   2  B G   8  1_555 ? ? ? ? ? ? 'U-G MISPAIR'        ?     ? 
? 
hydrog14 hydrog ?    ? A C   8  N4    ? ? ? 1_555 B A   6  N1 ? ? A C   3  B A   7  1_555 ? ? ? ? ? ? 'C-A MISPAIR'        ?     ? 
? 
hydrog15 hydrog ?    ? A C   9  N3    ? ? ? 1_555 B G   5  N1 ? ? A C   4  B G   6  1_555 ? ? ? ? ? ? WATSON-CRICK         ?     ? 
? 
hydrog16 hydrog ?    ? A C   9  N4    ? ? ? 1_555 B G   5  O6 ? ? A C   4  B G   6  1_555 ? ? ? ? ? ? WATSON-CRICK         ?     ? 
? 
hydrog17 hydrog ?    ? A C   9  O2    ? ? ? 1_555 B G   5  N2 ? ? A C   4  B G   6  1_555 ? ? ? ? ? ? WATSON-CRICK         ?     ? 
? 
hydrog18 hydrog ?    ? A A   10 N1    ? ? ? 1_555 B U   4  N3 ? ? A A   5  B U   5  1_555 ? ? ? ? ? ? WATSON-CRICK         ?     ? 
? 
hydrog19 hydrog ?    ? A A   10 N6    ? ? ? 1_555 B U   4  O4 ? ? A A   5  B U   5  1_555 ? ? ? ? ? ? WATSON-CRICK         ?     ? 
? 
hydrog20 hydrog ?    ? A C   11 N3    ? ? ? 1_555 B G   3  N1 ? ? A C   6  B G   4  1_555 ? ? ? ? ? ? WATSON-CRICK         ?     ? 
? 
hydrog21 hydrog ?    ? A C   11 N4    ? ? ? 1_555 B G   3  O6 ? ? A C   6  B G   4  1_555 ? ? ? ? ? ? WATSON-CRICK         ?     ? 
? 
hydrog22 hydrog ?    ? A C   11 O2    ? ? ? 1_555 B G   3  N2 ? ? A C   6  B G   4  1_555 ? ? ? ? ? ? WATSON-CRICK         ?     ? 
? 
hydrog23 hydrog ?    ? A C   12 N3    ? ? ? 1_555 B G   2  N1 ? ? A C   7  B G   3  1_555 ? ? ? ? ? ? WATSON-CRICK         ?     ? 
? 
hydrog24 hydrog ?    ? A C   12 N4    ? ? ? 1_555 B G   2  O6 ? ? A C   7  B G   3  1_555 ? ? ? ? ? ? WATSON-CRICK         ?     ? 
? 
hydrog25 hydrog ?    ? A C   12 O2    ? ? ? 1_555 B G   2  N2 ? ? A C   7  B G   3  1_555 ? ? ? ? ? ? WATSON-CRICK         ?     ? 
? 
hydrog26 hydrog ?    ? A G   13 N1    ? ? ? 1_555 B C   1  N3 ? ? A G   8  B C   2  1_555 ? ? ? ? ? ? WATSON-CRICK         ?     ? 
? 
hydrog27 hydrog ?    ? A G   13 N2    ? ? ? 1_555 B C   1  O2 ? ? A G   8  B C   2  1_555 ? ? ? ? ? ? WATSON-CRICK         ?     ? 
? 
hydrog28 hydrog ?    ? A G   13 O6    ? ? ? 1_555 B C   1  N4 ? ? A G   8  B C   2  1_555 ? ? ? ? ? ? WATSON-CRICK         ?     ? 
? 
hydrog29 hydrog ?    ? B G   14 N1    ? ? ? 1_555 C C   19 N3 ? ? B G   15 C C   49 1_555 ? ? ? ? ? ? WATSON-CRICK         ?     ? 
? 
hydrog30 hydrog ?    ? B G   14 N2    ? ? ? 1_555 C C   19 O2 ? ? B G   15 C C   49 1_555 ? ? ? ? ? ? WATSON-CRICK         ?     ? 
? 
hydrog31 hydrog ?    ? B G   14 O6    ? ? ? 1_555 C C   19 N4 ? ? B G   15 C C   49 1_555 ? ? ? ? ? ? WATSON-CRICK         ?     ? 
? 
hydrog32 hydrog ?    ? B G   15 N1    ? ? ? 1_555 C C   18 N3 ? ? B G   16 C C   48 1_555 ? ? ? ? ? ? WATSON-CRICK         ?     ? 
? 
hydrog33 hydrog ?    ? B G   15 N2    ? ? ? 1_555 C C   18 O2 ? ? B G   16 C C   48 1_555 ? ? ? ? ? ? WATSON-CRICK         ?     ? 
? 
hydrog34 hydrog ?    ? B G   15 O6    ? ? ? 1_555 C C   18 N4 ? ? B G   16 C C   48 1_555 ? ? ? ? ? ? WATSON-CRICK         ?     ? 
? 
hydrog35 hydrog ?    ? B C   16 N3    ? ? ? 1_555 C G   17 N1 ? ? B C   17 C G   47 1_555 ? ? ? ? ? ? WATSON-CRICK         ?     ? 
? 
hydrog36 hydrog ?    ? B C   16 N4    ? ? ? 1_555 C G   17 O6 ? ? B C   17 C G   47 1_555 ? ? ? ? ? ? WATSON-CRICK         ?     ? 
? 
hydrog37 hydrog ?    ? B C   16 O2    ? ? ? 1_555 C G   17 N2 ? ? B C   17 C G   47 1_555 ? ? ? ? ? ? WATSON-CRICK         ?     ? 
? 
hydrog38 hydrog ?    ? B A   17 N1    ? ? ? 1_555 C U   16 N3 ? ? B A   18 C U   46 1_555 ? ? ? ? ? ? WATSON-CRICK         ?     ? 
? 
hydrog39 hydrog ?    ? B A   17 N6    ? ? ? 1_555 C U   16 O4 ? ? B A   18 C U   46 1_555 ? ? ? ? ? ? WATSON-CRICK         ?     ? 
? 
hydrog40 hydrog ?    ? B G   18 N1    ? ? ? 1_555 C C   15 N3 ? ? B G   19 C C   45 1_555 ? ? ? ? ? ? WATSON-CRICK         ?     ? 
? 
hydrog41 hydrog ?    ? B G   18 N2    ? ? ? 1_555 C C   15 O2 ? ? B G   19 C C   45 1_555 ? ? ? ? ? ? WATSON-CRICK         ?     ? 
? 
hydrog42 hydrog ?    ? B G   18 O6    ? ? ? 1_555 C C   15 N4 ? ? B G   19 C C   45 1_555 ? ? ? ? ? ? WATSON-CRICK         ?     ? 
? 
hydrog43 hydrog ?    ? B A   19 N1    ? ? ? 1_555 C C   14 N4 ? ? B A   20 C C   44 1_555 ? ? ? ? ? ? 'A-C MISPAIR'        ?     ? 
? 
hydrog44 hydrog ?    ? B G   20 N2    ? ? ? 1_555 C A   13 N7 ? ? B G   21 C A   43 1_555 ? ? ? ? ? ? TYPE_11_PAIR         ?     ? 
? 
hydrog45 hydrog ?    ? B G   20 N3    ? ? ? 1_555 C A   13 N6 ? ? B G   21 C A   43 1_555 ? ? ? ? ? ? TYPE_11_PAIR         ?     ? 
? 
hydrog46 hydrog ?    ? B A   21 N6    ? ? ? 1_555 C U   11 O2 ? ? B A   22 C U   41 1_555 ? ? ? ? ? ? 'REVERSED HOOGSTEEN' ?     ? 
? 
hydrog47 hydrog ?    ? B A   21 N7    ? ? ? 1_555 C U   11 N3 ? ? B A   22 C U   41 1_555 ? ? ? ? ? ? 'REVERSED HOOGSTEEN' ?     ? 
? 
hydrog48 hydrog ?    ? B A   22 N6    ? ? ? 1_555 C A   10 N1 ? ? B A   23 C A   40 1_555 ? ? ? ? ? ? 'A-A MISPAIR'        ?     ? 
? 
hydrog49 hydrog ?    ? B A   23 N6    ? ? ? 1_555 C A   8  N7 ? ? B A   24 C A   38 1_555 ? ? ? ? ? ? 'A-A MISPAIR'        ?     ? 
? 
hydrog50 hydrog ?    ? B A   25 N1    ? ? ? 1_555 C G   6  N1 ? ? B A   26 C G   36 1_555 ? ? ? ? ? ? TYPE_8_PAIR          ?     ? 
? 
hydrog51 hydrog ?    ? B A   25 N6    ? ? ? 1_555 C G   6  O6 ? ? B A   26 C G   36 1_555 ? ? ? ? ? ? TYPE_8_PAIR          ?     ? 
? 
hydrog52 hydrog ?    ? B C   26 N3    ? ? ? 1_555 C G   5  N1 ? ? B C   27 C G   35 1_555 ? ? ? ? ? ? WATSON-CRICK         ?     ? 
? 
hydrog53 hydrog ?    ? B C   26 N4    ? ? ? 1_555 C G   5  O6 ? ? B C   27 C G   35 1_555 ? ? ? ? ? ? WATSON-CRICK         ?     ? 
? 
hydrog54 hydrog ?    ? B C   26 O2    ? ? ? 1_555 C G   5  N2 ? ? B C   27 C G   35 1_555 ? ? ? ? ? ? WATSON-CRICK         ?     ? 
? 
hydrog55 hydrog ?    ? B A   27 N1    ? ? ? 1_555 C U   4  N3 ? ? B A   28 C U   34 1_555 ? ? ? ? ? ? WATSON-CRICK         ?     ? 
? 
hydrog56 hydrog ?    ? B A   27 N6    ? ? ? 1_555 C U   4  O4 ? ? B A   28 C U   34 1_555 ? ? ? ? ? ? WATSON-CRICK         ?     ? 
? 
hydrog57 hydrog ?    ? B C   28 N3    ? ? ? 1_555 C G   3  N1 ? ? B C   29 C G   33 1_555 ? ? ? ? ? ? WATSON-CRICK         ?     ? 
? 
hydrog58 hydrog ?    ? B C   28 N4    ? ? ? 1_555 C G   3  O6 ? ? B C   29 C G   33 1_555 ? ? ? ? ? ? WATSON-CRICK         ?     ? 
? 
hydrog59 hydrog ?    ? B C   28 O2    ? ? ? 1_555 C G   3  N2 ? ? B C   29 C G   33 1_555 ? ? ? ? ? ? WATSON-CRICK         ?     ? 
? 
hydrog60 hydrog ?    ? B G   29 N1    ? ? ? 1_555 C C   2  N3 ? ? B G   30 C C   32 1_555 ? ? ? ? ? ? WATSON-CRICK         ?     ? 
? 
hydrog61 hydrog ?    ? B G   29 N2    ? ? ? 1_555 C C   2  O2 ? ? B G   30 C C   32 1_555 ? ? ? ? ? ? WATSON-CRICK         ?     ? 
? 
hydrog62 hydrog ?    ? B G   29 O6    ? ? ? 1_555 C C   2  N4 ? ? B G   30 C C   32 1_555 ? ? ? ? ? ? WATSON-CRICK         ?     ? 
? 
hydrog63 hydrog ?    ? B A   30 N1    ? ? ? 1_555 C U   1  N3 ? ? B A   31 C U   31 1_555 ? ? ? ? ? ? WATSON-CRICK         ?     ? 
? 
hydrog64 hydrog ?    ? B A   30 N6    ? ? ? 1_555 C U   1  O4 ? ? B A   31 C U   31 1_555 ? ? ? ? ? ? WATSON-CRICK         ?     ? 
? 
# 
loop_
_struct_conn_type.id 
_struct_conn_type.criteria 
_struct_conn_type.reference 
covale ? ? 
hydrog ? ? 
# 
loop_
_struct_site.id 
_struct_site.pdbx_evidence_code 
_struct_site.pdbx_auth_asym_id 
_struct_site.pdbx_auth_comp_id 
_struct_site.pdbx_auth_seq_id 
_struct_site.pdbx_auth_ins_code 
_struct_site.pdbx_num_residues 
_struct_site.details 
AC1 Software B NCO 101 ? 10 'BINDING SITE FOR RESIDUE NCO B 101' 
AC2 Software A SO4 102 ? 3  'BINDING SITE FOR RESIDUE SO4 A 102' 
# 
loop_
_struct_site_gen.id 
_struct_site_gen.site_id 
_struct_site_gen.pdbx_num_res 
_struct_site_gen.label_comp_id 
_struct_site_gen.label_asym_id 
_struct_site_gen.label_seq_id 
_struct_site_gen.pdbx_auth_ins_code 
_struct_site_gen.auth_comp_id 
_struct_site_gen.auth_asym_id 
_struct_site_gen.auth_seq_id 
_struct_site_gen.label_atom_id 
_struct_site_gen.label_alt_id 
_struct_site_gen.symmetry 
_struct_site_gen.details 
1  AC1 10 U   A 1  ? U   A -5  . ? 10_665 ? 
2  AC1 10 C   A 2  ? C   A -4  . ? 1_555  ? 
3  AC1 10 SO4 D .  ? SO4 A 102 . ? 1_555  ? 
4  AC1 10 G   B 10 ? G   B 11  . ? 1_555  ? 
5  AC1 10 G   B 11 ? G   B 12  . ? 1_555  ? 
6  AC1 10 G   B 12 ? G   B 13  . ? 1_555  ? 
7  AC1 10 A   B 19 ? A   B 20  . ? 1_555  ? 
8  AC1 10 G   B 20 ? G   B 21  . ? 1_555  ? 
9  AC1 10 A   C 10 ? A   C 40  . ? 1_555  ? 
10 AC1 10 U   C 11 ? U   C 41  . ? 1_555  ? 
11 AC2 3  U   A 1  ? U   A -5  . ? 1_555  ? 
12 AC2 3  C   A 2  ? C   A -4  . ? 1_555  ? 
13 AC2 3  NCO E .  ? NCO B 101 . ? 1_555  ? 
# 
_atom_sites.entry_id                    3I2Q 
_atom_sites.fract_transf_matrix[1][1]   0.00653740 
_atom_sites.fract_transf_matrix[1][2]   0.00077660 
_atom_sites.fract_transf_matrix[1][3]   0.01047189 
_atom_sites.fract_transf_matrix[2][1]   -0.00497853 
_atom_sites.fract_transf_matrix[2][2]   0.00526919 
_atom_sites.fract_transf_matrix[2][3]   0.01002331 
_atom_sites.fract_transf_matrix[3][1]   -0.00272081 
_atom_sites.fract_transf_matrix[3][2]   -0.00675469 
_atom_sites.fract_transf_matrix[3][3]   0.00219948 
_atom_sites.fract_transf_vector[1]      0.436409 
_atom_sites.fract_transf_vector[2]      0.211269 
_atom_sites.fract_transf_vector[3]      0.385813 
# 
loop_
_atom_type.symbol 
C  
CO 
N  
O  
P  
S  
# 
loop_
_atom_site.group_PDB 
_atom_site.id 
_atom_site.type_symbol 
_atom_site.label_atom_id 
_atom_site.label_alt_id 
_atom_site.label_comp_id 
_atom_site.label_asym_id 
_atom_site.label_entity_id 
_atom_site.label_seq_id 
_atom_site.pdbx_PDB_ins_code 
_atom_site.Cartn_x 
_atom_site.Cartn_y 
_atom_site.Cartn_z 
_atom_site.occupancy 
_atom_site.B_iso_or_equiv 
_atom_site.pdbx_formal_charge 
_atom_site.auth_seq_id 
_atom_site.auth_comp_id 
_atom_site.auth_asym_id 
_atom_site.auth_atom_id 
_atom_site.pdbx_PDB_model_num 
ATOM   1    O  "O5'" A U   A 1 1  ? -1.391  -3.931  18.503  0.50 57.74  ? -5  U   A "O5'" 1 
ATOM   2    O  "O5'" B U   A 1 1  ? -1.277  -5.290  18.311  0.50 68.75  ? -5  U   A "O5'" 1 
ATOM   3    C  "C5'" A U   A 1 1  ? -2.027  -5.008  19.207  0.50 67.03  ? -5  U   A "C5'" 1 
ATOM   4    C  "C5'" B U   A 1 1  ? -2.110  -5.712  19.415  0.50 73.23  ? -5  U   A "C5'" 1 
ATOM   5    C  "C4'" A U   A 1 1  ? -3.531  -4.872  19.250  0.50 70.07  ? -5  U   A "C4'" 1 
ATOM   6    C  "C4'" B U   A 1 1  ? -3.443  -5.017  19.308  0.50 74.32  ? -5  U   A "C4'" 1 
ATOM   7    O  "O4'" A U   A 1 1  ? -3.889  -3.743  20.099  0.50 73.74  ? -5  U   A "O4'" 1 
ATOM   8    O  "O4'" B U   A 1 1  ? -3.389  -3.734  19.998  0.50 76.30  ? -5  U   A "O4'" 1 
ATOM   9    C  "C3'" A U   A 1 1  ? -4.182  -4.588  17.906  0.50 71.86  ? -5  U   A "C3'" 1 
ATOM   10   C  "C3'" B U   A 1 1  ? -3.801  -4.665  17.878  0.50 74.93  ? -5  U   A "C3'" 1 
ATOM   11   O  "O3'" A U   A 1 1  ? -4.433  -5.817  17.217  0.50 75.06  ? -5  U   A "O3'" 1 
ATOM   12   O  "O3'" B U   A 1 1  ? -4.391  -5.765  17.206  0.50 76.46  ? -5  U   A "O3'" 1 
ATOM   13   C  "C2'" A U   A 1 1  ? -5.449  -3.846  18.333  0.50 71.92  ? -5  U   A "C2'" 1 
ATOM   14   C  "C2'" B U   A 1 1  ? -4.705  -3.454  18.061  0.50 75.05  ? -5  U   A "C2'" 1 
ATOM   15   O  "O2'" A U   A 1 1  ? -6.466  -4.702  18.824  0.50 70.14  ? -5  U   A "O2'" 1 
ATOM   16   O  "O2'" B U   A 1 1  ? -6.031  -3.762  18.466  0.50 75.15  ? -5  U   A "O2'" 1 
ATOM   17   C  "C1'" A U   A 1 1  ? -4.914  -2.980  19.481  0.50 70.79  ? -5  U   A "C1'" 1 
ATOM   18   C  "C1'" B U   A 1 1  ? -3.958  -2.723  19.177  0.50 73.58  ? -5  U   A "C1'" 1 
ATOM   19   N  N1    A U   A 1 1  ? -4.297  -1.736  19.002  0.50 69.60  ? -5  U   A N1    1 
ATOM   20   N  N1    B U   A 1 1  ? -2.836  -1.949  18.633  0.50 70.88  ? -5  U   A N1    1 
ATOM   21   C  C2    A U   A 1 1  ? -5.088  -0.611  18.896  0.50 68.31  ? -5  U   A C2    1 
ATOM   22   C  C2    B U   A 1 1  ? -3.083  -0.695  18.092  0.50 69.75  ? -5  U   A C2    1 
ATOM   23   O  O2    A U   A 1 1  ? -6.263  -0.599  19.224  0.50 66.65  ? -5  U   A O2    1 
ATOM   24   O  O2    B U   A 1 1  ? -4.205  -0.187  18.045  0.50 69.06  ? -5  U   A O2    1 
ATOM   25   N  N3    A U   A 1 1  ? -4.447  0.499   18.391  0.50 68.08  ? -5  U   A N3    1 
ATOM   26   N  N3    B U   A 1 1  ? -1.963  -0.057  17.606  0.50 67.38  ? -5  U   A N3    1 
ATOM   27   C  C4    A U   A 1 1  ? -3.115  0.586   17.998  0.50 69.85  ? -5  U   A C4    1 
ATOM   28   C  C4    B U   A 1 1  ? -0.673  -0.543  17.604  0.50 66.25  ? -5  U   A C4    1 
ATOM   29   O  O4    A U   A 1 1  ? -2.685  1.641   17.529  0.50 69.50  ? -5  U   A O4    1 
ATOM   30   O  O4    B U   A 1 1  ? 0.220   0.139   17.125  0.50 64.39  ? -5  U   A O4    1 
ATOM   31   C  C5    A U   A 1 1  ? -2.365  -0.620  18.159  0.50 70.14  ? -5  U   A C5    1 
ATOM   32   C  C5    B U   A 1 1  ? -0.511  -1.838  18.175  0.50 67.81  ? -5  U   A C5    1 
ATOM   33   C  C6    A U   A 1 1  ? -2.964  -1.709  18.646  0.50 70.28  ? -5  U   A C6    1 
ATOM   34   C  C6    B U   A 1 1  ? -1.567  -2.479  18.659  0.50 69.17  ? -5  U   A C6    1 
ATOM   35   P  P     . C   A 1 2  ? -4.167  -5.928  15.626  1.00 75.43  ? -4  C   A P     1 
ATOM   36   O  OP1   . C   A 1 2  ? -4.853  -7.180  15.207  1.00 72.90  ? -4  C   A OP1   1 
ATOM   37   O  OP2   . C   A 1 2  ? -2.710  -5.763  15.364  1.00 74.15  ? -4  C   A OP2   1 
ATOM   38   O  "O5'" . C   A 1 2  ? -4.978  -4.691  15.031  1.00 70.66  ? -4  C   A "O5'" 1 
ATOM   39   C  "C5'" . C   A 1 2  ? -6.342  -4.616  15.342  1.00 59.24  ? -4  C   A "C5'" 1 
ATOM   40   C  "C4'" . C   A 1 2  ? -6.953  -3.277  15.035  1.00 59.92  ? -4  C   A "C4'" 1 
ATOM   41   O  "O4'" . C   A 1 2  ? -6.152  -2.237  15.683  1.00 58.24  ? -4  C   A "O4'" 1 
ATOM   42   C  "C3'" . C   A 1 2  ? -6.924  -2.935  13.550  1.00 57.93  ? -4  C   A "C3'" 1 
ATOM   43   O  "O3'" . C   A 1 2  ? -7.868  -3.434  12.619  1.00 60.71  ? -4  C   A "O3'" 1 
ATOM   44   C  "C2'" . C   A 1 2  ? -6.334  -1.551  13.378  1.00 57.69  ? -4  C   A "C2'" 1 
ATOM   45   O  "O2'" . C   A 1 2  ? -7.368  -0.625  13.127  1.00 53.93  ? -4  C   A "O2'" 1 
ATOM   46   C  "C1'" . C   A 1 2  ? -5.836  -1.201  14.764  1.00 55.27  ? -4  C   A "C1'" 1 
ATOM   47   N  N1    . C   A 1 2  ? -4.393  -0.946  14.656  1.00 52.57  ? -4  C   A N1    1 
ATOM   48   C  C2    . C   A 1 2  ? -3.993  0.297   14.122  1.00 50.80  ? -4  C   A C2    1 
ATOM   49   O  O2    . C   A 1 2  ? -4.850  1.149   13.874  1.00 54.33  ? -4  C   A O2    1 
ATOM   50   N  N3    . C   A 1 2  ? -2.699  0.536   13.889  1.00 46.93  ? -4  C   A N3    1 
ATOM   51   C  C4    . C   A 1 2  ? -1.800  -0.391  14.175  1.00 48.39  ? -4  C   A C4    1 
ATOM   52   N  N4    . C   A 1 2  ? -0.536  -0.114  13.891  1.00 50.69  ? -4  C   A N4    1 
ATOM   53   C  C5    . C   A 1 2  ? -2.158  -1.646  14.761  1.00 50.71  ? -4  C   A C5    1 
ATOM   54   C  C6    . C   A 1 2  ? -3.460  -1.877  14.991  1.00 51.09  ? -4  C   A C6    1 
ATOM   55   P  P     . C   A 1 3  ? -7.334  -4.030  11.218  1.00 52.88  ? -3  C   A P     1 
ATOM   56   O  OP1   . C   A 1 3  ? -8.110  -5.230  10.834  1.00 58.00  ? -3  C   A OP1   1 
ATOM   57   O  OP2   . C   A 1 3  ? -5.862  -4.122  11.338  1.00 50.45  ? -3  C   A OP2   1 
ATOM   58   O  "O5'" . C   A 1 3  ? -7.663  -2.865  10.196  1.00 47.36  ? -3  C   A "O5'" 1 
ATOM   59   C  "C5'" . C   A 1 3  ? -7.375  -1.546  10.567  1.00 42.06  ? -3  C   A "C5'" 1 
ATOM   60   C  "C4'" . C   A 1 3  ? -7.593  -0.613  9.433   1.00 43.83  ? -3  C   A "C4'" 1 
ATOM   61   O  "O4'" . C   A 1 3  ? -6.903  0.591   9.803   1.00 50.26  ? -3  C   A "O4'" 1 
ATOM   62   C  "C3'" . C   A 1 3  ? -7.094  -1.028  8.068   1.00 47.37  ? -3  C   A "C3'" 1 
ATOM   63   O  "O3'" . C   A 1 3  ? -8.052  -1.538  7.161   1.00 54.43  ? -3  C   A "O3'" 1 
ATOM   64   C  "C2'" . C   A 1 3  ? -6.167  0.077   7.587   1.00 49.61  ? -3  C   A "C2'" 1 
ATOM   65   O  "O2'" . C   A 1 3  ? -6.857  0.897   6.677   1.00 46.06  ? -3  C   A "O2'" 1 
ATOM   66   C  "C1'" . C   A 1 3  ? -5.954  0.931   8.831   1.00 49.28  ? -3  C   A "C1'" 1 
ATOM   67   N  N1    . C   A 1 3  ? -4.634  0.552   9.381   1.00 52.63  ? -3  C   A N1    1 
ATOM   68   C  C2    . C   A 1 3  ? -3.499  1.258   8.982   1.00 51.98  ? -3  C   A C2    1 
ATOM   69   O  O2    . C   A 1 3  ? -3.635  2.221   8.224   1.00 56.56  ? -3  C   A O2    1 
ATOM   70   N  N3    . C   A 1 3  ? -2.285  0.871   9.432   1.00 48.93  ? -3  C   A N3    1 
ATOM   71   C  C4    . C   A 1 3  ? -2.183  -0.168  10.259  1.00 47.87  ? -3  C   A C4    1 
ATOM   72   N  N4    . C   A 1 3  ? -0.965  -0.522  10.668  1.00 45.68  ? -3  C   A N4    1 
ATOM   73   C  C5    . C   A 1 3  ? -3.325  -0.892  10.703  1.00 48.03  ? -3  C   A C5    1 
ATOM   74   C  C6    . C   A 1 3  ? -4.517  -0.501  10.248  1.00 48.97  ? -3  C   A C6    1 
ATOM   75   P  P     . C   A 1 4  ? -7.555  -2.379  5.887   1.00 57.04  ? -2  C   A P     1 
ATOM   76   O  OP1   . C   A 1 4  ? -8.709  -2.687  5.007   1.00 61.34  ? -2  C   A OP1   1 
ATOM   77   O  OP2   . C   A 1 4  ? -6.654  -3.478  6.324   1.00 50.07  ? -2  C   A OP2   1 
ATOM   78   O  "O5'" . C   A 1 4  ? -6.662  -1.321  5.121   1.00 57.23  ? -2  C   A "O5'" 1 
ATOM   79   C  "C5'" . C   A 1 4  ? -5.574  -1.747  4.356   1.00 56.65  ? -2  C   A "C5'" 1 
ATOM   80   C  "C4'" . C   A 1 4  ? -4.893  -0.568  3.758   1.00 57.08  ? -2  C   A "C4'" 1 
ATOM   81   O  "O4'" . C   A 1 4  ? -4.243  0.154   4.828   1.00 57.53  ? -2  C   A "O4'" 1 
ATOM   82   C  "C3'" . C   A 1 4  ? -3.825  -0.979  2.779   1.00 58.02  ? -2  C   A "C3'" 1 
ATOM   83   O  "O3'" . C   A 1 4  ? -4.244  -1.039  1.440   1.00 59.64  ? -2  C   A "O3'" 1 
ATOM   84   C  "C2'" . C   A 1 4  ? -2.527  -0.303  3.198   1.00 57.88  ? -2  C   A "C2'" 1 
ATOM   85   O  "O2'" . C   A 1 4  ? -2.207  0.752   2.314   1.00 58.70  ? -2  C   A "O2'" 1 
ATOM   86   C  "C1'" . C   A 1 4  ? -2.866  0.311   4.556   1.00 57.01  ? -2  C   A "C1'" 1 
ATOM   87   N  N1    . C   A 1 4  ? -2.108  -0.390  5.612   1.00 57.23  ? -2  C   A N1    1 
ATOM   88   C  C2    . C   A 1 4  ? -0.752  -0.082  5.788   1.00 57.10  ? -2  C   A C2    1 
ATOM   89   O  O2    . C   A 1 4  ? -0.242  0.802   5.088   1.00 57.58  ? -2  C   A O2    1 
ATOM   90   N  N3    . C   A 1 4  ? -0.032  -0.754  6.717   1.00 54.36  ? -2  C   A N3    1 
ATOM   91   C  C4    . C   A 1 4  ? -0.614  -1.699  7.452   1.00 52.43  ? -2  C   A C4    1 
ATOM   92   N  N4    . C   A 1 4  ? 0.144   -2.356  8.325   1.00 50.30  ? -2  C   A N4    1 
ATOM   93   C  C5    . C   A 1 4  ? -1.996  -2.015  7.317   1.00 53.77  ? -2  C   A C5    1 
ATOM   94   C  C6    . C   A 1 4  ? -2.701  -1.341  6.394   1.00 56.02  ? -2  C   A C6    1 
HETATM 95   P  P     . A2M A 1 5  ? -4.486  -2.474  0.778   1.00 62.94  ? -1  A2M A P     1 
HETATM 96   O  OP1   . A2M A 1 5  ? -5.050  -2.236  -0.579  1.00 61.07  ? -1  A2M A OP1   1 
HETATM 97   O  "O5'" . A2M A 1 5  ? -3.024  -3.105  0.690   1.00 58.22  ? -1  A2M A "O5'" 1 
HETATM 98   C  "C5'" . A2M A 1 5  ? -1.918  -2.338  0.227   1.00 61.40  ? -1  A2M A "C5'" 1 
HETATM 99   C  "C4'" . A2M A 1 5  ? -0.634  -3.118  0.390   1.00 65.82  ? -1  A2M A "C4'" 1 
HETATM 100  O  "O4'" . A2M A 1 5  ? -0.363  -3.308  1.803   1.00 65.78  ? -1  A2M A "O4'" 1 
HETATM 101  C  "C3'" . A2M A 1 5  ? -0.755  -4.510  -0.208  1.00 68.57  ? -1  A2M A "C3'" 1 
HETATM 102  O  "O3'" . A2M A 1 5  ? 0.229   -4.827  -1.220  1.00 73.18  ? -1  A2M A "O3'" 1 
HETATM 103  C  "C2'" . A2M A 1 5  ? -1.104  -5.429  0.963   1.00 66.95  ? -1  A2M A "C2'" 1 
HETATM 104  O  "O2'" . A2M A 1 5  ? -0.571  -6.727  0.947   1.00 71.00  ? -1  A2M A "O2'" 1 
HETATM 105  C  "C1'" . A2M A 1 5  ? -0.513  -4.666  2.148   1.00 67.18  ? -1  A2M A "C1'" 1 
HETATM 106  C  "CM'" . A2M A 1 5  ? -1.620  -7.755  0.841   1.00 64.31  ? -1  A2M A "CM'" 1 
HETATM 107  N  N9    . A2M A 1 5  ? -1.215  -4.773  3.424   1.00 68.93  ? -1  A2M A N9    1 
HETATM 108  C  C8    . A2M A 1 5  ? -2.555  -4.648  3.687   1.00 70.84  ? -1  A2M A C8    1 
HETATM 109  N  N7    . A2M A 1 5  ? -2.863  -4.833  4.950   1.00 69.49  ? -1  A2M A N7    1 
HETATM 110  C  C5    . A2M A 1 5  ? -1.642  -5.091  5.558   1.00 68.59  ? -1  A2M A C5    1 
HETATM 111  C  C6    . A2M A 1 5  ? -1.287  -5.371  6.887   1.00 68.04  ? -1  A2M A C6    1 
HETATM 112  N  N6    . A2M A 1 5  ? -2.167  -5.434  7.882   1.00 67.47  ? -1  A2M A N6    1 
HETATM 113  N  N1    . A2M A 1 5  ? 0.019   -5.584  7.163   1.00 68.00  ? -1  A2M A N1    1 
HETATM 114  C  C2    . A2M A 1 5  ? 0.901   -5.509  6.164   1.00 66.93  ? -1  A2M A C2    1 
HETATM 115  N  N3    . A2M A 1 5  ? 0.691   -5.249  4.874   1.00 68.65  ? -1  A2M A N3    1 
HETATM 116  C  C4    . A2M A 1 5  ? -0.618  -5.050  4.632   1.00 68.69  ? -1  A2M A C4    1 
HETATM 117  O  OP2   . A2M A 1 5  ? -5.238  -3.299  1.751   1.00 55.38  ? -1  A2M A OP2   1 
ATOM   118  P  P     . G   A 1 6  ? 1.037   -6.225  -1.169  1.00 76.34  ? 1   G   A P     1 
ATOM   119  O  OP1   . G   A 1 6  ? 0.160   -7.269  -1.757  1.00 76.61  ? 1   G   A OP1   1 
ATOM   120  O  OP2   . G   A 1 6  ? 1.603   -6.410  0.189   1.00 75.38  ? 1   G   A OP2   1 
ATOM   121  O  "O5'" . G   A 1 6  ? 2.294   -6.044  -2.128  1.00 72.15  ? 1   G   A "O5'" 1 
ATOM   122  C  "C5'" . G   A 1 6  ? 2.441   -4.888  -2.922  1.00 69.73  ? 1   G   A "C5'" 1 
ATOM   123  C  "C4'" . G   A 1 6  ? 2.980   -5.249  -4.281  1.00 65.67  ? 1   G   A "C4'" 1 
ATOM   124  O  "O4'" . G   A 1 6  ? 3.039   -4.037  -5.065  1.00 66.94  ? 1   G   A "O4'" 1 
ATOM   125  C  "C3'" . G   A 1 6  ? 4.401   -5.797  -4.212  1.00 63.68  ? 1   G   A "C3'" 1 
ATOM   126  O  "O3'" . G   A 1 6  ? 4.593   -6.887  -5.119  1.00 66.21  ? 1   G   A "O3'" 1 
ATOM   127  C  "C2'" . G   A 1 6  ? 5.306   -4.596  -4.485  1.00 63.09  ? 1   G   A "C2'" 1 
ATOM   128  O  "O2'" . G   A 1 6  ? 6.390   -4.912  -5.328  1.00 66.51  ? 1   G   A "O2'" 1 
ATOM   129  C  "C1'" . G   A 1 6  ? 4.378   -3.681  -5.286  1.00 63.84  ? 1   G   A "C1'" 1 
ATOM   130  N  N9    . G   A 1 6  ? 4.524   -2.239  -5.161  1.00 59.11  ? 1   G   A N9    1 
ATOM   131  C  C8    . G   A 1 6  ? 4.269   -1.303  -6.135  1.00 58.59  ? 1   G   A C8    1 
ATOM   132  N  N7    . G   A 1 6  ? 4.583   -0.092  -5.775  1.00 56.16  ? 1   G   A N7    1 
ATOM   133  C  C5    . G   A 1 6  ? 5.058   -0.239  -4.480  1.00 54.72  ? 1   G   A C5    1 
ATOM   134  C  C6    . G   A 1 6  ? 5.574   0.716   -3.588  1.00 53.57  ? 1   G   A C6    1 
ATOM   135  O  O6    . G   A 1 6  ? 5.754   1.922   -3.778  1.00 53.24  ? 1   G   A O6    1 
ATOM   136  N  N1    . G   A 1 6  ? 5.918   0.145   -2.369  1.00 53.33  ? 1   G   A N1    1 
ATOM   137  C  C2    . G   A 1 6  ? 5.796   -1.186  -2.060  1.00 54.44  ? 1   G   A C2    1 
ATOM   138  N  N2    . G   A 1 6  ? 6.181   -1.549  -0.829  1.00 52.98  ? 1   G   A N2    1 
ATOM   139  N  N3    . G   A 1 6  ? 5.333   -2.095  -2.896  1.00 54.40  ? 1   G   A N3    1 
ATOM   140  C  C4    . G   A 1 6  ? 4.990   -1.555  -4.079  1.00 56.35  ? 1   G   A C4    1 
ATOM   141  P  P     . U   A 1 7  ? 4.740   -8.400  -4.588  1.00 68.78  ? 2   U   A P     1 
ATOM   142  O  OP1   . U   A 1 7  ? 4.906   -9.252  -5.785  1.00 65.25  ? 2   U   A OP1   1 
ATOM   143  O  OP2   . U   A 1 7  ? 3.640   -8.684  -3.640  1.00 72.46  ? 2   U   A OP2   1 
ATOM   144  O  "O5'" . U   A 1 7  ? 6.125   -8.425  -3.809  1.00 66.09  ? 2   U   A "O5'" 1 
ATOM   145  C  "C5'" . U   A 1 7  ? 7.332   -8.208  -4.511  1.00 66.89  ? 2   U   A "C5'" 1 
ATOM   146  C  "C4'" . U   A 1 7  ? 8.510   -8.513  -3.630  1.00 70.18  ? 2   U   A "C4'" 1 
ATOM   147  O  "O4'" . U   A 1 7  ? 8.514   -7.596  -2.505  1.00 73.04  ? 2   U   A "O4'" 1 
ATOM   148  C  "C3'" . U   A 1 7  ? 8.489   -9.883  -2.985  1.00 71.62  ? 2   U   A "C3'" 1 
ATOM   149  O  "O3'" . U   A 1 7  ? 9.020   -10.865 -3.856  1.00 74.29  ? 2   U   A "O3'" 1 
ATOM   150  C  "C2'" . U   A 1 7  ? 9.391   -9.675  -1.780  1.00 73.63  ? 2   U   A "C2'" 1 
ATOM   151  O  "O2'" . U   A 1 7  ? 10.760  -9.710  -2.134  1.00 74.20  ? 2   U   A "O2'" 1 
ATOM   152  C  "C1'" . U   A 1 7  ? 9.005   -8.259  -1.356  1.00 72.74  ? 2   U   A "C1'" 1 
ATOM   153  N  N1    . U   A 1 7  ? 7.953   -8.264  -0.335  1.00 74.71  ? 2   U   A N1    1 
ATOM   154  C  C2    . U   A 1 7  ? 8.323   -8.596  0.951   1.00 75.68  ? 2   U   A C2    1 
ATOM   155  O  O2    . U   A 1 7  ? 9.475   -8.858  1.256   1.00 76.13  ? 2   U   A O2    1 
ATOM   156  N  N3    . U   A 1 7  ? 7.298   -8.610  1.866   1.00 76.16  ? 2   U   A N3    1 
ATOM   157  C  C4    . U   A 1 7  ? 5.971   -8.326  1.626   1.00 75.29  ? 2   U   A C4    1 
ATOM   158  O  O4    . U   A 1 7  ? 5.165   -8.383  2.553   1.00 77.16  ? 2   U   A O4    1 
ATOM   159  C  C5    . U   A 1 7  ? 5.669   -7.982  0.271   1.00 74.46  ? 2   U   A C5    1 
ATOM   160  C  C6    . U   A 1 7  ? 6.648   -7.962  -0.641  1.00 75.14  ? 2   U   A C6    1 
ATOM   161  P  P     . C   A 1 8  ? 8.530   -12.384 -3.725  1.00 75.73  ? 3   C   A P     1 
ATOM   162  O  OP1   . C   A 1 8  ? 9.426   -13.221 -4.555  1.00 79.09  ? 3   C   A OP1   1 
ATOM   163  O  OP2   . C   A 1 8  ? 7.069   -12.396 -3.975  1.00 75.73  ? 3   C   A OP2   1 
ATOM   164  O  "O5'" . C   A 1 8  ? 8.788   -12.744 -2.196  1.00 75.00  ? 3   C   A "O5'" 1 
ATOM   165  C  "C5'" . C   A 1 8  ? 10.108  -12.819 -1.678  1.00 76.99  ? 3   C   A "C5'" 1 
ATOM   166  C  "C4'" . C   A 1 8  ? 10.075  -13.220 -0.225  1.00 81.70  ? 3   C   A "C4'" 1 
ATOM   167  O  "O4'" . C   A 1 8  ? 9.515   -12.143 0.573   1.00 84.38  ? 3   C   A "O4'" 1 
ATOM   168  C  "C3'" . C   A 1 8  ? 9.176   -14.401 0.081   1.00 83.12  ? 3   C   A "C3'" 1 
ATOM   169  O  "O3'" . C   A 1 8  ? 9.838   -15.621 -0.167  1.00 85.05  ? 3   C   A "O3'" 1 
ATOM   170  C  "C2'" . C   A 1 8  ? 8.870   -14.204 1.556   1.00 82.97  ? 3   C   A "C2'" 1 
ATOM   171  O  "O2'" . C   A 1 8  ? 9.924   -14.638 2.382   1.00 85.23  ? 3   C   A "O2'" 1 
ATOM   172  C  "C1'" . C   A 1 8  ? 8.742   -12.683 1.636   1.00 82.59  ? 3   C   A "C1'" 1 
ATOM   173  N  N1    . C   A 1 8  ? 7.345   -12.262 1.456   1.00 81.79  ? 3   C   A N1    1 
ATOM   174  C  C2    . C   A 1 8  ? 6.524   -12.145 2.584   1.00 80.87  ? 3   C   A C2    1 
ATOM   175  O  O2    . C   A 1 8  ? 7.009   -12.349 3.703   1.00 80.50  ? 3   C   A O2    1 
ATOM   176  N  N3    . C   A 1 8  ? 5.225   -11.808 2.424   1.00 80.63  ? 3   C   A N3    1 
ATOM   177  C  C4    . C   A 1 8  ? 4.742   -11.576 1.203   1.00 81.46  ? 3   C   A C4    1 
ATOM   178  N  N4    . C   A 1 8  ? 3.449   -11.258 1.092   1.00 80.60  ? 3   C   A N4    1 
ATOM   179  C  C5    . C   A 1 8  ? 5.563   -11.664 0.038   1.00 81.44  ? 3   C   A C5    1 
ATOM   180  C  C6    . C   A 1 8  ? 6.845   -12.007 0.210   1.00 80.88  ? 3   C   A C6    1 
ATOM   181  P  P     . C   A 1 9  ? 8.983   -16.901 -0.598  1.00 90.11  ? 4   C   A P     1 
ATOM   182  O  OP1   . C   A 1 9  ? 9.950   -17.994 -0.840  1.00 92.30  ? 4   C   A OP1   1 
ATOM   183  O  OP2   . C   A 1 9  ? 8.052   -16.495 -1.685  1.00 87.24  ? 4   C   A OP2   1 
ATOM   184  O  "O5'" . C   A 1 9  ? 8.152   -17.245 0.719   1.00 90.38  ? 4   C   A "O5'" 1 
ATOM   185  C  "C5'" . C   A 1 9  ? 8.815   -17.705 1.891   1.00 90.73  ? 4   C   A "C5'" 1 
ATOM   186  C  "C4'" . C   A 1 9  ? 7.814   -18.050 2.966   1.00 94.70  ? 4   C   A "C4'" 1 
ATOM   187  O  "O4'" . C   A 1 9  ? 7.127   -16.838 3.374   1.00 94.60  ? 4   C   A "O4'" 1 
ATOM   188  C  "C3'" . C   A 1 9  ? 6.687   -18.984 2.542   1.00 98.57  ? 4   C   A "C3'" 1 
ATOM   189  O  "O3'" . C   A 1 9  ? 7.056   -20.358 2.614   1.00 101.73 ? 4   C   A "O3'" 1 
ATOM   190  C  "C2'" . C   A 1 9  ? 5.596   -18.651 3.550   1.00 98.31  ? 4   C   A "C2'" 1 
ATOM   191  O  "O2'" . C   A 1 9  ? 5.783   -19.295 4.795   1.00 99.73  ? 4   C   A "O2'" 1 
ATOM   192  C  "C1'" . C   A 1 9  ? 5.779   -17.141 3.705   1.00 96.29  ? 4   C   A "C1'" 1 
ATOM   193  N  N1    . C   A 1 9  ? 4.884   -16.381 2.818   1.00 95.61  ? 4   C   A N1    1 
ATOM   194  C  C2    . C   A 1 9  ? 3.564   -16.159 3.229   1.00 95.62  ? 4   C   A C2    1 
ATOM   195  O  O2    . C   A 1 9  ? 3.204   -16.582 4.340   1.00 96.65  ? 4   C   A O2    1 
ATOM   196  N  N3    . C   A 1 9  ? 2.718   -15.492 2.410   1.00 94.15  ? 4   C   A N3    1 
ATOM   197  C  C4    . C   A 1 9  ? 3.146   -15.048 1.227   1.00 92.41  ? 4   C   A C4    1 
ATOM   198  N  N4    . C   A 1 9  ? 2.275   -14.413 0.448   1.00 90.32  ? 4   C   A N4    1 
ATOM   199  C  C5    . C   A 1 9  ? 4.489   -15.244 0.791   1.00 93.39  ? 4   C   A C5    1 
ATOM   200  C  C6    . C   A 1 9  ? 5.317   -15.908 1.611   1.00 94.97  ? 4   C   A C6    1 
ATOM   201  P  P     . A   A 1 10 ? 6.201   -21.456 1.804   1.00 104.03 ? 5   A   A P     1 
ATOM   202  O  OP1   . A   A 1 10 ? 6.821   -22.779 2.040   1.00 104.42 ? 5   A   A OP1   1 
ATOM   203  O  OP2   . A   A 1 10 ? 6.012   -20.975 0.412   1.00 100.83 ? 5   A   A OP2   1 
ATOM   204  O  "O5'" . A   A 1 10 ? 4.784   -21.453 2.528   1.00 106.08 ? 5   A   A "O5'" 1 
ATOM   205  C  "C5'" . A   A 1 10 ? 4.619   -22.075 3.796   1.00 109.21 ? 5   A   A "C5'" 1 
ATOM   206  C  "C4'" . A   A 1 10 ? 3.156   -22.154 4.150   1.00 112.39 ? 5   A   A "C4'" 1 
ATOM   207  O  "O4'" . A   A 1 10 ? 2.635   -20.810 4.333   1.00 111.07 ? 5   A   A "O4'" 1 
ATOM   208  C  "C3'" . A   A 1 10 ? 2.269   -22.748 3.067   1.00 115.62 ? 5   A   A "C3'" 1 
ATOM   209  O  "O3'" . A   A 1 10 ? 2.254   -24.170 3.107   1.00 118.85 ? 5   A   A "O3'" 1 
ATOM   210  C  "C2'" . A   A 1 10 ? 0.907   -22.156 3.399   1.00 114.96 ? 5   A   A "C2'" 1 
ATOM   211  O  "O2'" . A   A 1 10 ? 0.227   -22.858 4.423   1.00 114.30 ? 5   A   A "O2'" 1 
ATOM   212  C  "C1'" . A   A 1 10 ? 1.294   -20.750 3.867   1.00 112.94 ? 5   A   A "C1'" 1 
ATOM   213  N  N9    . A   A 1 10 ? 1.220   -19.756 2.798   1.00 111.92 ? 5   A   A N9    1 
ATOM   214  C  C8    . A   A 1 10 ? 2.242   -19.271 2.023   1.00 111.96 ? 5   A   A C8    1 
ATOM   215  N  N7    . A   A 1 10 ? 1.858   -18.390 1.130   1.00 112.09 ? 5   A   A N7    1 
ATOM   216  C  C5    . A   A 1 10 ? 0.488   -18.285 1.334   1.00 111.28 ? 5   A   A C5    1 
ATOM   217  C  C6    . A   A 1 10 ? -0.506  -17.515 0.706   1.00 110.95 ? 5   A   A C6    1 
ATOM   218  N  N6    . A   A 1 10 ? -0.267  -16.672 -0.301  1.00 110.32 ? 5   A   A N6    1 
ATOM   219  N  N1    . A   A 1 10 ? -1.774  -17.643 1.151   1.00 111.08 ? 5   A   A N1    1 
ATOM   220  C  C2    . A   A 1 10 ? -2.015  -18.492 2.159   1.00 111.58 ? 5   A   A C2    1 
ATOM   221  N  N3    . A   A 1 10 ? -1.168  -19.271 2.828   1.00 111.32 ? 5   A   A N3    1 
ATOM   222  C  C4    . A   A 1 10 ? 0.084   -19.118 2.361   1.00 111.54 ? 5   A   A C4    1 
ATOM   223  P  P     . C   A 1 11 ? 1.805   -24.991 1.800   1.00 122.48 ? 6   C   A P     1 
ATOM   224  O  OP1   . C   A 1 11 ? 2.047   -26.432 2.053   1.00 121.96 ? 6   C   A OP1   1 
ATOM   225  O  OP2   . C   A 1 11 ? 2.446   -24.337 0.632   1.00 121.78 ? 6   C   A OP2   1 
ATOM   226  O  "O5'" . C   A 1 11 ? 0.232   -24.743 1.704   1.00 119.91 ? 6   C   A "O5'" 1 
ATOM   227  C  "C5'" . C   A 1 11 ? -0.658  -25.366 2.623   1.00 118.64 ? 6   C   A "C5'" 1 
ATOM   228  C  "C4'" . C   A 1 11 ? -2.073  -24.894 2.390   1.00 119.31 ? 6   C   A "C4'" 1 
ATOM   229  O  "O4'" . C   A 1 11 ? -2.134  -23.460 2.608   1.00 118.90 ? 6   C   A "O4'" 1 
ATOM   230  C  "C3'" . C   A 1 11 ? -2.607  -25.067 0.977   1.00 121.42 ? 6   C   A "C3'" 1 
ATOM   231  O  "O3'" . C   A 1 11 ? -3.111  -26.370 0.726   1.00 124.48 ? 6   C   A "O3'" 1 
ATOM   232  C  "C2'" . C   A 1 11 ? -3.704  -24.014 0.918   1.00 120.04 ? 6   C   A "C2'" 1 
ATOM   233  O  "O2'" . C   A 1 11 ? -4.901  -24.420 1.548   1.00 119.65 ? 6   C   A "O2'" 1 
ATOM   234  C  "C1'" . C   A 1 11 ? -3.061  -22.876 1.705   1.00 117.84 ? 6   C   A "C1'" 1 
ATOM   235  N  N1    . C   A 1 11 ? -2.333  -21.985 0.796   1.00 116.57 ? 6   C   A N1    1 
ATOM   236  C  C2    . C   A 1 11 ? -3.064  -21.063 0.044   1.00 116.36 ? 6   C   A C2    1 
ATOM   237  O  O2    . C   A 1 11 ? -4.295  -21.008 0.200   1.00 115.34 ? 6   C   A O2    1 
ATOM   238  N  N3    . C   A 1 11 ? -2.416  -20.260 -0.830  1.00 115.80 ? 6   C   A N3    1 
ATOM   239  C  C4    . C   A 1 11 ? -1.092  -20.353 -0.963  1.00 115.36 ? 6   C   A C4    1 
ATOM   240  N  N4    . C   A 1 11 ? -0.499  -19.554 -1.848  1.00 115.11 ? 6   C   A N4    1 
ATOM   241  C  C5    . C   A 1 11 ? -0.319  -21.274 -0.196  1.00 115.04 ? 6   C   A C5    1 
ATOM   242  C  C6    . C   A 1 11 ? -0.975  -22.061 0.665   1.00 115.37 ? 6   C   A C6    1 
ATOM   243  P  P     . C   A 1 12 ? -3.199  -26.902 -0.789  1.00 127.11 ? 7   C   A P     1 
ATOM   244  O  OP1   . C   A 1 12 ? -3.696  -28.299 -0.758  1.00 128.55 ? 7   C   A OP1   1 
ATOM   245  O  OP2   . C   A 1 12 ? -1.898  -26.599 -1.436  1.00 126.26 ? 7   C   A OP2   1 
ATOM   246  O  "O5'" . C   A 1 12 ? -4.324  -25.993 -1.461  1.00 124.08 ? 7   C   A "O5'" 1 
ATOM   247  C  "C5'" . C   A 1 12 ? -5.674  -26.088 -1.031  1.00 123.02 ? 7   C   A "C5'" 1 
ATOM   248  C  "C4'" . C   A 1 12 ? -6.550  -25.146 -1.814  1.00 124.63 ? 7   C   A "C4'" 1 
ATOM   249  O  "O4'" . C   A 1 12 ? -6.112  -23.779 -1.580  1.00 125.22 ? 7   C   A "O4'" 1 
ATOM   250  C  "C3'" . C   A 1 12 ? -6.470  -25.292 -3.324  1.00 126.36 ? 7   C   A "C3'" 1 
ATOM   251  O  "O3'" . C   A 1 12 ? -7.293  -26.341 -3.810  1.00 128.58 ? 7   C   A "O3'" 1 
ATOM   252  C  "C2'" . C   A 1 12 ? -6.938  -23.923 -3.804  1.00 126.51 ? 7   C   A "C2'" 1 
ATOM   253  O  "O2'" . C   A 1 12 ? -8.346  -23.775 -3.778  1.00 125.60 ? 7   C   A "O2'" 1 
ATOM   254  C  "C1'" . C   A 1 12 ? -6.304  -23.007 -2.757  1.00 125.14 ? 7   C   A "C1'" 1 
ATOM   255  N  N1    . C   A 1 12 ? -5.007  -22.467 -3.204  1.00 124.08 ? 7   C   A N1    1 
ATOM   256  C  C2    . C   A 1 12 ? -5.008  -21.361 -4.070  1.00 123.62 ? 7   C   A C2    1 
ATOM   257  O  O2    . C   A 1 12 ? -6.095  -20.864 -4.407  1.00 123.00 ? 7   C   A O2    1 
ATOM   258  N  N3    . C   A 1 12 ? -3.829  -20.864 -4.513  1.00 122.24 ? 7   C   A N3    1 
ATOM   259  C  C4    . C   A 1 12 ? -2.681  -21.422 -4.120  1.00 121.57 ? 7   C   A C4    1 
ATOM   260  N  N4    . C   A 1 12 ? -1.547  -20.898 -4.580  1.00 120.77 ? 7   C   A N4    1 
ATOM   261  C  C5    . C   A 1 12 ? -2.650  -22.542 -3.235  1.00 121.68 ? 7   C   A C5    1 
ATOM   262  C  C6    . C   A 1 12 ? -3.826  -23.027 -2.804  1.00 122.96 ? 7   C   A C6    1 
ATOM   263  P  P     . G   A 1 13 ? -6.931  -27.053 -5.207  1.00 128.93 ? 8   G   A P     1 
ATOM   264  O  OP1   . G   A 1 13 ? -7.776  -28.268 -5.321  1.00 129.00 ? 8   G   A OP1   1 
ATOM   265  O  OP2   . G   A 1 13 ? -5.449  -27.177 -5.277  1.00 126.49 ? 8   G   A OP2   1 
ATOM   266  O  "O5'" . G   A 1 13 ? -7.397  -26.008 -6.319  1.00 126.52 ? 8   G   A "O5'" 1 
ATOM   267  C  "C5'" . G   A 1 13 ? -8.779  -25.707 -6.516  1.00 123.07 ? 8   G   A "C5'" 1 
ATOM   268  C  "C4'" . G   A 1 13 ? -8.933  -24.610 -7.545  1.00 122.17 ? 8   G   A "C4'" 1 
ATOM   269  O  "O4'" . G   A 1 13 ? -8.250  -23.419 -7.070  1.00 121.12 ? 8   G   A "O4'" 1 
ATOM   270  C  "C3'" . G   A 1 13 ? -8.295  -24.883 -8.899  1.00 122.11 ? 8   G   A "C3'" 1 
ATOM   271  O  "O3'" . G   A 1 13 ? -9.047  -25.762 -9.739  1.00 121.88 ? 8   G   A "O3'" 1 
ATOM   272  C  "C2'" . G   A 1 13 ? -8.064  -23.477 -9.440  1.00 121.60 ? 8   G   A "C2'" 1 
ATOM   273  O  "O2'" . G   A 1 13 ? -9.222  -22.873 -9.987  1.00 121.72 ? 8   G   A "O2'" 1 
ATOM   274  C  "C1'" . G   A 1 13 ? -7.661  -22.735 -8.165  1.00 119.10 ? 8   G   A "C1'" 1 
ATOM   275  N  N9    . G   A 1 13 ? -6.214  -22.689 -7.956  1.00 116.19 ? 8   G   A N9    1 
ATOM   276  C  C8    . G   A 1 13 ? -5.454  -23.508 -7.154  1.00 114.41 ? 8   G   A C8    1 
ATOM   277  N  N7    . G   A 1 13 ? -4.184  -23.203 -7.166  1.00 112.86 ? 8   G   A N7    1 
ATOM   278  C  C5    . G   A 1 13 ? -4.101  -22.120 -8.032  1.00 113.54 ? 8   G   A C5    1 
ATOM   279  C  C6    . G   A 1 13 ? -2.977  -21.351 -8.445  1.00 112.94 ? 8   G   A C6    1 
ATOM   280  O  O6    . G   A 1 13 ? -1.788  -21.474 -8.110  1.00 111.34 ? 8   G   A O6    1 
ATOM   281  N  N1    . G   A 1 13 ? -3.348  -20.350 -9.339  1.00 112.75 ? 8   G   A N1    1 
ATOM   282  C  C2    . G   A 1 13 ? -4.630  -20.114 -9.778  1.00 113.48 ? 8   G   A C2    1 
ATOM   283  N  N2    . G   A 1 13 ? -4.793  -19.101 -10.642 1.00 113.29 ? 8   G   A N2    1 
ATOM   284  N  N3    . G   A 1 13 ? -5.680  -20.817 -9.398  1.00 114.35 ? 8   G   A N3    1 
ATOM   285  C  C4    . G   A 1 13 ? -5.345  -21.796 -8.532  1.00 114.65 ? 8   G   A C4    1 
ATOM   286  O  "O5'" . C   B 2 1  ? 1.309   -13.671 -12.545 1.00 115.98 ? 2   C   B "O5'" 1 
ATOM   287  C  "C5'" . C   B 2 1  ? 0.492   -13.094 -13.566 1.00 116.89 ? 2   C   B "C5'" 1 
ATOM   288  C  "C4'" . C   B 2 1  ? -0.904  -13.670 -13.574 1.00 117.93 ? 2   C   B "C4'" 1 
ATOM   289  O  "O4'" . C   B 2 1  ? -0.824  -15.107 -13.795 1.00 117.54 ? 2   C   B "O4'" 1 
ATOM   290  C  "C3'" . C   B 2 1  ? -1.674  -13.550 -12.267 1.00 118.11 ? 2   C   B "C3'" 1 
ATOM   291  O  "O3'" . C   B 2 1  ? -2.270  -12.273 -12.076 1.00 118.47 ? 2   C   B "O3'" 1 
ATOM   292  C  "C2'" . C   B 2 1  ? -2.690  -14.681 -12.388 1.00 116.36 ? 2   C   B "C2'" 1 
ATOM   293  O  "O2'" . C   B 2 1  ? -3.794  -14.368 -13.216 1.00 115.14 ? 2   C   B "O2'" 1 
ATOM   294  C  "C1'" . C   B 2 1  ? -1.838  -15.766 -13.047 1.00 113.49 ? 2   C   B "C1'" 1 
ATOM   295  N  N1    . C   B 2 1  ? -1.196  -16.611 -12.024 1.00 109.01 ? 2   C   B N1    1 
ATOM   296  C  C2    . C   B 2 1  ? -1.938  -17.650 -11.464 1.00 106.93 ? 2   C   B C2    1 
ATOM   297  O  O2    . C   B 2 1  ? -3.089  -17.847 -11.876 1.00 105.89 ? 2   C   B O2    1 
ATOM   298  N  N3    . C   B 2 1  ? -1.383  -18.410 -10.491 1.00 105.86 ? 2   C   B N3    1 
ATOM   299  C  C4    . C   B 2 1  ? -0.135  -18.167 -10.083 1.00 105.62 ? 2   C   B C4    1 
ATOM   300  N  N4    . C   B 2 1  ? 0.366   -18.933 -9.110  1.00 103.84 ? 2   C   B N4    1 
ATOM   301  C  C5    . C   B 2 1  ? 0.652   -17.124 -10.652 1.00 105.64 ? 2   C   B C5    1 
ATOM   302  C  C6    . C   B 2 1  ? 0.088   -16.378 -11.612 1.00 107.09 ? 2   C   B C6    1 
ATOM   303  P  P     . G   B 2 2  ? -2.633  -11.786 -10.585 1.00 117.97 ? 3   G   B P     1 
ATOM   304  O  OP1   . G   B 2 2  ? -3.008  -10.349 -10.644 1.00 118.04 ? 3   G   B OP1   1 
ATOM   305  O  OP2   . G   B 2 2  ? -1.533  -12.222 -9.683  1.00 114.72 ? 3   G   B OP2   1 
ATOM   306  O  "O5'" . G   B 2 2  ? -3.939  -12.626 -10.225 1.00 117.17 ? 3   G   B "O5'" 1 
ATOM   307  C  "C5'" . G   B 2 2  ? -5.137  -12.458 -10.976 1.00 115.21 ? 3   G   B "C5'" 1 
ATOM   308  C  "C4'" . G   B 2 2  ? -6.198  -13.418 -10.498 1.00 115.45 ? 3   G   B "C4'" 1 
ATOM   309  O  "O4'" . G   B 2 2  ? -5.781  -14.776 -10.796 1.00 113.60 ? 3   G   B "O4'" 1 
ATOM   310  C  "C3'" . G   B 2 2  ? -6.445  -13.435 -8.999  1.00 116.70 ? 3   G   B "C3'" 1 
ATOM   311  O  "O3'" . G   B 2 2  ? -7.297  -12.391 -8.558  1.00 121.04 ? 3   G   B "O3'" 1 
ATOM   312  C  "C2'" . G   B 2 2  ? -7.048  -14.816 -8.790  1.00 114.46 ? 3   G   B "C2'" 1 
ATOM   313  O  "O2'" . G   B 2 2  ? -8.416  -14.895 -9.139  1.00 112.21 ? 3   G   B "O2'" 1 
ATOM   314  C  "C1'" . G   B 2 2  ? -6.207  -15.644 -9.758  1.00 111.40 ? 3   G   B "C1'" 1 
ATOM   315  N  N9    . G   B 2 2  ? -5.025  -16.143 -9.068  1.00 108.43 ? 3   G   B N9    1 
ATOM   316  C  C8    . G   B 2 2  ? -3.728  -15.706 -9.197  1.00 107.20 ? 3   G   B C8    1 
ATOM   317  N  N7    . G   B 2 2  ? -2.895  -16.339 -8.414  1.00 106.26 ? 3   G   B N7    1 
ATOM   318  C  C5    . G   B 2 2  ? -3.692  -17.250 -7.734  1.00 106.47 ? 3   G   B C5    1 
ATOM   319  C  C6    . G   B 2 2  ? -3.352  -18.213 -6.747  1.00 106.02 ? 3   G   B C6    1 
ATOM   320  O  O6    . G   B 2 2  ? -2.238  -18.460 -6.259  1.00 104.22 ? 3   G   B O6    1 
ATOM   321  N  N1    . G   B 2 2  ? -4.475  -18.927 -6.323  1.00 105.87 ? 3   G   B N1    1 
ATOM   322  C  C2    . G   B 2 2  ? -5.759  -18.733 -6.788  1.00 106.90 ? 3   G   B C2    1 
ATOM   323  N  N2    . G   B 2 2  ? -6.718  -19.506 -6.251  1.00 106.16 ? 3   G   B N2    1 
ATOM   324  N  N3    . G   B 2 2  ? -6.083  -17.841 -7.709  1.00 106.95 ? 3   G   B N3    1 
ATOM   325  C  C4    . G   B 2 2  ? -5.009  -17.141 -8.132  1.00 107.33 ? 3   G   B C4    1 
ATOM   326  P  P     . G   B 2 3  ? -7.171  -11.865 -7.047  1.00 122.62 ? 4   G   B P     1 
ATOM   327  O  OP1   . G   B 2 3  ? -8.054  -10.681 -6.896  1.00 122.84 ? 4   G   B OP1   1 
ATOM   328  O  OP2   . G   B 2 3  ? -5.724  -11.753 -6.730  1.00 120.69 ? 4   G   B OP2   1 
ATOM   329  O  "O5'" . G   B 2 3  ? -7.767  -13.059 -6.184  1.00 120.01 ? 4   G   B "O5'" 1 
ATOM   330  C  "C5'" . G   B 2 3  ? -9.140  -13.403 -6.285  1.00 118.79 ? 4   G   B "C5'" 1 
ATOM   331  C  "C4'" . G   B 2 3  ? -9.487  -14.436 -5.251  1.00 118.67 ? 4   G   B "C4'" 1 
ATOM   332  O  "O4'" . G   B 2 3  ? -8.845  -15.690 -5.600  1.00 116.77 ? 4   G   B "O4'" 1 
ATOM   333  C  "C3'" . G   B 2 3  ? -8.977  -14.140 -3.851  1.00 119.03 ? 4   G   B "C3'" 1 
ATOM   334  O  "O3'" . G   B 2 3  ? -9.811  -13.248 -3.128  1.00 123.81 ? 4   G   B "O3'" 1 
ATOM   335  C  "C2'" . G   B 2 3  ? -8.930  -15.528 -3.234  1.00 116.44 ? 4   G   B "C2'" 1 
ATOM   336  O  "O2'" . G   B 2 3  ? -10.201 -15.981 -2.815  1.00 114.43 ? 4   G   B "O2'" 1 
ATOM   337  C  "C1'" . G   B 2 3  ? -8.428  -16.354 -4.418  1.00 114.37 ? 4   G   B "C1'" 1 
ATOM   338  N  N9    . G   B 2 3  ? -6.971  -16.375 -4.406  1.00 111.34 ? 4   G   B N9    1 
ATOM   339  C  C8    . G   B 2 3  ? -6.121  -15.611 -5.168  1.00 110.30 ? 4   G   B C8    1 
ATOM   340  N  N7    . G   B 2 3  ? -4.861  -15.827 -4.902  1.00 109.60 ? 4   G   B N7    1 
ATOM   341  C  C5    . G   B 2 3  ? -4.882  -16.800 -3.912  1.00 108.74 ? 4   G   B C5    1 
ATOM   342  C  C6    . G   B 2 3  ? -3.814  -17.438 -3.222  1.00 108.28 ? 4   G   B C6    1 
ATOM   343  O  O6    . G   B 2 3  ? -2.595  -17.266 -3.359  1.00 107.92 ? 4   G   B O6    1 
ATOM   344  N  N1    . G   B 2 3  ? -4.287  -18.359 -2.292  1.00 107.68 ? 4   G   B N1    1 
ATOM   345  C  C2    . G   B 2 3  ? -5.613  -18.636 -2.053  1.00 107.81 ? 4   G   B C2    1 
ATOM   346  N  N2    . G   B 2 3  ? -5.867  -19.555 -1.109  1.00 106.56 ? 4   G   B N2    1 
ATOM   347  N  N3    . G   B 2 3  ? -6.614  -18.053 -2.693  1.00 108.28 ? 4   G   B N3    1 
ATOM   348  C  C4    . G   B 2 3  ? -6.178  -17.153 -3.600  1.00 109.47 ? 4   G   B C4    1 
ATOM   349  P  P     . U   B 2 4  ? -9.174  -12.348 -1.957  1.00 126.09 ? 5   U   B P     1 
ATOM   350  O  OP1   . U   B 2 4  ? -10.190 -11.348 -1.537  1.00 127.36 ? 5   U   B OP1   1 
ATOM   351  O  OP2   . U   B 2 4  ? -7.848  -11.882 -2.445  1.00 124.83 ? 5   U   B OP2   1 
ATOM   352  O  "O5'" . U   B 2 4  ? -8.954  -13.381 -0.758  1.00 121.60 ? 5   U   B "O5'" 1 
ATOM   353  C  "C5'" . U   B 2 4  ? -10.061 -14.082 -0.193  1.00 115.66 ? 5   U   B "C5'" 1 
ATOM   354  C  "C4'" . U   B 2 4  ? -9.592  -15.118 0.806   1.00 112.87 ? 5   U   B "C4'" 1 
ATOM   355  O  "O4'" . U   B 2 4  ? -8.796  -16.123 0.121   1.00 112.01 ? 5   U   B "O4'" 1 
ATOM   356  C  "C3'" . U   B 2 4  ? -8.670  -14.620 1.908   1.00 113.02 ? 5   U   B "C3'" 1 
ATOM   357  O  "O3'" . U   B 2 4  ? -9.360  -14.032 2.999   1.00 113.12 ? 5   U   B "O3'" 1 
ATOM   358  C  "C2'" . U   B 2 4  ? -7.947  -15.891 2.324   1.00 112.03 ? 5   U   B "C2'" 1 
ATOM   359  O  "O2'" . U   B 2 4  ? -8.721  -16.710 3.179   1.00 110.94 ? 5   U   B "O2'" 1 
ATOM   360  C  "C1'" . U   B 2 4  ? -7.752  -16.573 0.973   1.00 110.65 ? 5   U   B "C1'" 1 
ATOM   361  N  N1    . U   B 2 4  ? -6.460  -16.188 0.388   1.00 109.12 ? 5   U   B N1    1 
ATOM   362  C  C2    . U   B 2 4  ? -5.326  -16.765 0.928   1.00 107.92 ? 5   U   B C2    1 
ATOM   363  O  O2    . U   B 2 4  ? -5.372  -17.585 1.828   1.00 106.66 ? 5   U   B O2    1 
ATOM   364  N  N3    . U   B 2 4  ? -4.139  -16.346 0.375   1.00 106.93 ? 5   U   B N3    1 
ATOM   365  C  C4    . U   B 2 4  ? -3.972  -15.431 -0.644  1.00 107.03 ? 5   U   B C4    1 
ATOM   366  O  O4    . U   B 2 4  ? -2.834  -15.133 -1.014  1.00 105.57 ? 5   U   B O4    1 
ATOM   367  C  C5    . U   B 2 4  ? -5.194  -14.890 -1.163  1.00 107.50 ? 5   U   B C5    1 
ATOM   368  C  C6    . U   B 2 4  ? -6.367  -15.278 -0.642  1.00 108.68 ? 5   U   B C6    1 
ATOM   369  P  P     . G   B 2 5  ? -8.595  -12.968 3.930   1.00 114.05 ? 6   G   B P     1 
ATOM   370  O  OP1   . G   B 2 5  ? -9.576  -12.455 4.918   1.00 114.02 ? 6   G   B OP1   1 
ATOM   371  O  OP2   . G   B 2 5  ? -7.880  -12.014 3.037   1.00 111.40 ? 6   G   B OP2   1 
ATOM   372  O  "O5'" . G   B 2 5  ? -7.504  -13.834 4.707   1.00 108.26 ? 6   G   B "O5'" 1 
ATOM   373  C  "C5'" . G   B 2 5  ? -7.904  -14.774 5.694   1.00 102.21 ? 6   G   B "C5'" 1 
ATOM   374  C  "C4'" . G   B 2 5  ? -6.705  -15.483 6.271   1.00 99.06  ? 6   G   B "C4'" 1 
ATOM   375  O  "O4'" . G   B 2 5  ? -6.043  -16.227 5.215   1.00 98.07  ? 6   G   B "O4'" 1 
ATOM   376  C  "C3'" . G   B 2 5  ? -5.606  -14.589 6.825   1.00 98.18  ? 6   G   B "C3'" 1 
ATOM   377  O  "O3'" . G   B 2 5  ? -5.865  -14.157 8.156   1.00 100.64 ? 6   G   B "O3'" 1 
ATOM   378  C  "C2'" . G   B 2 5  ? -4.391  -15.501 6.758   1.00 96.31  ? 6   G   B "C2'" 1 
ATOM   379  O  "O2'" . G   B 2 5  ? -4.339  -16.437 7.812   1.00 93.44  ? 6   G   B "O2'" 1 
ATOM   380  C  "C1'" . G   B 2 5  ? -4.641  -16.229 5.441   1.00 95.99  ? 6   G   B "C1'" 1 
ATOM   381  N  N9    . G   B 2 5  ? -3.977  -15.535 4.343   1.00 94.51  ? 6   G   B N9    1 
ATOM   382  C  C8    . G   B 2 5  ? -4.539  -14.714 3.392   1.00 93.54  ? 6   G   B C8    1 
ATOM   383  N  N7    . G   B 2 5  ? -3.661  -14.218 2.562   1.00 92.29  ? 6   G   B N7    1 
ATOM   384  C  C5    . G   B 2 5  ? -2.447  -14.751 2.986   1.00 91.97  ? 6   G   B C5    1 
ATOM   385  C  C6    . G   B 2 5  ? -1.132  -14.573 2.479   1.00 90.44  ? 6   G   B C6    1 
ATOM   386  O  O6    . G   B 2 5  ? -0.761  -13.887 1.520   1.00 90.20  ? 6   G   B O6    1 
ATOM   387  N  N1    . G   B 2 5  ? -0.199  -15.296 3.216   1.00 88.25  ? 6   G   B N1    1 
ATOM   388  C  C2    . G   B 2 5  ? -0.488  -16.087 4.298   1.00 88.38  ? 6   G   B C2    1 
ATOM   389  N  N2    . G   B 2 5  ? 0.548   -16.703 4.871   1.00 87.19  ? 6   G   B N2    1 
ATOM   390  N  N3    . G   B 2 5  ? -1.703  -16.261 4.781   1.00 89.73  ? 6   G   B N3    1 
ATOM   391  C  C4    . G   B 2 5  ? -2.629  -15.569 4.081   1.00 92.53  ? 6   G   B C4    1 
ATOM   392  P  P     . A   B 2 6  ? -5.257  -12.757 8.671   1.00 98.94  ? 7   A   B P     1 
ATOM   393  O  OP1   . A   B 2 6  ? -5.845  -12.453 9.998   1.00 99.30  ? 7   A   B OP1   1 
ATOM   394  O  OP2   . A   B 2 6  ? -5.398  -11.775 7.562   1.00 99.63  ? 7   A   B OP2   1 
ATOM   395  O  "O5'" . A   B 2 6  ? -3.708  -13.059 8.883   1.00 95.22  ? 7   A   B "O5'" 1 
ATOM   396  C  "C5'" . A   B 2 6  ? -3.279  -14.162 9.676   1.00 89.52  ? 7   A   B "C5'" 1 
ATOM   397  C  "C4'" . A   B 2 6  ? -1.814  -14.426 9.435   1.00 87.82  ? 7   A   B "C4'" 1 
ATOM   398  O  "O4'" . A   B 2 6  ? -1.631  -14.905 8.075   1.00 88.26  ? 7   A   B "O4'" 1 
ATOM   399  C  "C3'" . A   B 2 6  ? -0.911  -13.209 9.524   1.00 87.37  ? 7   A   B "C3'" 1 
ATOM   400  O  "O3'" . A   B 2 6  ? -0.518  -12.934 10.858  1.00 89.82  ? 7   A   B "O3'" 1 
ATOM   401  C  "C2'" . A   B 2 6  ? 0.274   -13.631 8.674   1.00 86.11  ? 7   A   B "C2'" 1 
ATOM   402  O  "O2'" . A   B 2 6  ? 1.131   -14.508 9.375   1.00 85.22  ? 7   A   B "O2'" 1 
ATOM   403  C  "C1'" . A   B 2 6  ? -0.424  -14.382 7.542   1.00 84.75  ? 7   A   B "C1'" 1 
ATOM   404  N  N9    . A   B 2 6  ? -0.771  -13.495 6.431   1.00 83.92  ? 7   A   B N9    1 
ATOM   405  C  C8    . A   B 2 6  ? -2.011  -12.981 6.125   1.00 83.75  ? 7   A   B C8    1 
ATOM   406  N  N7    . A   B 2 6  ? -2.021  -12.219 5.055   1.00 81.90  ? 7   A   B N7    1 
ATOM   407  C  C5    . A   B 2 6  ? -0.702  -12.228 4.630   1.00 81.47  ? 7   A   B C5    1 
ATOM   408  C  C6    . A   B 2 6  ? -0.063  -11.616 3.545   1.00 80.65  ? 7   A   B C6    1 
ATOM   409  N  N6    . A   B 2 6  ? -0.695  -10.853 2.650   1.00 78.98  ? 7   A   B N6    1 
ATOM   410  N  N1    . A   B 2 6  ? 1.266   -11.818 3.407   1.00 80.78  ? 7   A   B N1    1 
ATOM   411  C  C2    . A   B 2 6  ? 1.895   -12.593 4.303   1.00 80.64  ? 7   A   B C2    1 
ATOM   412  N  N3    . A   B 2 6  ? 1.402   -13.230 5.362   1.00 80.88  ? 7   A   B N3    1 
ATOM   413  C  C4    . A   B 2 6  ? 0.082   -13.004 5.471   1.00 82.52  ? 7   A   B C4    1 
ATOM   414  P  P     . G   B 2 7  ? -0.384  -11.410 11.341  1.00 91.57  ? 8   G   B P     1 
ATOM   415  O  OP1   . G   B 2 7  ? 0.068   -11.385 12.753  1.00 89.65  ? 8   G   B OP1   1 
ATOM   416  O  OP2   . G   B 2 7  ? -1.636  -10.706 10.946  1.00 87.10  ? 8   G   B OP2   1 
ATOM   417  O  "O5'" . G   B 2 7  ? 0.802   -10.831 10.460  1.00 90.35  ? 8   G   B "O5'" 1 
ATOM   418  C  "C5'" . G   B 2 7  ? 2.073   -11.459 10.446  1.00 86.33  ? 8   G   B "C5'" 1 
ATOM   419  C  "C4'" . G   B 2 7  ? 2.894   -10.903 9.319   1.00 85.58  ? 8   G   B "C4'" 1 
ATOM   420  O  "O4'" . G   B 2 7  ? 2.225   -11.183 8.066   1.00 86.31  ? 8   G   B "O4'" 1 
ATOM   421  C  "C3'" . G   B 2 7  ? 3.031   -9.394  9.340   1.00 85.30  ? 8   G   B "C3'" 1 
ATOM   422  O  "O3'" . G   B 2 7  ? 4.128   -9.066  10.180  1.00 86.09  ? 8   G   B "O3'" 1 
ATOM   423  C  "C2'" . G   B 2 7  ? 3.300   -9.074  7.877   1.00 85.04  ? 8   G   B "C2'" 1 
ATOM   424  O  "O2'" . G   B 2 7  ? 4.643   -9.323  7.519   1.00 85.58  ? 8   G   B "O2'" 1 
ATOM   425  C  "C1'" . G   B 2 7  ? 2.413   -10.102 7.175   1.00 83.07  ? 8   G   B "C1'" 1 
ATOM   426  N  N9    . G   B 2 7  ? 1.102   -9.621  6.765   1.00 79.69  ? 8   G   B N9    1 
ATOM   427  C  C8    . G   B 2 7  ? -0.069  -9.665  7.481   1.00 78.35  ? 8   G   B C8    1 
ATOM   428  N  N7    . G   B 2 7  ? -1.093  -9.201  6.818   1.00 77.70  ? 8   G   B N7    1 
ATOM   429  C  C5    . G   B 2 7  ? -0.560  -8.817  5.597   1.00 76.80  ? 8   G   B C5    1 
ATOM   430  C  C6    . G   B 2 7  ? -1.185  -8.262  4.461   1.00 76.37  ? 8   G   B C6    1 
ATOM   431  O  O6    . G   B 2 7  ? -2.376  -7.979  4.298   1.00 77.04  ? 8   G   B O6    1 
ATOM   432  N  N1    . G   B 2 7  ? -0.273  -8.036  3.437   1.00 76.63  ? 8   G   B N1    1 
ATOM   433  C  C2    . G   B 2 7  ? 1.071   -8.313  3.498   1.00 76.67  ? 8   G   B C2    1 
ATOM   434  N  N2    . G   B 2 7  ? 1.789   -8.029  2.405   1.00 75.09  ? 8   G   B N2    1 
ATOM   435  N  N3    . G   B 2 7  ? 1.664   -8.832  4.553   1.00 76.77  ? 8   G   B N3    1 
ATOM   436  C  C4    . G   B 2 7  ? 0.795   -9.059  5.557   1.00 77.72  ? 8   G   B C4    1 
HETATM 437  P  P     . 1DP B 2 8  ? 4.597   -7.540  10.322  1.00 88.26  ? 9   1DP B P     1 
HETATM 438  O  O1P   . 1DP B 2 8  ? 3.668   -6.745  9.477   1.00 86.57  ? 9   1DP B O1P   1 
HETATM 439  O  O2P   . 1DP B 2 8  ? 4.743   -7.209  11.763  1.00 85.95  ? 9   1DP B O2P   1 
HETATM 440  O  "O5'" . 1DP B 2 8  ? 6.041   -7.528  9.650   1.00 84.61  ? 9   1DP B "O5'" 1 
HETATM 441  C  "C5'" . 1DP B 2 8  ? 7.139   -8.209  10.239  1.00 78.53  ? 9   1DP B "C5'" 1 
HETATM 442  C  "C4'" . 1DP B 2 8  ? 8.393   -7.921  9.450   1.00 79.17  ? 9   1DP B "C4'" 1 
HETATM 443  O  "O4'" . 1DP B 2 8  ? 8.251   -8.485  8.123   1.00 78.94  ? 9   1DP B "O4'" 1 
HETATM 444  C  "C1'" . 1DP B 2 8  ? 8.855   -7.627  7.171   1.00 79.86  ? 9   1DP B "C1'" 1 
HETATM 445  N  N9    . 1DP B 2 8  ? 7.796   -7.085  6.326   1.00 81.49  ? 9   1DP B N9    1 
HETATM 446  C  C4    . 1DP B 2 8  ? 7.964   -6.385  5.161   1.00 81.91  ? 9   1DP B C4    1 
HETATM 447  N  N3    . 1DP B 2 8  ? 9.123   -6.071  4.561   1.00 82.68  ? 9   1DP B N3    1 
HETATM 448  C  C2    . 1DP B 2 8  ? 8.897   -5.374  3.455   1.00 82.51  ? 9   1DP B C2    1 
HETATM 449  C  C1    . 1DP B 2 8  ? 7.729   -4.987  2.923   1.00 82.06  ? 9   1DP B C1    1 
HETATM 450  C  C6    . 1DP B 2 8  ? 6.585   -5.325  3.554   1.00 80.75  ? 9   1DP B C6    1 
HETATM 451  N  N6    . 1DP B 2 8  ? 5.422   -4.947  3.025   1.00 78.37  ? 9   1DP B N6    1 
HETATM 452  C  C5    . 1DP B 2 8  ? 6.690   -6.058  4.733   1.00 81.32  ? 9   1DP B C5    1 
HETATM 453  N  N7    . 1DP B 2 8  ? 5.736   -6.549  5.606   1.00 81.76  ? 9   1DP B N7    1 
HETATM 454  C  C8    . 1DP B 2 8  ? 6.442   -7.152  6.530   1.00 82.67  ? 9   1DP B C8    1 
HETATM 455  C  "C2'" . 1DP B 2 8  ? 9.557   -6.517  7.949   1.00 78.41  ? 9   1DP B "C2'" 1 
HETATM 456  O  "O2'" . 1DP B 2 8  ? 10.877  -6.911  8.244   1.00 80.27  ? 9   1DP B "O2'" 1 
HETATM 457  C  "C3'" . 1DP B 2 8  ? 8.704   -6.452  9.204   1.00 77.75  ? 9   1DP B "C3'" 1 
HETATM 458  O  "O3'" . 1DP B 2 8  ? 9.448   -5.887  10.271  1.00 75.23  ? 9   1DP B "O3'" 1 
ATOM   459  P  P     . A   B 2 9  ? 9.186   -4.365  10.700  1.00 74.57  ? 10  A   B P     1 
ATOM   460  O  OP1   . A   B 2 9  ? 10.101  -4.010  11.807  1.00 75.48  ? 10  A   B OP1   1 
ATOM   461  O  OP2   . A   B 2 9  ? 7.728   -4.214  10.881  1.00 74.64  ? 10  A   B OP2   1 
ATOM   462  O  "O5'" . A   B 2 9  ? 9.612   -3.512  9.428   1.00 72.16  ? 10  A   B "O5'" 1 
ATOM   463  C  "C5'" . A   B 2 9  ? 10.975  -3.407  9.034   1.00 66.91  ? 10  A   B "C5'" 1 
ATOM   464  C  "C4'" . A   B 2 9  ? 11.078  -2.565  7.791   1.00 65.01  ? 10  A   B "C4'" 1 
ATOM   465  O  "O4'" . A   B 2 9  ? 10.388  -3.229  6.710   1.00 65.37  ? 10  A   B "O4'" 1 
ATOM   466  C  "C3'" . A   B 2 9  ? 10.408  -1.212  7.900   1.00 65.03  ? 10  A   B "C3'" 1 
ATOM   467  O  "O3'" . A   B 2 9  ? 11.337  -0.287  8.428   1.00 65.42  ? 10  A   B "O3'" 1 
ATOM   468  C  "C2'" . A   B 2 9  ? 10.083  -0.890  6.447   1.00 64.52  ? 10  A   B "C2'" 1 
ATOM   469  O  "O2'" . A   B 2 9  ? 11.167  -0.343  5.734   1.00 64.82  ? 10  A   B "O2'" 1 
ATOM   470  C  "C1'" . A   B 2 9  ? 9.734   -2.274  5.899   1.00 63.38  ? 10  A   B "C1'" 1 
ATOM   471  N  N9    . A   B 2 9  ? 8.308   -2.567  5.956   1.00 63.52  ? 10  A   B N9    1 
ATOM   472  C  C8    . A   B 2 9  ? 7.660   -3.403  6.833   1.00 64.34  ? 10  A   B C8    1 
ATOM   473  N  N7    . A   B 2 9  ? 6.364   -3.466  6.643   1.00 64.34  ? 10  A   B N7    1 
ATOM   474  C  C5    . A   B 2 9  ? 6.148   -2.615  5.571   1.00 62.81  ? 10  A   B C5    1 
ATOM   475  C  C6    . A   B 2 9  ? 4.991   -2.244  4.893   1.00 62.22  ? 10  A   B C6    1 
ATOM   476  N  N6    . A   B 2 9  ? 3.779   -2.703  5.206   1.00 61.54  ? 10  A   B N6    1 
ATOM   477  N  N1    . A   B 2 9  ? 5.118   -1.375  3.865   1.00 62.17  ? 10  A   B N1    1 
ATOM   478  C  C2    . A   B 2 9  ? 6.337   -0.919  3.556   1.00 60.91  ? 10  A   B C2    1 
ATOM   479  N  N3    . A   B 2 9  ? 7.502   -1.193  4.122   1.00 61.96  ? 10  A   B N3    1 
ATOM   480  C  C4    . A   B 2 9  ? 7.337   -2.057  5.137   1.00 63.02  ? 10  A   B C4    1 
ATOM   481  P  P     . G   B 2 10 ? 10.838  0.835   9.446   1.00 70.21  ? 11  G   B P     1 
ATOM   482  O  OP1   . G   B 2 10 ? 11.993  1.672   9.853   1.00 66.74  ? 11  G   B OP1   1 
ATOM   483  O  OP2   . G   B 2 10 ? 10.039  0.124   10.475  1.00 67.05  ? 11  G   B OP2   1 
ATOM   484  O  "O5'" . G   B 2 10 ? 9.894   1.748   8.552   1.00 68.51  ? 11  G   B "O5'" 1 
ATOM   485  C  "C5'" . G   B 2 10 ? 10.452  2.555   7.531   1.00 64.31  ? 11  G   B "C5'" 1 
ATOM   486  C  "C4'" . G   B 2 10 ? 9.366   3.088   6.641   1.00 62.66  ? 11  G   B "C4'" 1 
ATOM   487  O  "O4'" . G   B 2 10 ? 8.723   1.980   5.965   1.00 62.93  ? 11  G   B "O4'" 1 
ATOM   488  C  "C3'" . G   B 2 10 ? 8.234   3.796   7.357   1.00 60.47  ? 11  G   B "C3'" 1 
ATOM   489  O  "O3'" . G   B 2 10 ? 8.554   5.145   7.630   1.00 60.84  ? 11  G   B "O3'" 1 
ATOM   490  C  "C2'" . G   B 2 10 ? 7.098   3.664   6.357   1.00 59.81  ? 11  G   B "C2'" 1 
ATOM   491  O  "O2'" . G   B 2 10 ? 7.231   4.568   5.280   1.00 57.69  ? 11  G   B "O2'" 1 
ATOM   492  C  "C1'" . G   B 2 10 ? 7.337   2.249   5.839   1.00 60.84  ? 11  G   B "C1'" 1 
ATOM   493  N  N9    . G   B 2 10 ? 6.610   1.256   6.620   1.00 58.53  ? 11  G   B N9    1 
ATOM   494  C  C8    . G   B 2 10 ? 7.120   0.375   7.541   1.00 57.04  ? 11  G   B C8    1 
ATOM   495  N  N7    . G   B 2 10 ? 6.212   -0.412  8.052   1.00 57.91  ? 11  G   B N7    1 
ATOM   496  C  C5    . G   B 2 10 ? 5.033   -0.017  7.435   1.00 57.46  ? 11  G   B C5    1 
ATOM   497  C  C6    . G   B 2 10 ? 3.706   -0.509  7.574   1.00 58.02  ? 11  G   B C6    1 
ATOM   498  O  O6    . G   B 2 10 ? 3.291   -1.437  8.286   1.00 59.22  ? 11  G   B O6    1 
ATOM   499  N  N1    . G   B 2 10 ? 2.821   0.188   6.762   1.00 55.52  ? 11  G   B N1    1 
ATOM   500  C  C2    . G   B 2 10 ? 3.164   1.212   5.917   1.00 53.14  ? 11  G   B C2    1 
ATOM   501  N  N2    . G   B 2 10 ? 2.175   1.752   5.211   1.00 53.54  ? 11  G   B N2    1 
ATOM   502  N  N3    . G   B 2 10 ? 4.387   1.670   5.774   1.00 53.87  ? 11  G   B N3    1 
ATOM   503  C  C4    . G   B 2 10 ? 5.264   1.016   6.558   1.00 56.53  ? 11  G   B C4    1 
ATOM   504  P  P     . G   B 2 11 ? 7.829   5.891   8.848   1.00 64.13  ? 12  G   B P     1 
ATOM   505  O  OP1   . G   B 2 11 ? 8.539   7.163   9.121   1.00 61.14  ? 12  G   B OP1   1 
ATOM   506  O  OP2   . G   B 2 11 ? 7.683   4.884   9.928   1.00 63.34  ? 12  G   B OP2   1 
ATOM   507  O  "O5'" . G   B 2 11 ? 6.387   6.246   8.271   1.00 60.85  ? 12  G   B "O5'" 1 
ATOM   508  C  "C5'" . G   B 2 11 ? 6.257   7.202   7.237   1.00 56.44  ? 12  G   B "C5'" 1 
ATOM   509  C  "C4'" . G   B 2 11 ? 4.835   7.273   6.752   1.00 57.42  ? 12  G   B "C4'" 1 
ATOM   510  O  "O4'" . G   B 2 11 ? 4.440   5.963   6.279   1.00 60.07  ? 12  G   B "O4'" 1 
ATOM   511  C  "C3'" . G   B 2 11 ? 3.783   7.600   7.797   1.00 59.56  ? 12  G   B "C3'" 1 
ATOM   512  O  "O3'" . G   B 2 11 ? 3.665   8.988   8.011   1.00 62.65  ? 12  G   B "O3'" 1 
ATOM   513  C  "C2'" . G   B 2 11 ? 2.528   7.041   7.158   1.00 57.45  ? 12  G   B "C2'" 1 
ATOM   514  O  "O2'" . G   B 2 11 ? 2.116   7.854   6.084   1.00 57.53  ? 12  G   B "O2'" 1 
ATOM   515  C  "C1'" . G   B 2 11 ? 3.066   5.755   6.552   1.00 57.08  ? 12  G   B "C1'" 1 
ATOM   516  N  N9    . G   B 2 11 ? 2.931   4.630   7.464   1.00 54.06  ? 12  G   B N9    1 
ATOM   517  C  C8    . G   B 2 11 ? 3.915   4.011   8.193   1.00 53.89  ? 12  G   B C8    1 
ATOM   518  N  N7    . G   B 2 11 ? 3.471   2.997   8.887   1.00 54.52  ? 12  G   B N7    1 
ATOM   519  C  C5    . G   B 2 11 ? 2.114   2.954   8.599   1.00 52.46  ? 12  G   B C5    1 
ATOM   520  C  C6    . G   B 2 11 ? 1.102   2.055   9.034   1.00 52.59  ? 12  G   B C6    1 
ATOM   521  O  O6    . G   B 2 11 ? 1.208   1.076   9.774   1.00 54.60  ? 12  G   B O6    1 
ATOM   522  N  N1    . G   B 2 11 ? -0.138  2.388   8.507   1.00 53.33  ? 12  G   B N1    1 
ATOM   523  C  C2    . G   B 2 11 ? -0.376  3.444   7.668   1.00 54.45  ? 12  G   B C2    1 
ATOM   524  N  N2    . G   B 2 11 ? -1.644  3.626   7.287   1.00 51.77  ? 12  G   B N2    1 
ATOM   525  N  N3    . G   B 2 11 ? 0.558   4.269   7.237   1.00 55.55  ? 12  G   B N3    1 
ATOM   526  C  C4    . G   B 2 11 ? 1.768   3.968   7.738   1.00 53.12  ? 12  G   B C4    1 
ATOM   527  P  P     . G   B 2 12 ? 3.240   9.528   9.455   1.00 65.46  ? 13  G   B P     1 
ATOM   528  O  OP1   . G   B 2 12 ? 3.332   11.006  9.360   1.00 64.73  ? 13  G   B OP1   1 
ATOM   529  O  OP2   . G   B 2 12 ? 4.022   8.798   10.488  1.00 60.78  ? 13  G   B OP2   1 
ATOM   530  O  "O5'" . G   B 2 12 ? 1.704   9.126   9.575   1.00 63.67  ? 13  G   B "O5'" 1 
ATOM   531  C  "C5'" . G   B 2 12 ? 0.735   9.782   8.770   1.00 60.98  ? 13  G   B "C5'" 1 
ATOM   532  C  "C4'" . G   B 2 12 ? -0.613  9.115   8.897   1.00 61.79  ? 13  G   B "C4'" 1 
ATOM   533  O  "O4'" . G   B 2 12 ? -0.438  7.705   8.590   1.00 61.75  ? 13  G   B "O4'" 1 
ATOM   534  C  "C3'" . G   B 2 12 ? -1.250  9.104   10.286  1.00 66.00  ? 13  G   B "C3'" 1 
ATOM   535  O  "O3'" . G   B 2 12 ? -1.896  10.372  10.599  1.00 72.63  ? 13  G   B "O3'" 1 
ATOM   536  C  "C2'" . G   B 2 12 ? -2.191  7.893   10.178  1.00 62.75  ? 13  G   B "C2'" 1 
ATOM   537  O  "O2'" . G   B 2 12 ? -3.375  8.113   9.435   1.00 65.03  ? 13  G   B "O2'" 1 
ATOM   538  C  "C1'" . G   B 2 12 ? -1.350  6.930   9.344   1.00 59.99  ? 13  G   B "C1'" 1 
ATOM   539  N  N9    . G   B 2 12 ? -0.620  5.956   10.137  1.00 56.24  ? 13  G   B N9    1 
ATOM   540  C  C8    . G   B 2 12 ? 0.719   5.952   10.434  1.00 56.65  ? 13  G   B C8    1 
ATOM   541  N  N7    . G   B 2 12 ? 1.058   4.978   11.237  1.00 55.95  ? 13  G   B N7    1 
ATOM   542  C  C5    . G   B 2 12 ? -0.127  4.296   11.467  1.00 54.86  ? 13  G   B C5    1 
ATOM   543  C  C6    . G   B 2 12 ? -0.394  3.169   12.280  1.00 54.95  ? 13  G   B C6    1 
ATOM   544  O  O6    . G   B 2 12 ? 0.382   2.538   12.991  1.00 58.35  ? 13  G   B O6    1 
ATOM   545  N  N1    . G   B 2 12 ? -1.727  2.795   12.222  1.00 53.55  ? 13  G   B N1    1 
ATOM   546  C  C2    . G   B 2 12 ? -2.682  3.425   11.481  1.00 54.43  ? 13  G   B C2    1 
ATOM   547  N  N2    . G   B 2 12 ? -3.902  2.889   11.546  1.00 51.74  ? 13  G   B N2    1 
ATOM   548  N  N3    . G   B 2 12 ? -2.457  4.495   10.731  1.00 54.81  ? 13  G   B N3    1 
ATOM   549  C  C4    . G   B 2 12 ? -1.163  4.872   10.773  1.00 55.05  ? 13  G   B C4    1 
HETATM 550  P  P     . S9L B 2 13 ? -1.993  10.894  12.126  1.00 78.57  ? 14  S9L B P     1 
HETATM 551  O  O1P   . S9L B 2 13 ? -2.896  12.071  11.962  1.00 78.25  ? 14  S9L B O1P   1 
HETATM 552  O  O2P   . S9L B 2 13 ? -0.607  10.844  12.466  1.00 75.40  ? 14  S9L B O2P   1 
HETATM 553  O  "O5'" . S9L B 2 13 ? -3.010  9.783   12.670  1.00 89.66  ? 14  S9L B "O5'" 1 
HETATM 554  C  C12   . S9L B 2 13 ? -4.328  9.571   12.107  1.00 99.18  ? 14  S9L B C12   1 
HETATM 555  C  C22   . S9L B 2 13 ? -5.214  8.892   13.175  1.00 108.10 ? 14  S9L B C22   1 
HETATM 556  O  OH3   . S9L B 2 13 ? -6.175  9.833   13.646  1.00 115.57 ? 14  S9L B OH3   1 
HETATM 557  C  C13   . S9L B 2 13 ? -6.816  11.511  15.342  1.00 119.36 ? 14  S9L B C13   1 
HETATM 558  C  C23   . S9L B 2 13 ? -5.773  10.453  14.886  1.00 117.18 ? 14  S9L B C23   1 
HETATM 559  O  OH4   . S9L B 2 13 ? -8.132  11.241  14.828  1.00 119.19 ? 14  S9L B OH4   1 
HETATM 560  C  C14   . S9L B 2 13 ? -9.405  9.184   14.720  1.00 110.18 ? 14  S9L B C14   1 
HETATM 561  C  C24   . S9L B 2 13 ? -8.862  10.299  15.629  1.00 113.60 ? 14  S9L B C24   1 
HETATM 562  O  "O3'" . S9L B 2 13 ? -9.946  9.786   13.541  1.00 94.72  ? 14  S9L B "O3'" 1 
ATOM   563  P  P     . G   B 2 14 ? -10.819 10.456  12.364  1.00 82.05  ? 15  G   B P     1 
ATOM   564  O  OP1   . G   B 2 14 ? -10.358 9.847   11.083  1.00 81.37  ? 15  G   B OP1   1 
ATOM   565  O  OP2   . G   B 2 14 ? -10.758 11.931  12.531  1.00 73.83  ? 15  G   B OP2   1 
ATOM   566  O  "O5'" . G   B 2 14 ? -12.325 9.974   12.650  1.00 78.11  ? 15  G   B "O5'" 1 
ATOM   567  C  "C5'" . G   B 2 14 ? -12.640 9.004   13.664  1.00 70.98  ? 15  G   B "C5'" 1 
ATOM   568  C  "C4'" . G   B 2 14 ? -14.007 8.403   13.417  1.00 65.55  ? 15  G   B "C4'" 1 
ATOM   569  O  "O4'" . G   B 2 14 ? -15.030 9.392   13.716  1.00 68.08  ? 15  G   B "O4'" 1 
ATOM   570  C  "C3'" . G   B 2 14 ? -14.322 7.928   12.004  1.00 63.78  ? 15  G   B "C3'" 1 
ATOM   571  O  "O3'" . G   B 2 14 ? -13.864 6.594   11.800  1.00 59.49  ? 15  G   B "O3'" 1 
ATOM   572  C  "C2'" . G   B 2 14 ? -15.845 7.976   11.997  1.00 64.70  ? 15  G   B "C2'" 1 
ATOM   573  O  "O2'" . G   B 2 14 ? -16.406 6.847   12.639  1.00 66.16  ? 15  G   B "O2'" 1 
ATOM   574  C  "C1'" . G   B 2 14 ? -16.116 9.229   12.832  1.00 61.96  ? 15  G   B "C1'" 1 
ATOM   575  N  N9    . G   B 2 14 ? -16.255 10.440  12.036  1.00 61.00  ? 15  G   B N9    1 
ATOM   576  C  C8    . G   B 2 14 ? -15.347 11.458  11.875  1.00 60.55  ? 15  G   B C8    1 
ATOM   577  N  N7    . G   B 2 14 ? -15.785 12.411  11.097  1.00 60.21  ? 15  G   B N7    1 
ATOM   578  C  C5    . G   B 2 14 ? -17.056 11.989  10.724  1.00 60.48  ? 15  G   B C5    1 
ATOM   579  C  C6    . G   B 2 14 ? -18.037 12.601  9.895   1.00 59.12  ? 15  G   B C6    1 
ATOM   580  O  O6    . G   B 2 14 ? -17.984 13.679  9.303   1.00 60.73  ? 15  G   B O6    1 
ATOM   581  N  N1    . G   B 2 14 ? -19.180 11.822  9.795   1.00 59.28  ? 15  G   B N1    1 
ATOM   582  C  C2    . G   B 2 14 ? -19.369 10.614  10.413  1.00 60.88  ? 15  G   B C2    1 
ATOM   583  N  N2    . G   B 2 14 ? -20.544 10.001  10.197  1.00 62.83  ? 15  G   B N2    1 
ATOM   584  N  N3    . G   B 2 14 ? -18.474 10.039  11.186  1.00 62.65  ? 15  G   B N3    1 
ATOM   585  C  C4    . G   B 2 14 ? -17.352 10.775  11.296  1.00 61.30  ? 15  G   B C4    1 
ATOM   586  P  P     . G   B 2 15 ? -13.500 6.090   10.314  1.00 61.36  ? 16  G   B P     1 
ATOM   587  O  OP1   . G   B 2 15 ? -12.663 4.885   10.466  1.00 61.23  ? 16  G   B OP1   1 
ATOM   588  O  OP2   . G   B 2 15 ? -13.024 7.229   9.487   1.00 59.11  ? 16  G   B OP2   1 
ATOM   589  O  "O5'" . G   B 2 15 ? -14.878 5.625   9.681   1.00 58.66  ? 16  G   B "O5'" 1 
ATOM   590  C  "C5'" . G   B 2 15 ? -15.659 4.612   10.294  1.00 60.04  ? 16  G   B "C5'" 1 
ATOM   591  C  "C4'" . G   B 2 15 ? -17.001 4.567   9.636   1.00 62.86  ? 16  G   B "C4'" 1 
ATOM   592  O  "O4'" . G   B 2 15 ? -17.760 5.734   10.033  1.00 66.09  ? 16  G   B "O4'" 1 
ATOM   593  C  "C3'" . G   B 2 15 ? -16.922 4.675   8.130   1.00 64.67  ? 16  G   B "C3'" 1 
ATOM   594  O  "O3'" . G   B 2 15 ? -16.674 3.425   7.526   1.00 63.93  ? 16  G   B "O3'" 1 
ATOM   595  C  "C2'" . G   B 2 15 ? -18.290 5.219   7.783   1.00 64.75  ? 16  G   B "C2'" 1 
ATOM   596  O  "O2'" . G   B 2 15 ? -19.255 4.194   7.826   1.00 69.02  ? 16  G   B "O2'" 1 
ATOM   597  C  "C1'" . G   B 2 15 ? -18.511 6.205   8.931   1.00 68.33  ? 16  G   B "C1'" 1 
ATOM   598  N  N9    . G   B 2 15 ? -17.996 7.525   8.590   1.00 69.24  ? 16  G   B N9    1 
ATOM   599  C  C8    . G   B 2 15 ? -16.765 8.040   8.917   1.00 68.60  ? 16  G   B C8    1 
ATOM   600  N  N7    . G   B 2 15 ? -16.579 9.248   8.463   1.00 69.18  ? 16  G   B N7    1 
ATOM   601  C  C5    . G   B 2 15 ? -17.758 9.548   7.798   1.00 68.94  ? 16  G   B C5    1 
ATOM   602  C  C6    . G   B 2 15 ? -18.143 10.714  7.105   1.00 69.00  ? 16  G   B C6    1 
ATOM   603  O  O6    . G   B 2 15 ? -17.503 11.753  6.941   1.00 68.48  ? 16  G   B O6    1 
ATOM   604  N  N1    . G   B 2 15 ? -19.421 10.594  6.573   1.00 70.25  ? 16  G   B N1    1 
ATOM   605  C  C2    . G   B 2 15 ? -20.230 9.490   6.700   1.00 70.53  ? 16  G   B C2    1 
ATOM   606  N  N2    . G   B 2 15 ? -21.430 9.558   6.108   1.00 71.82  ? 16  G   B N2    1 
ATOM   607  N  N3    . G   B 2 15 ? -19.886 8.398   7.354   1.00 69.63  ? 16  G   B N3    1 
ATOM   608  C  C4    . G   B 2 15 ? -18.644 8.494   7.871   1.00 69.71  ? 16  G   B C4    1 
ATOM   609  P  P     . C   B 2 16 ? -15.902 3.376   6.124   1.00 63.42  ? 17  C   B P     1 
ATOM   610  O  OP1   . C   B 2 16 ? -15.645 1.958   5.795   1.00 63.99  ? 17  C   B OP1   1 
ATOM   611  O  OP2   . C   B 2 16 ? -14.769 4.343   6.197   1.00 62.67  ? 17  C   B OP2   1 
ATOM   612  O  "O5'" . C   B 2 16 ? -16.956 3.937   5.076   1.00 64.82  ? 17  C   B "O5'" 1 
ATOM   613  C  "C5'" . C   B 2 16 ? -18.097 3.174   4.715   1.00 64.80  ? 17  C   B "C5'" 1 
ATOM   614  C  "C4'" . C   B 2 16 ? -18.954 3.968   3.778   1.00 64.98  ? 17  C   B "C4'" 1 
ATOM   615  O  "O4'" . C   B 2 16 ? -19.372 5.171   4.466   1.00 69.08  ? 17  C   B "O4'" 1 
ATOM   616  C  "C3'" . C   B 2 16 ? -18.229 4.500   2.559   1.00 65.86  ? 17  C   B "C3'" 1 
ATOM   617  O  "O3'" . C   B 2 16 ? -18.154 3.556   1.512   1.00 69.04  ? 17  C   B "O3'" 1 
ATOM   618  C  "C2'" . C   B 2 16 ? -19.085 5.689   2.176   1.00 66.03  ? 17  C   B "C2'" 1 
ATOM   619  O  "O2'" . C   B 2 16 ? -20.280 5.277   1.556   1.00 66.01  ? 17  C   B "O2'" 1 
ATOM   620  C  "C1'" . C   B 2 16 ? -19.419 6.251   3.553   1.00 66.96  ? 17  C   B "C1'" 1 
ATOM   621  N  N1    . C   B 2 16 ? -18.426 7.249   3.964   1.00 65.62  ? 17  C   B N1    1 
ATOM   622  C  C2    . C   B 2 16 ? -18.536 8.545   3.457   1.00 65.49  ? 17  C   B C2    1 
ATOM   623  O  O2    . C   B 2 16 ? -19.471 8.804   2.689   1.00 67.50  ? 17  C   B O2    1 
ATOM   624  N  N3    . C   B 2 16 ? -17.625 9.479   3.810   1.00 64.59  ? 17  C   B N3    1 
ATOM   625  C  C4    . C   B 2 16 ? -16.630 9.154   4.637   1.00 63.89  ? 17  C   B C4    1 
ATOM   626  N  N4    . C   B 2 16 ? -15.750 10.102  4.950   1.00 61.35  ? 17  C   B N4    1 
ATOM   627  C  C5    . C   B 2 16 ? -16.498 7.837   5.178   1.00 64.58  ? 17  C   B C5    1 
ATOM   628  C  C6    . C   B 2 16 ? -17.409 6.926   4.818   1.00 63.70  ? 17  C   B C6    1 
ATOM   629  P  P     . A   B 2 17 ? -16.936 3.642   0.475   1.00 69.67  ? 18  A   B P     1 
ATOM   630  O  OP1   . A   B 2 17 ? -16.974 2.456   -0.420  1.00 67.34  ? 18  A   B OP1   1 
ATOM   631  O  OP2   . A   B 2 17 ? -15.721 3.922   1.276   1.00 69.26  ? 18  A   B OP2   1 
ATOM   632  O  "O5'" . A   B 2 17 ? -17.259 4.945   -0.374  1.00 68.58  ? 18  A   B "O5'" 1 
ATOM   633  C  "C5'" . A   B 2 17 ? -18.401 4.991   -1.206  1.00 64.23  ? 18  A   B "C5'" 1 
ATOM   634  C  "C4'" . A   B 2 17 ? -18.508 6.335   -1.862  1.00 64.62  ? 18  A   B "C4'" 1 
ATOM   635  O  "O4'" . A   B 2 17 ? -18.733 7.342   -0.841  1.00 65.08  ? 18  A   B "O4'" 1 
ATOM   636  C  "C3'" . A   B 2 17 ? -17.229 6.804   -2.527  1.00 66.69  ? 18  A   B "C3'" 1 
ATOM   637  O  "O3'" . A   B 2 17 ? -17.080 6.263   -3.818  1.00 73.28  ? 18  A   B "O3'" 1 
ATOM   638  C  "C2'" . A   B 2 17 ? -17.424 8.308   -2.567  1.00 66.16  ? 18  A   B "C2'" 1 
ATOM   639  O  "O2'" . A   B 2 17 ? -18.297 8.703   -3.604  1.00 65.88  ? 18  A   B "O2'" 1 
ATOM   640  C  "C1'" . A   B 2 17 ? -18.095 8.549   -1.220  1.00 65.57  ? 18  A   B "C1'" 1 
ATOM   641  N  N9    . A   B 2 17 ? -17.104 8.903   -0.213  1.00 64.98  ? 18  A   B N9    1 
ATOM   642  C  C8    . A   B 2 17 ? -16.535 8.137   0.776   1.00 63.95  ? 18  A   B C8    1 
ATOM   643  N  N7    . A   B 2 17 ? -15.650 8.786   1.497   1.00 63.58  ? 18  A   B N7    1 
ATOM   644  C  C5    . A   B 2 17 ? -15.640 10.061  0.945   1.00 63.01  ? 18  A   B C5    1 
ATOM   645  C  C6    . A   B 2 17 ? -14.910 11.222  1.249   1.00 61.64  ? 18  A   B C6    1 
ATOM   646  N  N6    . A   B 2 17 ? -14.013 11.293  2.229   1.00 60.46  ? 18  A   B N6    1 
ATOM   647  N  N1    . A   B 2 17 ? -15.134 12.321  0.499   1.00 61.61  ? 18  A   B N1    1 
ATOM   648  C  C2    . A   B 2 17 ? -16.035 12.250  -0.488  1.00 63.56  ? 18  A   B C2    1 
ATOM   649  N  N3    . A   B 2 17 ? -16.786 11.222  -0.870  1.00 62.68  ? 18  A   B N3    1 
ATOM   650  C  C4    . A   B 2 17 ? -16.534 10.146  -0.104  1.00 63.92  ? 18  A   B C4    1 
ATOM   651  P  P     . G   B 2 18 ? -15.622 6.191   -4.473  1.00 78.22  ? 19  G   B P     1 
ATOM   652  O  OP1   . G   B 2 18 ? -15.790 5.498   -5.773  1.00 73.68  ? 19  G   B OP1   1 
ATOM   653  O  OP2   . G   B 2 18 ? -14.690 5.636   -3.454  1.00 77.62  ? 19  G   B OP2   1 
ATOM   654  O  "O5'" . G   B 2 18 ? -15.241 7.718   -4.746  1.00 74.72  ? 19  G   B "O5'" 1 
ATOM   655  C  "C5'" . G   B 2 18 ? -15.923 8.446   -5.755  1.00 70.53  ? 19  G   B "C5'" 1 
ATOM   656  C  "C4'" . G   B 2 18 ? -15.431 9.874   -5.838  1.00 71.01  ? 19  G   B "C4'" 1 
ATOM   657  O  "O4'" . G   B 2 18 ? -15.674 10.551  -4.573  1.00 71.37  ? 19  G   B "O4'" 1 
ATOM   658  C  "C3'" . G   B 2 18 ? -13.936 10.047  -6.038  1.00 74.46  ? 19  G   B "C3'" 1 
ATOM   659  O  "O3'" . G   B 2 18 ? -13.549 9.896   -7.393  1.00 78.47  ? 19  G   B "O3'" 1 
ATOM   660  C  "C2'" . G   B 2 18 ? -13.704 11.464  -5.534  1.00 73.40  ? 19  G   B "C2'" 1 
ATOM   661  O  "O2'" . G   B 2 18 ? -14.069 12.462  -6.464  1.00 74.18  ? 19  G   B "O2'" 1 
ATOM   662  C  "C1'" . G   B 2 18 ? -14.662 11.518  -4.350  1.00 69.71  ? 19  G   B "C1'" 1 
ATOM   663  N  N9    . G   B 2 18 ? -13.952 11.215  -3.119  1.00 66.74  ? 19  G   B N9    1 
ATOM   664  C  C8    . G   B 2 18 ? -13.943 10.045  -2.405  1.00 66.02  ? 19  G   B C8    1 
ATOM   665  N  N7    . G   B 2 18 ? -13.153 10.092  -1.368  1.00 65.65  ? 19  G   B N7    1 
ATOM   666  C  C5    . G   B 2 18 ? -12.619 11.373  -1.401  1.00 63.80  ? 19  G   B C5    1 
ATOM   667  C  C6    . G   B 2 18 ? -11.689 12.006  -0.544  1.00 63.47  ? 19  G   B C6    1 
ATOM   668  O  O6    . G   B 2 18 ? -11.126 11.549  0.455   1.00 63.21  ? 19  G   B O6    1 
ATOM   669  N  N1    . G   B 2 18 ? -11.426 13.307  -0.950  1.00 63.85  ? 19  G   B N1    1 
ATOM   670  C  C2    . G   B 2 18 ? -11.981 13.919  -2.039  1.00 64.33  ? 19  G   B C2    1 
ATOM   671  N  N2    . G   B 2 18 ? -11.605 15.179  -2.260  1.00 64.80  ? 19  G   B N2    1 
ATOM   672  N  N3    . G   B 2 18 ? -12.843 13.340  -2.848  1.00 63.77  ? 19  G   B N3    1 
ATOM   673  C  C4    . G   B 2 18 ? -13.114 12.078  -2.470  1.00 64.48  ? 19  G   B C4    1 
ATOM   674  P  P     . A   B 2 19 ? -12.094 9.304   -7.738  1.00 83.96  ? 20  A   B P     1 
ATOM   675  O  OP1   . A   B 2 19 ? -12.029 9.176   -9.218  1.00 80.35  ? 20  A   B OP1   1 
ATOM   676  O  OP2   . A   B 2 19 ? -11.875 8.106   -6.886  1.00 84.21  ? 20  A   B OP2   1 
ATOM   677  O  "O5'" . A   B 2 19 ? -11.082 10.439  -7.250  1.00 77.52  ? 20  A   B "O5'" 1 
ATOM   678  C  "C5'" . A   B 2 19 ? -11.087 11.716  -7.873  1.00 72.37  ? 20  A   B "C5'" 1 
ATOM   679  C  "C4'" . A   B 2 19 ? -10.199 12.679  -7.129  1.00 69.60  ? 20  A   B "C4'" 1 
ATOM   680  O  "O4'" . A   B 2 19 ? -10.731 12.898  -5.797  1.00 69.55  ? 20  A   B "O4'" 1 
ATOM   681  C  "C3'" . A   B 2 19 ? -8.782  12.203  -6.888  1.00 67.90  ? 20  A   B "C3'" 1 
ATOM   682  O  "O3'" . A   B 2 19 ? -7.953  12.461  -8.003  1.00 70.26  ? 20  A   B "O3'" 1 
ATOM   683  C  "C2'" . A   B 2 19 ? -8.363  13.032  -5.686  1.00 66.49  ? 20  A   B "C2'" 1 
ATOM   684  O  "O2'" . A   B 2 19 ? -7.956  14.335  -6.028  1.00 64.09  ? 20  A   B "O2'" 1 
ATOM   685  C  "C1'" . A   B 2 19 ? -9.661  13.074  -4.883  1.00 66.03  ? 20  A   B "C1'" 1 
ATOM   686  N  N9    . A   B 2 19 ? -9.686  11.968  -3.939  1.00 63.53  ? 20  A   B N9    1 
ATOM   687  C  C8    . A   B 2 19 ? -10.393 10.795  -4.006  1.00 61.83  ? 20  A   B C8    1 
ATOM   688  N  N7    . A   B 2 19 ? -10.158 9.983   -3.005  1.00 61.13  ? 20  A   B N7    1 
ATOM   689  C  C5    . A   B 2 19 ? -9.243  10.674  -2.226  1.00 58.90  ? 20  A   B C5    1 
ATOM   690  C  C6    . A   B 2 19 ? -8.595  10.354  -1.036  1.00 58.19  ? 20  A   B C6    1 
ATOM   691  N  N6    . A   B 2 19 ? -8.777  9.204   -0.389  1.00 57.42  ? 20  A   B N6    1 
ATOM   692  N  N1    . A   B 2 19 ? -7.738  11.262  -0.520  1.00 59.88  ? 20  A   B N1    1 
ATOM   693  C  C2    . A   B 2 19 ? -7.556  12.414  -1.174  1.00 60.21  ? 20  A   B C2    1 
ATOM   694  N  N3    . A   B 2 19 ? -8.109  12.831  -2.306  1.00 61.27  ? 20  A   B N3    1 
ATOM   695  C  C4    . A   B 2 19 ? -8.952  11.900  -2.785  1.00 60.57  ? 20  A   B C4    1 
ATOM   696  P  P     . G   B 2 20 ? -6.727  11.476  -8.313  1.00 74.26  ? 21  G   B P     1 
ATOM   697  O  OP1   . G   B 2 20 ? -5.944  12.010  -9.458  1.00 70.21  ? 21  G   B OP1   1 
ATOM   698  O  OP2   . G   B 2 20 ? -7.307  10.107  -8.381  1.00 67.33  ? 21  G   B OP2   1 
ATOM   699  O  "O5'" . G   B 2 20 ? -5.806  11.606  -7.022  1.00 72.16  ? 21  G   B "O5'" 1 
ATOM   700  C  "C5'" . G   B 2 20 ? -5.231  12.856  -6.676  1.00 68.09  ? 21  G   B "C5'" 1 
ATOM   701  C  "C4'" . G   B 2 20 ? -4.430  12.732  -5.408  1.00 68.15  ? 21  G   B "C4'" 1 
ATOM   702  O  "O4'" . G   B 2 20 ? -5.317  12.470  -4.288  1.00 68.62  ? 21  G   B "O4'" 1 
ATOM   703  C  "C3'" . G   B 2 20 ? -3.453  11.575  -5.385  1.00 68.23  ? 21  G   B "C3'" 1 
ATOM   704  O  "O3'" . G   B 2 20 ? -2.230  11.943  -5.995  1.00 71.43  ? 21  G   B "O3'" 1 
ATOM   705  C  "C2'" . G   B 2 20 ? -3.260  11.362  -3.895  1.00 69.00  ? 21  G   B "C2'" 1 
ATOM   706  O  "O2'" . G   B 2 20 ? -2.383  12.345  -3.380  1.00 67.58  ? 21  G   B "O2'" 1 
ATOM   707  C  "C1'" . G   B 2 20 ? -4.676  11.603  -3.365  1.00 66.62  ? 21  G   B "C1'" 1 
ATOM   708  N  N9    . G   B 2 20 ? -5.463  10.375  -3.256  1.00 63.62  ? 21  G   B N9    1 
ATOM   709  C  C8    . G   B 2 20 ? -6.277  9.829   -4.219  1.00 61.53  ? 21  G   B C8    1 
ATOM   710  N  N7    . G   B 2 20 ? -6.845  8.716   -3.839  1.00 61.01  ? 21  G   B N7    1 
ATOM   711  C  C5    . G   B 2 20 ? -6.381  8.513   -2.545  1.00 61.31  ? 21  G   B C5    1 
ATOM   712  C  C6    . G   B 2 20 ? -6.652  7.463   -1.616  1.00 61.63  ? 21  G   B C6    1 
ATOM   713  O  O6    . G   B 2 20 ? -7.381  6.476   -1.758  1.00 64.06  ? 21  G   B O6    1 
ATOM   714  N  N1    . G   B 2 20 ? -5.971  7.645   -0.420  1.00 60.92  ? 21  G   B N1    1 
ATOM   715  C  C2    . G   B 2 20 ? -5.137  8.694   -0.143  1.00 60.45  ? 21  G   B C2    1 
ATOM   716  N  N2    . G   B 2 20 ? -4.571  8.675   1.066   1.00 57.11  ? 21  G   B N2    1 
ATOM   717  N  N3    . G   B 2 20 ? -4.877  9.684   -0.991  1.00 61.02  ? 21  G   B N3    1 
ATOM   718  C  C4    . G   B 2 20 ? -5.529  9.528   -2.167  1.00 61.49  ? 21  G   B C4    1 
ATOM   719  P  P     . A   B 2 21 ? -1.526  10.938  -7.027  1.00 72.63  ? 22  A   B P     1 
ATOM   720  O  OP1   . A   B 2 21 ? -2.002  11.279  -8.390  1.00 71.12  ? 22  A   B OP1   1 
ATOM   721  O  OP2   . A   B 2 21 ? -1.683  9.547   -6.521  1.00 74.85  ? 22  A   B OP2   1 
ATOM   722  O  "O5'" . A   B 2 21 ? 0.007   11.334  -6.913  1.00 70.01  ? 22  A   B "O5'" 1 
ATOM   723  C  "C5'" . A   B 2 21 ? 0.855   10.716  -5.956  1.00 66.93  ? 22  A   B "C5'" 1 
ATOM   724  C  "C4'" . A   B 2 21 ? 1.325   11.733  -4.949  1.00 65.83  ? 22  A   B "C4'" 1 
ATOM   725  O  "O4'" . A   B 2 21 ? 0.284   11.951  -3.957  1.00 64.99  ? 22  A   B "O4'" 1 
ATOM   726  C  "C3'" . A   B 2 21 ? 2.520   11.289  -4.132  1.00 66.02  ? 22  A   B "C3'" 1 
ATOM   727  O  "O3'" . A   B 2 21 ? 3.704   11.568  -4.854  1.00 64.89  ? 22  A   B "O3'" 1 
ATOM   728  C  "C2'" . A   B 2 21 ? 2.393   12.141  -2.877  1.00 65.02  ? 22  A   B "C2'" 1 
ATOM   729  O  "O2'" . A   B 2 21 ? 2.878   13.452  -3.067  1.00 65.32  ? 22  A   B "O2'" 1 
ATOM   730  C  "C1'" . A   B 2 21 ? 0.875   12.164  -2.682  1.00 65.25  ? 22  A   B "C1'" 1 
ATOM   731  N  N9    . A   B 2 21 ? 0.410   11.112  -1.772  1.00 64.54  ? 22  A   B N9    1 
ATOM   732  C  C8    . A   B 2 21 ? -0.385  10.025  -2.057  1.00 64.43  ? 22  A   B C8    1 
ATOM   733  N  N7    . A   B 2 21 ? -0.603  9.243   -1.028  1.00 61.51  ? 22  A   B N7    1 
ATOM   734  C  C5    . A   B 2 21 ? 0.091   9.857   0.006   1.00 62.77  ? 22  A   B C5    1 
ATOM   735  C  C6    . A   B 2 21 ? 0.266   9.515   1.356   1.00 62.75  ? 22  A   B C6    1 
ATOM   736  N  N6    . A   B 2 21 ? -0.245  8.418   1.908   1.00 63.85  ? 22  A   B N6    1 
ATOM   737  N  N1    . A   B 2 21 ? 1.003   10.345  2.125   1.00 61.85  ? 22  A   B N1    1 
ATOM   738  C  C2    . A   B 2 21 ? 1.535   11.436  1.559   1.00 62.38  ? 22  A   B C2    1 
ATOM   739  N  N3    . A   B 2 21 ? 1.453   11.858  0.298   1.00 62.78  ? 22  A   B N3    1 
ATOM   740  C  C4    . A   B 2 21 ? 0.708   11.014  -0.434  1.00 63.06  ? 22  A   B C4    1 
ATOM   741  P  P     . A   B 2 22 ? 4.938   10.553  -4.766  1.00 66.29  ? 23  A   B P     1 
ATOM   742  O  OP1   . A   B 2 22 ? 6.023   11.099  -5.611  1.00 69.93  ? 23  A   B OP1   1 
ATOM   743  O  OP2   . A   B 2 22 ? 4.431   9.187   -5.023  1.00 61.57  ? 23  A   B OP2   1 
ATOM   744  O  "O5'" . A   B 2 22 ? 5.392   10.661  -3.247  1.00 64.14  ? 23  A   B "O5'" 1 
ATOM   745  C  "C5'" . A   B 2 22 ? 5.791   11.911  -2.702  1.00 63.65  ? 23  A   B "C5'" 1 
ATOM   746  C  "C4'" . A   B 2 22 ? 5.985   11.784  -1.216  1.00 66.92  ? 23  A   B "C4'" 1 
ATOM   747  O  "O4'" . A   B 2 22 ? 4.699   11.551  -0.588  1.00 68.51  ? 23  A   B "O4'" 1 
ATOM   748  C  "C3'" . A   B 2 22 ? 6.836   10.602  -0.783  1.00 68.10  ? 23  A   B "C3'" 1 
ATOM   749  O  "O3'" . A   B 2 22 ? 8.214   10.928  -0.826  1.00 69.59  ? 23  A   B "O3'" 1 
ATOM   750  C  "C2'" . A   B 2 22 ? 6.357   10.362  0.640   1.00 67.15  ? 23  A   B "C2'" 1 
ATOM   751  O  "O2'" . A   B 2 22 ? 6.951   11.228  1.581   1.00 65.34  ? 23  A   B "O2'" 1 
ATOM   752  C  "C1'" . A   B 2 22 ? 4.862   10.665  0.508   1.00 67.33  ? 23  A   B "C1'" 1 
ATOM   753  N  N9    . A   B 2 22 ? 4.097   9.451   0.237   1.00 63.41  ? 23  A   B N9    1 
ATOM   754  C  C8    . A   B 2 22 ? 3.576   9.013   -0.952  1.00 60.93  ? 23  A   B C8    1 
ATOM   755  N  N7    . A   B 2 22 ? 2.980   7.849   -0.867  1.00 60.83  ? 23  A   B N7    1 
ATOM   756  C  C5    . A   B 2 22 ? 3.112   7.505   0.471   1.00 60.14  ? 23  A   B C5    1 
ATOM   757  C  C6    . A   B 2 22 ? 2.706   6.384   1.203   1.00 59.70  ? 23  A   B C6    1 
ATOM   758  N  N6    . A   B 2 22 ? 2.073   5.340   0.671   1.00 59.52  ? 23  A   B N6    1 
ATOM   759  N  N1    . A   B 2 22 ? 2.982   6.363   2.521   1.00 62.26  ? 23  A   B N1    1 
ATOM   760  C  C2    . A   B 2 22 ? 3.634   7.395   3.055   1.00 62.49  ? 23  A   B C2    1 
ATOM   761  N  N3    . A   B 2 22 ? 4.080   8.496   2.471   1.00 62.84  ? 23  A   B N3    1 
ATOM   762  C  C4    . A   B 2 22 ? 3.784   8.489   1.162   1.00 61.18  ? 23  A   B C4    1 
ATOM   763  P  P     . A   B 2 23 ? 9.297   9.769   -1.056  1.00 70.79  ? 24  A   B P     1 
ATOM   764  O  OP1   . A   B 2 23 ? 10.646  10.388  -1.090  1.00 71.87  ? 24  A   B OP1   1 
ATOM   765  O  OP2   . A   B 2 23 ? 8.844   8.930   -2.195  1.00 66.02  ? 24  A   B OP2   1 
ATOM   766  O  "O5'" . A   B 2 23 ? 9.204   8.910   0.274   1.00 67.86  ? 24  A   B "O5'" 1 
ATOM   767  C  "C5'" . A   B 2 23 ? 9.659   9.436   1.505   1.00 62.35  ? 24  A   B "C5'" 1 
ATOM   768  C  "C4'" . A   B 2 23 ? 9.345   8.470   2.605   1.00 62.16  ? 24  A   B "C4'" 1 
ATOM   769  O  "O4'" . A   B 2 23 ? 7.908   8.301   2.662   1.00 63.50  ? 24  A   B "O4'" 1 
ATOM   770  C  "C3'" . A   B 2 23 ? 9.876   7.070   2.390   1.00 61.92  ? 24  A   B "C3'" 1 
ATOM   771  O  "O3'" . A   B 2 23 ? 11.223  6.973   2.820   1.00 61.84  ? 24  A   B "O3'" 1 
ATOM   772  C  "C2'" . A   B 2 23 ? 8.922   6.238   3.237   1.00 62.82  ? 24  A   B "C2'" 1 
ATOM   773  O  "O2'" . A   B 2 23 ? 9.204   6.288   4.620   1.00 62.14  ? 24  A   B "O2'" 1 
ATOM   774  C  "C1'" . A   B 2 23 ? 7.600   6.957   2.973   1.00 61.34  ? 24  A   B "C1'" 1 
ATOM   775  N  N9    . A   B 2 23 ? 6.907   6.398   1.820   1.00 59.59  ? 24  A   B N9    1 
ATOM   776  C  C8    . A   B 2 23 ? 6.783   6.953   0.571   1.00 57.96  ? 24  A   B C8    1 
ATOM   777  N  N7    . A   B 2 23 ? 6.107   6.213   -0.271  1.00 58.51  ? 24  A   B N7    1 
ATOM   778  C  C5    . A   B 2 23 ? 5.759   5.094   0.477   1.00 58.74  ? 24  A   B C5    1 
ATOM   779  C  C6    . A   B 2 23 ? 5.032   3.935   0.162   1.00 57.66  ? 24  A   B C6    1 
ATOM   780  N  N6    . A   B 2 23 ? 4.509   3.696   -1.043  1.00 55.23  ? 24  A   B N6    1 
ATOM   781  N  N1    . A   B 2 23 ? 4.860   3.019   1.139   1.00 56.44  ? 24  A   B N1    1 
ATOM   782  C  C2    . A   B 2 23 ? 5.389   3.259   2.345   1.00 56.98  ? 24  A   B C2    1 
ATOM   783  N  N3    . A   B 2 23 ? 6.094   4.306   2.761   1.00 57.90  ? 24  A   B N3    1 
ATOM   784  C  C4    . A   B 2 23 ? 6.244   5.198   1.767   1.00 58.70  ? 24  A   B C4    1 
ATOM   785  P  P     . C   B 2 24 ? 12.245  6.042   2.007   1.00 65.74  ? 25  C   B P     1 
ATOM   786  O  OP1   . C   B 2 24 ? 13.572  6.126   2.664   1.00 60.03  ? 25  C   B OP1   1 
ATOM   787  O  OP2   . C   B 2 24 ? 12.103  6.400   0.565   1.00 60.99  ? 25  C   B OP2   1 
ATOM   788  O  "O5'" . C   B 2 24 ? 11.678  4.569   2.231   1.00 62.53  ? 25  C   B "O5'" 1 
ATOM   789  C  "C5'" . C   B 2 24 ? 11.653  3.996   3.531   1.00 57.83  ? 25  C   B "C5'" 1 
ATOM   790  C  "C4'" . C   B 2 24 ? 10.924  2.678   3.513   1.00 56.36  ? 25  C   B "C4'" 1 
ATOM   791  O  "O4'" . C   B 2 24 ? 9.539   2.904   3.163   1.00 58.86  ? 25  C   B "O4'" 1 
ATOM   792  C  "C3'" . C   B 2 24 ? 11.413  1.676   2.485   1.00 57.39  ? 25  C   B "C3'" 1 
ATOM   793  O  "O3'" . C   B 2 24 ? 12.510  0.943   3.001   1.00 60.33  ? 25  C   B "O3'" 1 
ATOM   794  C  "C2'" . C   B 2 24 ? 10.191  0.794   2.290   1.00 55.09  ? 25  C   B "C2'" 1 
ATOM   795  O  "O2'" . C   B 2 24 ? 10.038  -0.148  3.328   1.00 54.69  ? 25  C   B "O2'" 1 
ATOM   796  C  "C1'" . C   B 2 24 ? 9.066   1.824   2.378   1.00 55.27  ? 25  C   B "C1'" 1 
ATOM   797  N  N1    . C   B 2 24 ? 8.688   2.350   1.061   1.00 53.96  ? 25  C   B N1    1 
ATOM   798  C  C2    . C   B 2 24 ? 7.872   1.559   0.224   1.00 54.04  ? 25  C   B C2    1 
ATOM   799  O  O2    . C   B 2 24 ? 7.485   0.455   0.630   1.00 54.36  ? 25  C   B O2    1 
ATOM   800  N  N3    . C   B 2 24 ? 7.530   2.022   -0.997  1.00 51.70  ? 25  C   B N3    1 
ATOM   801  C  C4    . C   B 2 24 ? 7.963   3.216   -1.397  1.00 51.19  ? 25  C   B C4    1 
ATOM   802  N  N4    . C   B 2 24 ? 7.603   3.625   -2.615  1.00 50.21  ? 25  C   B N4    1 
ATOM   803  C  C5    . C   B 2 24 ? 8.785   4.046   -0.566  1.00 51.45  ? 25  C   B C5    1 
ATOM   804  C  C6    . C   B 2 24 ? 9.119   3.576   0.644   1.00 49.70  ? 25  C   B C6    1 
ATOM   805  P  P     . A   B 2 25 ? 13.497  0.173   1.999   1.00 63.29  ? 26  A   B P     1 
ATOM   806  O  OP1   . A   B 2 25 ? 14.540  -0.453  2.843   1.00 63.25  ? 26  A   B OP1   1 
ATOM   807  O  OP2   . A   B 2 25 ? 13.882  1.080   0.893   1.00 58.28  ? 26  A   B OP2   1 
ATOM   808  O  "O5'" . A   B 2 25 ? 12.606  -0.981  1.376   1.00 55.82  ? 26  A   B "O5'" 1 
ATOM   809  C  "C5'" . A   B 2 25 ? 12.211  -2.075  2.170   1.00 50.48  ? 26  A   B "C5'" 1 
ATOM   810  C  "C4'" . A   B 2 25 ? 11.303  -2.966  1.385   1.00 52.99  ? 26  A   B "C4'" 1 
ATOM   811  O  "O4'" . A   B 2 25 ? 10.152  -2.194  0.965   1.00 51.22  ? 26  A   B "O4'" 1 
ATOM   812  C  "C3'" . A   B 2 25 ? 11.885  -3.458  0.081   1.00 54.73  ? 26  A   B "C3'" 1 
ATOM   813  O  "O3'" . A   B 2 25 ? 12.706  -4.590  0.270   1.00 59.78  ? 26  A   B "O3'" 1 
ATOM   814  C  "C2'" . A   B 2 25 ? 10.637  -3.778  -0.723  1.00 52.92  ? 26  A   B "C2'" 1 
ATOM   815  O  "O2'" . A   B 2 25 ? 10.041  -4.990  -0.313  1.00 53.58  ? 26  A   B "O2'" 1 
ATOM   816  C  "C1'" . A   B 2 25 ? 9.730   -2.625  -0.312  1.00 48.03  ? 26  A   B "C1'" 1 
ATOM   817  N  N9    . A   B 2 25 ? 9.830   -1.492  -1.218  1.00 46.89  ? 26  A   B N9    1 
ATOM   818  C  C8    . A   B 2 25 ? 10.454  -0.295  -1.000  1.00 47.63  ? 26  A   B C8    1 
ATOM   819  N  N7    . A   B 2 25 ? 10.331  0.553   -1.994  1.00 47.89  ? 26  A   B N7    1 
ATOM   820  C  C5    . A   B 2 25 ? 9.584   -0.141  -2.931  1.00 46.04  ? 26  A   B C5    1 
ATOM   821  C  C6    . A   B 2 25 ? 9.102   0.212   -4.199  1.00 47.84  ? 26  A   B C6    1 
ATOM   822  N  N6    . A   B 2 25 ? 9.314   1.401   -4.766  1.00 48.15  ? 26  A   B N6    1 
ATOM   823  N  N1    . A   B 2 25 ? 8.384   -0.710  -4.877  1.00 49.31  ? 26  A   B N1    1 
ATOM   824  C  C2    . A   B 2 25 ? 8.177   -1.910  -4.304  1.00 50.75  ? 26  A   B C2    1 
ATOM   825  N  N3    . A   B 2 25 ? 8.581   -2.359  -3.114  1.00 49.38  ? 26  A   B N3    1 
ATOM   826  C  C4    . A   B 2 25 ? 9.283   -1.409  -2.471  1.00 46.89  ? 26  A   B C4    1 
ATOM   827  P  P     . C   B 2 26 ? 13.892  -4.877  -0.768  1.00 65.36  ? 27  C   B P     1 
ATOM   828  O  OP1   . C   B 2 26 ? 14.541  -6.131  -0.323  1.00 62.87  ? 27  C   B OP1   1 
ATOM   829  O  OP2   . C   B 2 26 ? 14.696  -3.630  -0.909  1.00 61.21  ? 27  C   B OP2   1 
ATOM   830  O  "O5'" . C   B 2 26 ? 13.141  -5.143  -2.149  1.00 60.03  ? 27  C   B "O5'" 1 
ATOM   831  C  "C5'" . C   B 2 26 ? 12.286  -6.267  -2.297  1.00 56.82  ? 27  C   B "C5'" 1 
ATOM   832  C  "C4'" . C   B 2 26 ? 11.618  -6.261  -3.652  1.00 58.12  ? 27  C   B "C4'" 1 
ATOM   833  O  "O4'" . C   B 2 26 ? 10.728  -5.119  -3.759  1.00 55.72  ? 27  C   B "O4'" 1 
ATOM   834  C  "C3'" . C   B 2 26 ? 12.551  -6.098  -4.838  1.00 60.61  ? 27  C   B "C3'" 1 
ATOM   835  O  "O3'" . C   B 2 26 ? 13.122  -7.342  -5.198  1.00 66.26  ? 27  C   B "O3'" 1 
ATOM   836  C  "C2'" . C   B 2 26 ? 11.616  -5.562  -5.914  1.00 57.23  ? 27  C   B "C2'" 1 
ATOM   837  O  "O2'" . C   B 2 26 ? 10.817  -6.562  -6.509  1.00 56.82  ? 27  C   B "O2'" 1 
ATOM   838  C  "C1'" . C   B 2 26 ? 10.722  -4.641  -5.093  1.00 52.22  ? 27  C   B "C1'" 1 
ATOM   839  N  N1    . C   B 2 26 ? 11.231  -3.273  -5.094  1.00 50.03  ? 27  C   B N1    1 
ATOM   840  C  C2    . C   B 2 26 ? 10.882  -2.435  -6.155  1.00 48.77  ? 27  C   B C2    1 
ATOM   841  O  O2    . C   B 2 26 ? 10.154  -2.882  -7.051  1.00 48.20  ? 27  C   B O2    1 
ATOM   842  N  N3    . C   B 2 26 ? 11.342  -1.160  -6.175  1.00 46.55  ? 27  C   B N3    1 
ATOM   843  C  C4    . C   B 2 26 ? 12.120  -0.722  -5.183  1.00 47.30  ? 27  C   B C4    1 
ATOM   844  N  N4    . C   B 2 26 ? 12.556  0.536   -5.234  1.00 47.92  ? 27  C   B N4    1 
ATOM   845  C  C5    . C   B 2 26 ? 12.491  -1.561  -4.087  1.00 48.85  ? 27  C   B C5    1 
ATOM   846  C  C6    . C   B 2 26 ? 12.030  -2.818  -4.084  1.00 48.47  ? 27  C   B C6    1 
ATOM   847  P  P     . A   B 2 27 ? 14.529  -7.380  -5.968  1.00 66.07  ? 28  A   B P     1 
ATOM   848  O  OP1   . A   B 2 27 ? 14.881  -8.816  -6.121  1.00 67.21  ? 28  A   B OP1   1 
ATOM   849  O  OP2   . A   B 2 27 ? 15.467  -6.461  -5.268  1.00 63.03  ? 28  A   B OP2   1 
ATOM   850  O  "O5'" . A   B 2 27 ? 14.181  -6.811  -7.412  1.00 59.95  ? 28  A   B "O5'" 1 
ATOM   851  C  "C5'" . A   B 2 27 ? 13.395  -7.582  -8.304  1.00 55.47  ? 28  A   B "C5'" 1 
ATOM   852  C  "C4'" . A   B 2 27 ? 13.125  -6.810  -9.563  1.00 59.32  ? 28  A   B "C4'" 1 
ATOM   853  O  "O4'" . A   B 2 27 ? 12.389  -5.605  -9.224  1.00 61.06  ? 28  A   B "O4'" 1 
ATOM   854  C  "C3'" . A   B 2 27 ? 14.355  -6.289  -10.285 1.00 60.54  ? 28  A   B "C3'" 1 
ATOM   855  O  "O3'" . A   B 2 27 ? 14.941  -7.259  -11.129 1.00 61.94  ? 28  A   B "O3'" 1 
ATOM   856  C  "C2'" . A   B 2 27 ? 13.785  -5.128  -11.082 1.00 59.75  ? 28  A   B "C2'" 1 
ATOM   857  O  "O2'" . A   B 2 27 ? 13.078  -5.588  -12.213 1.00 57.31  ? 28  A   B "O2'" 1 
ATOM   858  C  "C1'" . A   B 2 27 ? 12.794  -4.544  -10.079 1.00 58.28  ? 28  A   B "C1'" 1 
ATOM   859  N  N9    . A   B 2 27 ? 13.391  -3.489  -9.258  1.00 54.66  ? 28  A   B N9    1 
ATOM   860  C  C8    . A   B 2 27 ? 13.957  -3.593  -8.010  1.00 52.69  ? 28  A   B C8    1 
ATOM   861  N  N7    . A   B 2 27 ? 14.378  -2.448  -7.526  1.00 50.05  ? 28  A   B N7    1 
ATOM   862  C  C5    . A   B 2 27 ? 14.073  -1.531  -8.523  1.00 48.04  ? 28  A   B C5    1 
ATOM   863  C  C6    . A   B 2 27 ? 14.256  -0.145  -8.618  1.00 47.54  ? 28  A   B C6    1 
ATOM   864  N  N6    . A   B 2 27 ? 14.797  0.595   -7.653  1.00 45.95  ? 28  A   B N6    1 
ATOM   865  N  N1    . A   B 2 27 ? 13.851  0.470   -9.752  1.00 49.11  ? 28  A   B N1    1 
ATOM   866  C  C2    . A   B 2 27 ? 13.297  -0.271  -10.717 1.00 49.73  ? 28  A   B C2    1 
ATOM   867  N  N3    . A   B 2 27 ? 13.064  -1.583  -10.743 1.00 51.08  ? 28  A   B N3    1 
ATOM   868  C  C4    . A   B 2 27 ? 13.479  -2.160  -9.601  1.00 51.37  ? 28  A   B C4    1 
ATOM   869  P  P     . C   B 2 28 ? 16.512  -7.180  -11.438 1.00 64.74  ? 29  C   B P     1 
ATOM   870  O  OP1   . C   B 2 28 ? 16.866  -8.375  -12.241 1.00 66.85  ? 29  C   B OP1   1 
ATOM   871  O  OP2   . C   B 2 28 ? 17.218  -6.923  -10.156 1.00 61.57  ? 29  C   B OP2   1 
ATOM   872  O  "O5'" . C   B 2 28 ? 16.650  -5.893  -12.368 1.00 58.70  ? 29  C   B "O5'" 1 
ATOM   873  C  "C5'" . C   B 2 28 ? 16.160  -5.921  -13.700 1.00 55.37  ? 29  C   B "C5'" 1 
ATOM   874  C  "C4'" . C   B 2 28 ? 16.173  -4.537  -14.316 1.00 57.72  ? 29  C   B "C4'" 1 
ATOM   875  O  "O4'" . C   B 2 28 ? 15.365  -3.650  -13.498 1.00 58.45  ? 29  C   B "O4'" 1 
ATOM   876  C  "C3'" . C   B 2 28 ? 17.520  -3.830  -14.398 1.00 58.15  ? 29  C   B "C3'" 1 
ATOM   877  O  "O3'" . C   B 2 28 ? 18.270  -4.217  -15.541 1.00 58.46  ? 29  C   B "O3'" 1 
ATOM   878  C  "C2'" . C   B 2 28 ? 17.102  -2.371  -14.480 1.00 57.31  ? 29  C   B "C2'" 1 
ATOM   879  O  "O2'" . C   B 2 28 ? 16.648  -2.019  -15.769 1.00 55.42  ? 29  C   B "O2'" 1 
ATOM   880  C  "C1'" . C   B 2 28 ? 15.921  -2.347  -13.513 1.00 55.05  ? 29  C   B "C1'" 1 
ATOM   881  N  N1    . C   B 2 28 ? 16.359  -2.001  -12.157 1.00 53.27  ? 29  C   B N1    1 
ATOM   882  C  C2    . C   B 2 28 ? 16.507  -0.648  -11.837 1.00 52.78  ? 29  C   B C2    1 
ATOM   883  O  O2    . C   B 2 28 ? 16.196  0.197   -12.689 1.00 52.75  ? 29  C   B O2    1 
ATOM   884  N  N3    . C   B 2 28 ? 16.980  -0.298  -10.614 1.00 50.25  ? 29  C   B N3    1 
ATOM   885  C  C4    . C   B 2 28 ? 17.290  -1.248  -9.730  1.00 50.09  ? 29  C   B C4    1 
ATOM   886  N  N4    . C   B 2 28 ? 17.789  -0.869  -8.557  1.00 47.20  ? 29  C   B N4    1 
ATOM   887  C  C5    . C   B 2 28 ? 17.110  -2.638  -10.016 1.00 52.03  ? 29  C   B C5    1 
ATOM   888  C  C6    . C   B 2 28 ? 16.644  -2.966  -11.233 1.00 52.83  ? 29  C   B C6    1 
ATOM   889  P  P     . G   B 2 29 ? 19.870  -4.125  -15.507 1.00 58.07  ? 30  G   B P     1 
ATOM   890  O  OP1   . G   B 2 29 ? 20.377  -4.766  -16.735 1.00 61.90  ? 30  G   B OP1   1 
ATOM   891  O  OP2   . G   B 2 29 ? 20.352  -4.595  -14.188 1.00 61.90  ? 30  G   B OP2   1 
ATOM   892  O  "O5'" . G   B 2 29 ? 20.151  -2.567  -15.617 1.00 58.33  ? 30  G   B "O5'" 1 
ATOM   893  C  "C5'" . G   B 2 29 ? 19.723  -1.859  -16.764 1.00 57.31  ? 30  G   B "C5'" 1 
ATOM   894  C  "C4'" . G   B 2 29 ? 19.953  -0.384  -16.589 1.00 60.28  ? 30  G   B "C4'" 1 
ATOM   895  O  "O4'" . G   B 2 29 ? 19.067  0.111   -15.554 1.00 64.14  ? 30  G   B "O4'" 1 
ATOM   896  C  "C3'" . G   B 2 29 ? 21.332  0.014   -16.101 1.00 61.54  ? 30  G   B "C3'" 1 
ATOM   897  O  "O3'" . G   B 2 29 ? 22.293  0.070   -17.140 1.00 62.21  ? 30  G   B "O3'" 1 
ATOM   898  C  "C2'" . G   B 2 29 ? 21.060  1.379   -15.499 1.00 61.04  ? 30  G   B "C2'" 1 
ATOM   899  O  "O2'" . G   B 2 29 ? 20.872  2.341   -16.509 1.00 58.28  ? 30  G   B "O2'" 1 
ATOM   900  C  "C1'" . G   B 2 29 ? 19.714  1.138   -14.826 1.00 61.93  ? 30  G   B "C1'" 1 
ATOM   901  N  N9    . G   B 2 29 ? 19.894  0.693   -13.449 1.00 61.98  ? 30  G   B N9    1 
ATOM   902  C  C8    . G   B 2 29 ? 19.744  -0.576  -12.944 1.00 60.67  ? 30  G   B C8    1 
ATOM   903  N  N7    . G   B 2 29 ? 20.015  -0.652  -11.669 1.00 60.15  ? 30  G   B N7    1 
ATOM   904  C  C5    . G   B 2 29 ? 20.352  0.646   -11.310 1.00 59.77  ? 30  G   B C5    1 
ATOM   905  C  C6    . G   B 2 29 ? 20.749  1.188   -10.056 1.00 59.32  ? 30  G   B C6    1 
ATOM   906  O  O6    . G   B 2 29 ? 20.867  0.615   -8.974  1.00 58.77  ? 30  G   B O6    1 
ATOM   907  N  N1    . G   B 2 29 ? 21.018  2.548   -10.147 1.00 58.87  ? 30  G   B N1    1 
ATOM   908  C  C2    . G   B 2 29 ? 20.911  3.297   -11.290 1.00 59.50  ? 30  G   B C2    1 
ATOM   909  N  N2    . G   B 2 29 ? 21.228  4.592   -11.179 1.00 60.79  ? 30  G   B N2    1 
ATOM   910  N  N3    . G   B 2 29 ? 20.525  2.813   -12.457 1.00 60.29  ? 30  G   B N3    1 
ATOM   911  C  C4    . G   B 2 29 ? 20.273  1.489   -12.397 1.00 61.16  ? 30  G   B C4    1 
ATOM   912  P  P     . A   B 2 30 ? 23.804  -0.359  -16.825 1.00 63.54  ? 31  A   B P     1 
ATOM   913  O  OP1   . A   B 2 30 ? 24.553  -0.265  -18.090 1.00 64.54  ? 31  A   B OP1   1 
ATOM   914  O  OP2   . A   B 2 30 ? 23.731  -1.653  -16.102 1.00 62.87  ? 31  A   B OP2   1 
ATOM   915  O  "O5'" . A   B 2 30 ? 24.339  0.784   -15.848 1.00 63.51  ? 31  A   B "O5'" 1 
ATOM   916  C  "C5'" . A   B 2 30 ? 24.368  2.136   -16.299 1.00 66.88  ? 31  A   B "C5'" 1 
ATOM   917  C  "C4'" . A   B 2 30 ? 24.821  3.080   -15.209 1.00 68.54  ? 31  A   B "C4'" 1 
ATOM   918  O  "O4'" . A   B 2 30 ? 23.840  3.095   -14.139 1.00 71.49  ? 31  A   B "O4'" 1 
ATOM   919  C  "C3'" . A   B 2 30 ? 26.113  2.704   -14.498 1.00 68.67  ? 31  A   B "C3'" 1 
ATOM   920  O  "O3'" . A   B 2 30 ? 27.309  3.015   -15.194 1.00 71.72  ? 31  A   B "O3'" 1 
ATOM   921  C  "C2'" . A   B 2 30 ? 25.988  3.456   -13.184 1.00 68.65  ? 31  A   B "C2'" 1 
ATOM   922  O  "O2'" . A   B 2 30 ? 26.265  4.831   -13.345 1.00 71.18  ? 31  A   B "O2'" 1 
ATOM   923  C  "C1'" . A   B 2 30 ? 24.498  3.302   -12.896 1.00 69.12  ? 31  A   B "C1'" 1 
ATOM   924  N  N9    . A   B 2 30 ? 24.212  2.190   -11.992 1.00 66.78  ? 31  A   B N9    1 
ATOM   925  C  C8    . A   B 2 30 ? 23.869  0.894   -12.285 1.00 66.78  ? 31  A   B C8    1 
ATOM   926  N  N7    . A   B 2 30 ? 23.712  0.139   -11.223 1.00 64.79  ? 31  A   B N7    1 
ATOM   927  C  C5    . A   B 2 30 ? 23.963  0.998   -10.165 1.00 63.31  ? 31  A   B C5    1 
ATOM   928  C  C6    . A   B 2 30 ? 23.968  0.812   -8.776  1.00 61.73  ? 31  A   B C6    1 
ATOM   929  N  N6    . A   B 2 30 ? 23.711  -0.354  -8.185  1.00 62.51  ? 31  A   B N6    1 
ATOM   930  N  N1    . A   B 2 30 ? 24.257  1.876   -8.000  1.00 61.62  ? 31  A   B N1    1 
ATOM   931  C  C2    . A   B 2 30 ? 24.523  3.039   -8.588  1.00 62.07  ? 31  A   B C2    1 
ATOM   932  N  N3    . A   B 2 30 ? 24.554  3.340   -9.879  1.00 64.64  ? 31  A   B N3    1 
ATOM   933  C  C4    . A   B 2 30 ? 24.262  2.264   -10.623 1.00 64.70  ? 31  A   B C4    1 
ATOM   934  O  "O5'" . U   C 3 1  ? 22.689  3.023   0.179   1.00 57.20  ? 31  U   C "O5'" 1 
ATOM   935  C  "C5'" . U   C 3 1  ? 23.400  4.103   0.774   1.00 61.26  ? 31  U   C "C5'" 1 
ATOM   936  C  "C4'" . U   C 3 1  ? 23.901  5.027   -0.297  1.00 63.17  ? 31  U   C "C4'" 1 
ATOM   937  O  "O4'" . U   C 3 1  ? 24.972  4.372   -1.019  1.00 65.26  ? 31  U   C "O4'" 1 
ATOM   938  C  "C3'" . U   C 3 1  ? 22.883  5.417   -1.355  1.00 60.34  ? 31  U   C "C3'" 1 
ATOM   939  O  "O3'" . U   C 3 1  ? 22.130  6.542   -0.923  1.00 59.93  ? 31  U   C "O3'" 1 
ATOM   940  C  "C2'" . U   C 3 1  ? 23.787  5.764   -2.528  1.00 64.28  ? 31  U   C "C2'" 1 
ATOM   941  O  "O2'" . U   C 3 1  ? 24.368  7.047   -2.376  1.00 65.52  ? 31  U   C "O2'" 1 
ATOM   942  C  "C1'" . U   C 3 1  ? 24.879  4.695   -2.392  1.00 66.08  ? 31  U   C "C1'" 1 
ATOM   943  N  N1    . U   C 3 1  ? 24.553  3.455   -3.115  1.00 65.81  ? 31  U   C N1    1 
ATOM   944  C  C2    . U   C 3 1  ? 24.632  3.456   -4.505  1.00 65.30  ? 31  U   C C2    1 
ATOM   945  O  O2    . U   C 3 1  ? 25.017  4.418   -5.158  1.00 65.48  ? 31  U   C O2    1 
ATOM   946  N  N3    . U   C 3 1  ? 24.254  2.280   -5.106  1.00 64.08  ? 31  U   C N3    1 
ATOM   947  C  C4    . U   C 3 1  ? 23.835  1.125   -4.480  1.00 63.57  ? 31  U   C C4    1 
ATOM   948  O  O4    . U   C 3 1  ? 23.471  0.168   -5.165  1.00 62.50  ? 31  U   C O4    1 
ATOM   949  C  C5    . U   C 3 1  ? 23.817  1.191   -3.048  1.00 62.03  ? 31  U   C C5    1 
ATOM   950  C  C6    . U   C 3 1  ? 24.164  2.324   -2.431  1.00 63.43  ? 31  U   C C6    1 
ATOM   951  P  P     . C   C 3 2  ? 20.595  6.704   -1.376  1.00 63.46  ? 32  C   C P     1 
ATOM   952  O  OP1   . C   C 3 2  ? 19.933  7.695   -0.494  1.00 61.82  ? 32  C   C OP1   1 
ATOM   953  O  OP2   . C   C 3 2  ? 20.045  5.332   -1.484  1.00 60.05  ? 32  C   C OP2   1 
ATOM   954  O  "O5'" . C   C 3 2  ? 20.679  7.359   -2.823  1.00 64.05  ? 32  C   C "O5'" 1 
ATOM   955  C  "C5'" . C   C 3 2  ? 21.441  8.543   -3.037  1.00 61.64  ? 32  C   C "C5'" 1 
ATOM   956  C  "C4'" . C   C 3 2  ? 21.756  8.697   -4.501  1.00 63.01  ? 32  C   C "C4'" 1 
ATOM   957  O  "O4'" . C   C 3 2  ? 22.651  7.631   -4.916  1.00 61.10  ? 32  C   C "O4'" 1 
ATOM   958  C  "C3'" . C   C 3 2  ? 20.558  8.558   -5.423  1.00 60.02  ? 32  C   C "C3'" 1 
ATOM   959  O  "O3'" . C   C 3 2  ? 19.875  9.787   -5.562  1.00 59.04  ? 32  C   C "O3'" 1 
ATOM   960  C  "C2'" . C   C 3 2  ? 21.207  8.145   -6.732  1.00 60.40  ? 32  C   C "C2'" 1 
ATOM   961  O  "O2'" . C   C 3 2  ? 21.771  9.252   -7.408  1.00 58.86  ? 32  C   C "O2'" 1 
ATOM   962  C  "C1'" . C   C 3 2  ? 22.319  7.225   -6.233  1.00 60.48  ? 32  C   C "C1'" 1 
ATOM   963  N  N1    . C   C 3 2  ? 21.910  5.813   -6.194  1.00 60.67  ? 32  C   C N1    1 
ATOM   964  C  C2    . C   C 3 2  ? 21.696  5.146   -7.403  1.00 60.90  ? 32  C   C C2    1 
ATOM   965  O  O2    . C   C 3 2  ? 21.857  5.763   -8.460  1.00 62.65  ? 32  C   C O2    1 
ATOM   966  N  N3    . C   C 3 2  ? 21.328  3.847   -7.391  1.00 60.37  ? 32  C   C N3    1 
ATOM   967  C  C4    . C   C 3 2  ? 21.193  3.208   -6.229  1.00 61.58  ? 32  C   C C4    1 
ATOM   968  N  N4    . C   C 3 2  ? 20.859  1.921   -6.267  1.00 60.65  ? 32  C   C N4    1 
ATOM   969  C  C5    . C   C 3 2  ? 21.400  3.863   -4.976  1.00 60.19  ? 32  C   C C5    1 
ATOM   970  C  C6    . C   C 3 2  ? 21.750  5.155   -5.006  1.00 59.48  ? 32  C   C C6    1 
ATOM   971  P  P     . G   C 3 3  ? 18.303  9.778   -5.849  1.00 61.09  ? 33  G   C P     1 
ATOM   972  O  OP1   . G   C 3 3  ? 17.791  11.147  -5.622  1.00 62.18  ? 33  G   C OP1   1 
ATOM   973  O  OP2   . G   C 3 3  ? 17.755  8.641   -5.077  1.00 60.64  ? 33  G   C OP2   1 
ATOM   974  O  "O5'" . G   C 3 3  ? 18.157  9.416   -7.393  1.00 62.34  ? 33  G   C "O5'" 1 
ATOM   975  C  "C5'" . G   C 3 3  ? 18.620  10.295  -8.420  1.00 59.49  ? 33  G   C "C5'" 1 
ATOM   976  C  "C4'" . G   C 3 3  ? 18.424  9.642   -9.761  1.00 59.29  ? 33  G   C "C4'" 1 
ATOM   977  O  "O4'" . G   C 3 3  ? 19.196  8.419   -9.801  1.00 61.73  ? 33  G   C "O4'" 1 
ATOM   978  C  "C3'" . G   C 3 3  ? 17.001  9.194   -10.038 1.00 59.18  ? 33  G   C "C3'" 1 
ATOM   979  O  "O3'" . G   C 3 3  ? 16.283  10.259  -10.635 1.00 59.39  ? 33  G   C "O3'" 1 
ATOM   980  C  "C2'" . G   C 3 3  ? 17.199  8.060   -11.034 1.00 56.54  ? 33  G   C "C2'" 1 
ATOM   981  O  "O2'" . G   C 3 3  ? 17.437  8.544   -12.331 1.00 55.66  ? 33  G   C "O2'" 1 
ATOM   982  C  "C1'" . G   C 3 3  ? 18.481  7.423   -10.510 1.00 59.24  ? 33  G   C "C1'" 1 
ATOM   983  N  N9    . G   C 3 3  ? 18.290  6.300   -9.601  1.00 59.91  ? 33  G   C N9    1 
ATOM   984  C  C8    . G   C 3 3  ? 18.477  6.308   -8.241  1.00 59.09  ? 33  G   C C8    1 
ATOM   985  N  N7    . G   C 3 3  ? 18.325  5.132   -7.697  1.00 59.65  ? 33  G   C N7    1 
ATOM   986  C  C5    . G   C 3 3  ? 17.997  4.305   -8.758  1.00 58.39  ? 33  G   C C5    1 
ATOM   987  C  C6    . G   C 3 3  ? 17.739  2.924   -8.785  1.00 58.42  ? 33  G   C C6    1 
ATOM   988  O  O6    . G   C 3 3  ? 17.758  2.127   -7.842  1.00 59.22  ? 33  G   C O6    1 
ATOM   989  N  N1    . G   C 3 3  ? 17.443  2.480   -10.071 1.00 56.06  ? 33  G   C N1    1 
ATOM   990  C  C2    . G   C 3 3  ? 17.408  3.273   -11.185 1.00 56.81  ? 33  G   C C2    1 
ATOM   991  N  N2    . G   C 3 3  ? 17.111  2.666   -12.332 1.00 58.06  ? 33  G   C N2    1 
ATOM   992  N  N3    . G   C 3 3  ? 17.651  4.569   -11.176 1.00 58.28  ? 33  G   C N3    1 
ATOM   993  C  C4    . G   C 3 3  ? 17.942  5.016   -9.937  1.00 59.59  ? 33  G   C C4    1 
ATOM   994  P  P     . U   C 3 4  ? 14.685  10.217  -10.652 1.00 63.04  ? 34  U   C P     1 
ATOM   995  O  OP1   . U   C 3 4  ? 14.201  11.417  -11.377 1.00 62.95  ? 34  U   C OP1   1 
ATOM   996  O  OP2   . U   C 3 4  ? 14.256  9.975   -9.254  1.00 63.58  ? 34  U   C OP2   1 
ATOM   997  O  "O5'" . U   C 3 4  ? 14.327  8.927   -11.517 1.00 63.14  ? 34  U   C "O5'" 1 
ATOM   998  C  "C5'" . U   C 3 4  ? 14.406  8.975   -12.933 1.00 61.57  ? 34  U   C "C5'" 1 
ATOM   999  C  "C4'" . U   C 3 4  ? 14.064  7.637   -13.537 1.00 61.91  ? 34  U   C "C4'" 1 
ATOM   1000 O  "O4'" . U   C 3 4  ? 14.979  6.634   -13.027 1.00 62.93  ? 34  U   C "O4'" 1 
ATOM   1001 C  "C3'" . U   C 3 4  ? 12.696  7.091   -13.174 1.00 62.91  ? 34  U   C "C3'" 1 
ATOM   1002 O  "O3'" . U   C 3 4  ? 11.707  7.616   -14.043 1.00 65.77  ? 34  U   C "O3'" 1 
ATOM   1003 C  "C2'" . U   C 3 4  ? 12.877  5.601   -13.402 1.00 61.49  ? 34  U   C "C2'" 1 
ATOM   1004 O  "O2'" . U   C 3 4  ? 12.827  5.272   -14.769 1.00 64.77  ? 34  U   C "O2'" 1 
ATOM   1005 C  "C1'" . U   C 3 4  ? 14.306  5.397   -12.918 1.00 62.55  ? 34  U   C "C1'" 1 
ATOM   1006 N  N1    . U   C 3 4  ? 14.363  4.936   -11.530 1.00 63.24  ? 34  U   C N1    1 
ATOM   1007 C  C2    . U   C 3 4  ? 14.024  3.626   -11.304 1.00 62.64  ? 34  U   C C2    1 
ATOM   1008 O  O2    . U   C 3 4  ? 13.662  2.885   -12.192 1.00 65.84  ? 34  U   C O2    1 
ATOM   1009 N  N3    . U   C 3 4  ? 14.112  3.218   -10.004 1.00 60.55  ? 34  U   C N3    1 
ATOM   1010 C  C4    . U   C 3 4  ? 14.484  3.978   -8.931  1.00 61.38  ? 34  U   C C4    1 
ATOM   1011 O  O4    . U   C 3 4  ? 14.536  3.457   -7.824  1.00 62.81  ? 34  U   C O4    1 
ATOM   1012 C  C5    . U   C 3 4  ? 14.806  5.338   -9.239  1.00 62.32  ? 34  U   C C5    1 
ATOM   1013 C  C6    . U   C 3 4  ? 14.739  5.761   -10.501 1.00 63.76  ? 34  U   C C6    1 
ATOM   1014 P  P     . G   C 3 5  ? 10.166  7.607   -13.593 1.00 66.37  ? 35  G   C P     1 
ATOM   1015 O  OP1   . G   C 3 5  ? 9.395   8.358   -14.616 1.00 62.73  ? 35  G   C OP1   1 
ATOM   1016 O  OP2   . G   C 3 5  ? 10.109  8.027   -12.170 1.00 62.23  ? 35  G   C OP2   1 
ATOM   1017 O  "O5'" . G   C 3 5  ? 9.746   6.076   -13.686 1.00 64.08  ? 35  G   C "O5'" 1 
ATOM   1018 C  "C5'" . G   C 3 5  ? 9.782   5.397   -14.929 1.00 59.20  ? 35  G   C "C5'" 1 
ATOM   1019 C  "C4'" . G   C 3 5  ? 9.451   3.946   -14.732 1.00 59.24  ? 35  G   C "C4'" 1 
ATOM   1020 O  "O4'" . G   C 3 5  ? 10.475  3.321   -13.922 1.00 60.70  ? 35  G   C "O4'" 1 
ATOM   1021 C  "C3'" . G   C 3 5  ? 8.167   3.700   -13.971 1.00 60.97  ? 35  G   C "C3'" 1 
ATOM   1022 O  "O3'" . G   C 3 5  ? 7.099   3.748   -14.901 1.00 64.65  ? 35  G   C "O3'" 1 
ATOM   1023 C  "C2'" . G   C 3 5  ? 8.395   2.304   -13.400 1.00 60.84  ? 35  G   C "C2'" 1 
ATOM   1024 O  "O2'" . G   C 3 5  ? 8.159   1.277   -14.340 1.00 59.57  ? 35  G   C "O2'" 1 
ATOM   1025 C  "C1'" . G   C 3 5  ? 9.890   2.345   -13.082 1.00 58.65  ? 35  G   C "C1'" 1 
ATOM   1026 N  N9    . G   C 3 5  ? 10.239  2.674   -11.705 1.00 58.52  ? 35  G   C N9    1 
ATOM   1027 C  C8    . G   C 3 5  ? 10.529  3.922   -11.198 1.00 58.24  ? 35  G   C C8    1 
ATOM   1028 N  N7    . G   C 3 5  ? 10.858  3.897   -9.934  1.00 57.72  ? 35  G   C N7    1 
ATOM   1029 C  C5    . G   C 3 5  ? 10.775  2.553   -9.583  1.00 56.94  ? 35  G   C C5    1 
ATOM   1030 C  C6    . G   C 3 5  ? 11.029  1.908   -8.344  1.00 55.16  ? 35  G   C C6    1 
ATOM   1031 O  O6    . G   C 3 5  ? 11.420  2.401   -7.283  1.00 56.39  ? 35  G   C O6    1 
ATOM   1032 N  N1    . G   C 3 5  ? 10.790  0.542   -8.419  1.00 53.21  ? 35  G   C N1    1 
ATOM   1033 C  C2    . G   C 3 5  ? 10.373  -0.122  -9.539  1.00 53.71  ? 35  G   C C2    1 
ATOM   1034 N  N2    . G   C 3 5  ? 10.168  -1.436  -9.388  1.00 52.72  ? 35  G   C N2    1 
ATOM   1035 N  N3    . G   C 3 5  ? 10.163  0.459   -10.711 1.00 53.35  ? 35  G   C N3    1 
ATOM   1036 C  C4    . G   C 3 5  ? 10.375  1.789   -10.660 1.00 56.46  ? 35  G   C C4    1 
ATOM   1037 P  P     . G   C 3 6  ? 5.602   4.029   -14.398 1.00 65.08  ? 36  G   C P     1 
ATOM   1038 O  OP1   . G   C 3 6  ? 4.838   4.406   -15.609 1.00 64.33  ? 36  G   C OP1   1 
ATOM   1039 O  OP2   . G   C 3 6  ? 5.638   4.952   -13.239 1.00 62.69  ? 36  G   C OP2   1 
ATOM   1040 O  "O5'" . G   C 3 6  ? 5.112   2.593   -13.913 1.00 64.39  ? 36  G   C "O5'" 1 
ATOM   1041 C  "C5'" . G   C 3 6  ? 5.148   1.490   -14.811 1.00 60.22  ? 36  G   C "C5'" 1 
ATOM   1042 C  "C4'" . G   C 3 6  ? 4.544   0.255   -14.181 1.00 62.14  ? 36  G   C "C4'" 1 
ATOM   1043 O  "O4'" . G   C 3 6  ? 5.374   -0.158  -13.061 1.00 62.50  ? 36  G   C "O4'" 1 
ATOM   1044 C  "C3'" . G   C 3 6  ? 3.157   0.466   -13.598 1.00 65.61  ? 36  G   C "C3'" 1 
ATOM   1045 O  "O3'" . G   C 3 6  ? 2.021   -0.147  -14.224 1.00 71.04  ? 36  G   C "O3'" 1 
ATOM   1046 C  "C2'" . G   C 3 6  ? 3.326   0.678   -12.097 1.00 63.38  ? 36  G   C "C2'" 1 
ATOM   1047 O  "O2'" . G   C 3 6  ? 2.377   -0.026  -11.328 1.00 67.57  ? 36  G   C "O2'" 1 
ATOM   1048 C  "C1'" . G   C 3 6  ? 4.696   0.047   -11.833 1.00 61.59  ? 36  G   C "C1'" 1 
ATOM   1049 N  N9    . G   C 3 6  ? 5.556   0.795   -10.915 1.00 60.36  ? 36  G   C N9    1 
ATOM   1050 C  C8    . G   C 3 6  ? 5.807   2.148   -10.923 1.00 60.19  ? 36  G   C C8    1 
ATOM   1051 N  N7    . G   C 3 6  ? 6.559   2.537   -9.925  1.00 60.13  ? 36  G   C N7    1 
ATOM   1052 C  C5    . G   C 3 6  ? 6.832   1.369   -9.220  1.00 59.44  ? 36  G   C C5    1 
ATOM   1053 C  C6    . G   C 3 6  ? 7.583   1.166   -8.029  1.00 58.28  ? 36  G   C C6    1 
ATOM   1054 O  O6    . G   C 3 6  ? 8.139   2.008   -7.318  1.00 58.67  ? 36  G   C O6    1 
ATOM   1055 N  N1    . G   C 3 6  ? 7.636   -0.179  -7.677  1.00 56.85  ? 36  G   C N1    1 
ATOM   1056 C  C2    . G   C 3 6  ? 7.028   -1.199  -8.367  1.00 59.75  ? 36  G   C C2    1 
ATOM   1057 N  N2    . G   C 3 6  ? 7.208   -2.435  -7.876  1.00 59.28  ? 36  G   C N2    1 
ATOM   1058 N  N3    . G   C 3 6  ? 6.298   -1.021  -9.463  1.00 59.87  ? 36  G   C N3    1 
ATOM   1059 C  C4    . G   C 3 6  ? 6.245   0.280   -9.831  1.00 60.00  ? 36  G   C C4    1 
ATOM   1060 P  P     . U   C 3 7  ? 1.730   -1.722  -14.014 1.00 75.19  ? 37  U   C P     1 
ATOM   1061 O  OP1   . U   C 3 7  ? 3.024   -2.406  -13.837 1.00 74.34  ? 37  U   C OP1   1 
ATOM   1062 O  OP2   . U   C 3 7  ? 0.816   -2.168  -15.088 1.00 72.18  ? 37  U   C OP2   1 
ATOM   1063 O  "O5'" . U   C 3 7  ? 0.940   -1.830  -12.637 1.00 75.60  ? 37  U   C "O5'" 1 
ATOM   1064 C  "C5'" . U   C 3 7  ? -0.255  -2.591  -12.561 1.00 69.12  ? 37  U   C "C5'" 1 
ATOM   1065 C  "C4'" . U   C 3 7  ? -0.360  -3.314  -11.236 1.00 67.71  ? 37  U   C "C4'" 1 
ATOM   1066 O  "O4'" . U   C 3 7  ? 0.783   -4.193  -11.061 1.00 69.48  ? 37  U   C "O4'" 1 
ATOM   1067 C  "C3'" . U   C 3 7  ? -0.316  -2.346  -10.058 1.00 66.70  ? 37  U   C "C3'" 1 
ATOM   1068 O  "O3'" . U   C 3 7  ? -1.334  -2.606  -9.109  1.00 63.93  ? 37  U   C "O3'" 1 
ATOM   1069 C  "C2'" . U   C 3 7  ? 1.109   -2.379  -9.518  1.00 68.38  ? 37  U   C "C2'" 1 
ATOM   1070 O  "O2'" . U   C 3 7  ? 1.134   -2.382  -8.106  1.00 71.37  ? 37  U   C "O2'" 1 
ATOM   1071 C  "C1'" . U   C 3 7  ? 1.565   -3.761  -9.974  1.00 70.05  ? 37  U   C "C1'" 1 
ATOM   1072 N  N1    . U   C 3 7  ? 2.988   -3.975  -10.247 1.00 73.09  ? 37  U   C N1    1 
ATOM   1073 C  C2    . U   C 3 7  ? 3.700   -4.673  -9.291  1.00 74.51  ? 37  U   C C2    1 
ATOM   1074 O  O2    . U   C 3 7  ? 3.182   -5.123  -8.288  1.00 73.03  ? 37  U   C O2    1 
ATOM   1075 N  N3    . U   C 3 7  ? 5.037   -4.828  -9.551  1.00 77.43  ? 37  U   C N3    1 
ATOM   1076 C  C4    . U   C 3 7  ? 5.722   -4.365  -10.655 1.00 78.13  ? 37  U   C C4    1 
ATOM   1077 O  O4    . U   C 3 7  ? 6.946   -4.516  -10.716 1.00 79.13  ? 37  U   C O4    1 
ATOM   1078 C  C5    . U   C 3 7  ? 4.906   -3.667  -11.612 1.00 77.55  ? 37  U   C C5    1 
ATOM   1079 C  C6    . U   C 3 7  ? 3.596   -3.502  -11.376 1.00 74.39  ? 37  U   C C6    1 
ATOM   1080 P  P     . A   C 3 8  ? -2.269  -1.429  -8.589  1.00 63.44  ? 38  A   C P     1 
ATOM   1081 O  OP1   . A   C 3 8  ? -2.803  -1.915  -7.299  1.00 61.95  ? 38  A   C OP1   1 
ATOM   1082 O  OP2   . A   C 3 8  ? -3.198  -1.085  -9.696  1.00 64.20  ? 38  A   C OP2   1 
ATOM   1083 O  "O5'" . A   C 3 8  ? -1.285  -0.199  -8.330  1.00 66.43  ? 38  A   C "O5'" 1 
ATOM   1084 C  "C5'" . A   C 3 8  ? -0.911  0.171   -7.005  1.00 62.38  ? 38  A   C "C5'" 1 
ATOM   1085 C  "C4'" . A   C 3 8  ? -0.277  1.545   -6.986  1.00 62.81  ? 38  A   C "C4'" 1 
ATOM   1086 O  "O4'" . A   C 3 8  ? 0.075   1.866   -5.624  1.00 59.44  ? 38  A   C "O4'" 1 
ATOM   1087 C  "C3'" . A   C 3 8  ? 1.024   1.578   -7.785  1.00 63.91  ? 38  A   C "C3'" 1 
ATOM   1088 O  "O3'" . A   C 3 8  ? 1.215   2.846   -8.424  1.00 65.12  ? 38  A   C "O3'" 1 
ATOM   1089 C  "C2'" . A   C 3 8  ? 2.125   1.338   -6.755  1.00 63.27  ? 38  A   C "C2'" 1 
ATOM   1090 O  "O2'" . A   C 3 8  ? 3.290   2.104   -6.998  1.00 67.12  ? 38  A   C "O2'" 1 
ATOM   1091 C  "C1'" . A   C 3 8  ? 1.469   1.888   -5.490  1.00 60.17  ? 38  A   C "C1'" 1 
ATOM   1092 N  N9    . A   C 3 8  ? 1.836   1.327   -4.203  1.00 59.12  ? 38  A   C N9    1 
ATOM   1093 C  C8    . A   C 3 8  ? 2.485   1.969   -3.181  1.00 58.14  ? 38  A   C C8    1 
ATOM   1094 N  N7    . A   C 3 8  ? 2.694   1.218   -2.134  1.00 57.58  ? 38  A   C N7    1 
ATOM   1095 C  C5    . A   C 3 8  ? 2.137   -0.001  -2.490  1.00 60.59  ? 38  A   C C5    1 
ATOM   1096 C  C6    . A   C 3 8  ? 2.026   -1.217  -1.809  1.00 61.24  ? 38  A   C C6    1 
ATOM   1097 N  N6    . A   C 3 8  ? 2.489   -1.418  -0.571  1.00 59.09  ? 38  A   C N6    1 
ATOM   1098 N  N1    . A   C 3 8  ? 1.411   -2.236  -2.448  1.00 64.20  ? 38  A   C N1    1 
ATOM   1099 C  C2    . A   C 3 8  ? 0.944   -2.028  -3.693  1.00 65.16  ? 38  A   C C2    1 
ATOM   1100 N  N3    . A   C 3 8  ? 0.990   -0.928  -4.434  1.00 63.15  ? 38  A   C N3    1 
ATOM   1101 C  C4    . A   C 3 8  ? 1.607   0.056   -3.765  1.00 60.87  ? 38  A   C C4    1 
ATOM   1102 P  P     . C   C 3 9  ? 0.474   3.206   -9.799  1.00 68.06  ? 39  C   C P     1 
ATOM   1103 O  OP1   . C   C 3 9  ? 0.854   2.190   -10.806 1.00 71.14  ? 39  C   C OP1   1 
ATOM   1104 O  OP2   . C   C 3 9  ? 0.784   4.640   -10.047 1.00 64.74  ? 39  C   C OP2   1 
ATOM   1105 O  "O5'" . C   C 3 9  ? -1.085  3.089   -9.484  1.00 70.91  ? 39  C   C "O5'" 1 
ATOM   1106 C  "C5'" . C   C 3 9  ? -1.863  4.261   -9.211  1.00 71.78  ? 39  C   C "C5'" 1 
ATOM   1107 C  "C4'" . C   C 3 9  ? -3.312  4.056   -9.611  1.00 72.94  ? 39  C   C "C4'" 1 
ATOM   1108 O  "O4'" . C   C 3 9  ? -3.368  3.744   -11.026 1.00 75.14  ? 39  C   C "O4'" 1 
ATOM   1109 C  "C3'" . C   C 3 9  ? -3.929  2.859   -8.890  1.00 73.15  ? 39  C   C "C3'" 1 
ATOM   1110 O  "O3'" . C   C 3 9  ? -5.275  3.065   -8.488  1.00 73.53  ? 39  C   C "O3'" 1 
ATOM   1111 C  "C2'" . C   C 3 9  ? -3.834  1.697   -9.862  1.00 73.35  ? 39  C   C "C2'" 1 
ATOM   1112 O  "O2'" . C   C 3 9  ? -5.013  0.931   -9.818  1.00 73.80  ? 39  C   C "O2'" 1 
ATOM   1113 C  "C1'" . C   C 3 9  ? -3.808  2.422   -11.207 1.00 76.15  ? 39  C   C "C1'" 1 
ATOM   1114 N  N1    . C   C 3 9  ? -3.054  1.788   -12.280 1.00 77.87  ? 39  C   C N1    1 
ATOM   1115 C  C2    . C   C 3 9  ? -3.766  1.268   -13.361 1.00 78.22  ? 39  C   C C2    1 
ATOM   1116 O  O2    . C   C 3 9  ? -4.994  1.438   -13.400 1.00 76.01  ? 39  C   C O2    1 
ATOM   1117 N  N3    . C   C 3 9  ? -3.104  0.606   -14.335 1.00 79.71  ? 39  C   C N3    1 
ATOM   1118 C  C4    . C   C 3 9  ? -1.775  0.474   -14.262 1.00 81.23  ? 39  C   C C4    1 
ATOM   1119 N  N4    . C   C 3 9  ? -1.159  -0.208  -15.226 1.00 81.86  ? 39  C   C N4    1 
ATOM   1120 C  C5    . C   C 3 9  ? -1.019  1.031   -13.188 1.00 81.68  ? 39  C   C C5    1 
ATOM   1121 C  C6    . C   C 3 9  ? -1.694  1.677   -12.227 1.00 80.13  ? 39  C   C C6    1 
ATOM   1122 P  P     . A   C 3 10 ? -5.614  3.871   -7.154  1.00 77.68  ? 40  A   C P     1 
ATOM   1123 O  OP1   . A   C 3 10 ? -7.090  3.882   -7.072  1.00 83.14  ? 40  A   C OP1   1 
ATOM   1124 O  OP2   . A   C 3 10 ? -4.867  5.157   -7.153  1.00 74.79  ? 40  A   C OP2   1 
ATOM   1125 O  "O5'" . A   C 3 10 ? -5.074  2.931   -5.993  1.00 73.94  ? 40  A   C "O5'" 1 
ATOM   1126 C  "C5'" . A   C 3 10 ? -5.345  1.535   -5.992  1.00 64.06  ? 40  A   C "C5'" 1 
ATOM   1127 C  "C4'" . A   C 3 10 ? -4.565  0.885   -4.886  1.00 61.20  ? 40  A   C "C4'" 1 
ATOM   1128 O  "O4'" . A   C 3 10 ? -3.161  1.118   -5.131  1.00 61.70  ? 40  A   C "O4'" 1 
ATOM   1129 C  "C3'" . A   C 3 10 ? -4.810  1.467   -3.509  1.00 61.42  ? 40  A   C "C3'" 1 
ATOM   1130 O  "O3'" . A   C 3 10 ? -5.906  0.806   -2.904  1.00 62.21  ? 40  A   C "O3'" 1 
ATOM   1131 C  "C2'" . A   C 3 10 ? -3.516  1.137   -2.787  1.00 59.07  ? 40  A   C "C2'" 1 
ATOM   1132 O  "O2'" . A   C 3 10 ? -3.482  -0.206  -2.364  1.00 58.83  ? 40  A   C "O2'" 1 
ATOM   1133 C  "C1'" . A   C 3 10 ? -2.496  1.348   -3.906  1.00 58.20  ? 40  A   C "C1'" 1 
ATOM   1134 N  N9    . A   C 3 10 ? -1.972  2.710   -3.952  1.00 53.68  ? 40  A   C N9    1 
ATOM   1135 C  C8    . A   C 3 10 ? -2.224  3.680   -4.887  1.00 49.80  ? 40  A   C C8    1 
ATOM   1136 N  N7    . A   C 3 10 ? -1.580  4.801   -4.671  1.00 47.75  ? 40  A   C N7    1 
ATOM   1137 C  C5    . A   C 3 10 ? -0.867  4.550   -3.510  1.00 49.64  ? 40  A   C C5    1 
ATOM   1138 C  C6    . A   C 3 10 ? 0.006   5.334   -2.762  1.00 49.67  ? 40  A   C C6    1 
ATOM   1139 N  N6    . A   C 3 10 ? 0.305   6.593   -3.065  1.00 51.75  ? 40  A   C N6    1 
ATOM   1140 N  N1    . A   C 3 10 ? 0.567   4.779   -1.669  1.00 50.08  ? 40  A   C N1    1 
ATOM   1141 C  C2    . A   C 3 10 ? 0.246   3.526   -1.351  1.00 49.28  ? 40  A   C C2    1 
ATOM   1142 N  N3    . A   C 3 10 ? -0.573  2.690   -1.968  1.00 51.79  ? 40  A   C N3    1 
ATOM   1143 C  C4    . A   C 3 10 ? -1.100  3.268   -3.056  1.00 51.95  ? 40  A   C C4    1 
ATOM   1144 P  P     . U   C 3 11 ? -7.041  1.665   -2.170  1.00 63.62  ? 41  U   C P     1 
ATOM   1145 O  OP1   . U   C 3 11 ? -8.070  0.692   -1.722  1.00 60.76  ? 41  U   C OP1   1 
ATOM   1146 O  OP2   . U   C 3 11 ? -7.418  2.802   -3.046  1.00 61.27  ? 41  U   C OP2   1 
ATOM   1147 O  "O5'" . U   C 3 11 ? -6.304  2.255   -0.891  1.00 61.40  ? 41  U   C "O5'" 1 
ATOM   1148 C  "C5'" . U   C 3 11 ? -5.652  1.377   0.001   1.00 59.44  ? 41  U   C "C5'" 1 
ATOM   1149 C  "C4'" . U   C 3 11 ? -4.820  2.141   0.989   1.00 58.78  ? 41  U   C "C4'" 1 
ATOM   1150 O  "O4'" . U   C 3 11 ? -3.875  2.975   0.268   1.00 59.30  ? 41  U   C "O4'" 1 
ATOM   1151 C  "C3'" . U   C 3 11 ? -5.688  3.099   1.801   1.00 56.07  ? 41  U   C "C3'" 1 
ATOM   1152 O  "O3'" . U   C 3 11 ? -5.500  2.899   3.202   1.00 58.23  ? 41  U   C "O3'" 1 
ATOM   1153 C  "C2'" . U   C 3 11 ? -5.522  4.476   1.160   1.00 51.48  ? 41  U   C "C2'" 1 
ATOM   1154 O  "O2'" . U   C 3 11 ? -5.374  5.532   2.072   1.00 54.65  ? 41  U   C "O2'" 1 
ATOM   1155 C  "C1'" . U   C 3 11 ? -4.157  4.326   0.511   1.00 56.29  ? 41  U   C "C1'" 1 
ATOM   1156 N  N1    . U   C 3 11 ? -3.802  5.165   -0.635  1.00 55.69  ? 41  U   C N1    1 
ATOM   1157 C  C2    . U   C 3 11 ? -2.887  6.172   -0.382  1.00 55.36  ? 41  U   C C2    1 
ATOM   1158 O  O2    . U   C 3 11 ? -2.338  6.308   0.701   1.00 52.55  ? 41  U   C O2    1 
ATOM   1159 N  N3    . U   C 3 11 ? -2.632  7.006   -1.435  1.00 53.86  ? 41  U   C N3    1 
ATOM   1160 C  C4    . U   C 3 11 ? -3.172  6.929   -2.690  1.00 55.44  ? 41  U   C C4    1 
ATOM   1161 O  O4    . U   C 3 11 ? -2.938  7.833   -3.497  1.00 58.60  ? 41  U   C O4    1 
ATOM   1162 C  C5    . U   C 3 11 ? -4.076  5.827   -2.889  1.00 57.07  ? 41  U   C C5    1 
ATOM   1163 C  C6    . U   C 3 11 ? -4.350  5.000   -1.875  1.00 55.87  ? 41  U   C C6    1 
ATOM   1164 P  P     . U   C 3 12 ? -6.235  3.834   4.283   1.00 56.56  ? 42  U   C P     1 
ATOM   1165 O  OP1   . U   C 3 12 ? -6.972  2.915   5.170   1.00 61.90  ? 42  U   C OP1   1 
ATOM   1166 O  OP2   . U   C 3 12 ? -6.951  4.952   3.637   1.00 56.55  ? 42  U   C OP2   1 
ATOM   1167 O  "O5'" . U   C 3 12 ? -5.017  4.444   5.099   1.00 54.64  ? 42  U   C "O5'" 1 
ATOM   1168 C  "C5'" . U   C 3 12 ? -5.214  5.139   6.312   1.00 54.15  ? 42  U   C "C5'" 1 
ATOM   1169 C  "C4'" . U   C 3 12 ? -4.272  6.307   6.372   1.00 59.93  ? 42  U   C "C4'" 1 
ATOM   1170 O  "O4'" . U   C 3 12 ? -2.912  5.832   6.197   1.00 61.90  ? 42  U   C "O4'" 1 
ATOM   1171 C  "C3'" . U   C 3 12 ? -4.553  7.213   5.179   1.00 59.41  ? 42  U   C "C3'" 1 
ATOM   1172 O  "O3'" . U   C 3 12 ? -4.357  8.559   5.563   1.00 63.57  ? 42  U   C "O3'" 1 
ATOM   1173 C  "C2'" . U   C 3 12 ? -3.541  6.821   4.116   1.00 58.07  ? 42  U   C "C2'" 1 
ATOM   1174 O  "O2'" . U   C 3 12 ? -3.048  7.941   3.434   1.00 62.42  ? 42  U   C "O2'" 1 
ATOM   1175 C  "C1'" . U   C 3 12 ? -2.398  6.311   4.980   1.00 59.28  ? 42  U   C "C1'" 1 
ATOM   1176 N  N1    . U   C 3 12 ? -1.440  5.365   4.405   1.00 59.83  ? 42  U   C N1    1 
ATOM   1177 C  C2    . U   C 3 12 ? -0.185  5.866   4.125   1.00 57.96  ? 42  U   C C2    1 
ATOM   1178 O  O2    . U   C 3 12 ? 0.125   7.015   4.354   1.00 54.46  ? 42  U   C O2    1 
ATOM   1179 N  N3    . U   C 3 12 ? 0.692   4.970   3.578   1.00 58.56  ? 42  U   C N3    1 
ATOM   1180 C  C4    . U   C 3 12 ? 0.451   3.648   3.291   1.00 60.57  ? 42  U   C C4    1 
ATOM   1181 O  O4    . U   C 3 12 ? 1.335   2.976   2.749   1.00 60.99  ? 42  U   C O4    1 
ATOM   1182 C  C5    . U   C 3 12 ? -0.874  3.198   3.618   1.00 61.88  ? 42  U   C C5    1 
ATOM   1183 C  C6    . U   C 3 12 ? -1.754  4.056   4.150   1.00 61.06  ? 42  U   C C6    1 
ATOM   1184 P  P     . A   C 3 13 ? -5.584  9.559   5.678   1.00 62.19  ? 43  A   C P     1 
ATOM   1185 O  OP1   . A   C 3 13 ? -6.519  9.004   6.691   1.00 64.31  ? 43  A   C OP1   1 
ATOM   1186 O  OP2   . A   C 3 13 ? -6.058  9.825   4.298   1.00 59.71  ? 43  A   C OP2   1 
ATOM   1187 O  "O5'" . A   C 3 13 ? -4.883  10.861  6.268   1.00 58.55  ? 43  A   C "O5'" 1 
ATOM   1188 C  "C5'" . A   C 3 13 ? -4.113  10.794  7.469   1.00 60.22  ? 43  A   C "C5'" 1 
ATOM   1189 C  "C4'" . A   C 3 13 ? -2.801  11.509  7.279   1.00 64.19  ? 43  A   C "C4'" 1 
ATOM   1190 O  "O4'" . A   C 3 13 ? -2.047  10.818  6.262   1.00 67.47  ? 43  A   C "O4'" 1 
ATOM   1191 C  "C3'" . A   C 3 13 ? -2.901  12.936  6.769   1.00 66.41  ? 43  A   C "C3'" 1 
ATOM   1192 O  "O3'" . A   C 3 13 ? -3.049  13.830  7.856   1.00 70.45  ? 43  A   C "O3'" 1 
ATOM   1193 C  "C2'" . A   C 3 13 ? -1.557  13.137  6.083   1.00 62.67  ? 43  A   C "C2'" 1 
ATOM   1194 O  "O2'" . A   C 3 13 ? -0.499  13.413  6.971   1.00 59.12  ? 43  A   C "O2'" 1 
ATOM   1195 C  "C1'" . A   C 3 13 ? -1.338  11.758  5.471   1.00 64.46  ? 43  A   C "C1'" 1 
ATOM   1196 N  N9    . A   C 3 13 ? -1.846  11.657  4.110   1.00 63.44  ? 43  A   C N9    1 
ATOM   1197 C  C8    . A   C 3 13 ? -2.691  10.704  3.608   1.00 61.51  ? 43  A   C C8    1 
ATOM   1198 N  N7    . A   C 3 13 ? -2.952  10.846  2.334   1.00 60.72  ? 43  A   C N7    1 
ATOM   1199 C  C5    . A   C 3 13 ? -2.236  11.976  1.975   1.00 62.18  ? 43  A   C C5    1 
ATOM   1200 C  C6    . A   C 3 13 ? -2.100  12.650  0.760   1.00 61.45  ? 43  A   C C6    1 
ATOM   1201 N  N6    . A   C 3 13 ? -2.693  12.260  -0.366  1.00 60.88  ? 43  A   C N6    1 
ATOM   1202 N  N1    . A   C 3 13 ? -1.321  13.754  0.740   1.00 61.70  ? 43  A   C N1    1 
ATOM   1203 C  C2    . A   C 3 13 ? -0.725  14.139  1.878   1.00 62.51  ? 43  A   C C2    1 
ATOM   1204 N  N3    . A   C 3 13 ? -0.774  13.583  3.085   1.00 61.95  ? 43  A   C N3    1 
ATOM   1205 C  C4    . A   C 3 13 ? -1.557  12.492  3.064   1.00 63.67  ? 43  A   C C4    1 
ATOM   1206 P  P     . C   C 3 14 ? -4.249  14.889  7.847   1.00 71.36  ? 44  C   C P     1 
ATOM   1207 O  OP1   . C   C 3 14 ? -3.944  15.844  8.940   1.00 71.73  ? 44  C   C OP1   1 
ATOM   1208 O  OP2   . C   C 3 14 ? -5.529  14.137  7.856   1.00 64.89  ? 44  C   C OP2   1 
ATOM   1209 O  "O5'" . C   C 3 14 ? -4.110  15.625  6.438   1.00 68.40  ? 44  C   C "O5'" 1 
ATOM   1210 C  "C5'" . C   C 3 14 ? -3.136  16.648  6.232   1.00 66.06  ? 44  C   C "C5'" 1 
ATOM   1211 C  "C4'" . C   C 3 14 ? -3.251  17.203  4.833   1.00 67.01  ? 44  C   C "C4'" 1 
ATOM   1212 O  "O4'" . C   C 3 14 ? -2.806  16.210  3.876   1.00 67.25  ? 44  C   C "O4'" 1 
ATOM   1213 C  "C3'" . C   C 3 14 ? -4.662  17.543  4.393   1.00 69.64  ? 44  C   C "C3'" 1 
ATOM   1214 O  "O3'" . C   C 3 14 ? -5.024  18.841  4.832   1.00 72.14  ? 44  C   C "O3'" 1 
ATOM   1215 C  "C2'" . C   C 3 14 ? -4.563  17.457  2.877   1.00 68.42  ? 44  C   C "C2'" 1 
ATOM   1216 O  "O2'" . C   C 3 14 ? -4.035  18.620  2.277   1.00 70.41  ? 44  C   C "O2'" 1 
ATOM   1217 C  "C1'" . C   C 3 14 ? -3.599  16.284  2.705   1.00 66.29  ? 44  C   C "C1'" 1 
ATOM   1218 N  N1    . C   C 3 14 ? -4.309  15.010  2.567   1.00 66.60  ? 44  C   C N1    1 
ATOM   1219 C  C2    . C   C 3 14 ? -4.855  14.678  1.326   1.00 67.51  ? 44  C   C C2    1 
ATOM   1220 O  O2    . C   C 3 14 ? -4.703  15.461  0.374   1.00 67.94  ? 44  C   C O2    1 
ATOM   1221 N  N3    . C   C 3 14 ? -5.530  13.513  1.192   1.00 66.61  ? 44  C   C N3    1 
ATOM   1222 C  C4    . C   C 3 14 ? -5.659  12.694  2.239   1.00 65.40  ? 44  C   C C4    1 
ATOM   1223 N  N4    . C   C 3 14 ? -6.332  11.555  2.059   1.00 65.69  ? 44  C   C N4    1 
ATOM   1224 C  C5    . C   C 3 14 ? -5.102  13.005  3.514   1.00 64.01  ? 44  C   C C5    1 
ATOM   1225 C  C6    . C   C 3 14 ? -4.443  14.162  3.632   1.00 64.83  ? 44  C   C C6    1 
ATOM   1226 P  P     . C   C 3 15 ? -6.537  19.131  5.281   1.00 76.84  ? 45  C   C P     1 
ATOM   1227 O  OP1   . C   C 3 15 ? -6.535  20.453  5.943   1.00 77.61  ? 45  C   C OP1   1 
ATOM   1228 O  OP2   . C   C 3 15 ? -7.041  17.946  6.021   1.00 74.98  ? 45  C   C OP2   1 
ATOM   1229 O  "O5'" . C   C 3 15 ? -7.326  19.232  3.899   1.00 70.53  ? 45  C   C "O5'" 1 
ATOM   1230 C  "C5'" . C   C 3 15 ? -7.016  20.260  2.977   1.00 66.25  ? 45  C   C "C5'" 1 
ATOM   1231 C  "C4'" . C   C 3 15 ? -7.747  20.052  1.676   1.00 70.71  ? 45  C   C "C4'" 1 
ATOM   1232 O  "O4'" . C   C 3 15 ? -7.238  18.860  1.023   1.00 72.38  ? 45  C   C "O4'" 1 
ATOM   1233 C  "C3'" . C   C 3 15 ? -9.240  19.788  1.794   1.00 75.04  ? 45  C   C "C3'" 1 
ATOM   1234 O  "O3'" . C   C 3 15 ? -9.994  20.981  1.946   1.00 80.83  ? 45  C   C "O3'" 1 
ATOM   1235 C  "C2'" . C   C 3 15 ? -9.546  19.066  0.487   1.00 74.37  ? 45  C   C "C2'" 1 
ATOM   1236 O  "O2'" . C   C 3 15 ? -9.688  19.912  -0.634  1.00 70.24  ? 45  C   C "O2'" 1 
ATOM   1237 C  "C1'" . C   C 3 15 ? -8.292  18.215  0.322   1.00 74.72  ? 45  C   C "C1'" 1 
ATOM   1238 N  N1    . C   C 3 15 ? -8.496  16.879  0.887   1.00 76.89  ? 45  C   C N1    1 
ATOM   1239 C  C2    . C   C 3 15 ? -9.194  15.940  0.126   1.00 77.03  ? 45  C   C C2    1 
ATOM   1240 O  O2    . C   C 3 15 ? -9.613  16.272  -0.997  1.00 76.83  ? 45  C   C O2    1 
ATOM   1241 N  N3    . C   C 3 15 ? -9.396  14.699  0.629   1.00 76.35  ? 45  C   C N3    1 
ATOM   1242 C  C4    . C   C 3 15 ? -8.933  14.391  1.843   1.00 75.97  ? 45  C   C C4    1 
ATOM   1243 N  N4    . C   C 3 15 ? -9.150  13.158  2.301   1.00 74.28  ? 45  C   C N4    1 
ATOM   1244 C  C5    . C   C 3 15 ? -8.221  15.335  2.642   1.00 76.41  ? 45  C   C C5    1 
ATOM   1245 C  C6    . C   C 3 15 ? -8.026  16.556  2.129   1.00 76.48  ? 45  C   C C6    1 
ATOM   1246 P  P     . U   C 3 16 ? -11.391 20.941  2.741   1.00 82.20  ? 46  U   C P     1 
ATOM   1247 O  OP1   . U   C 3 16 ? -11.759 22.341  3.055   1.00 85.03  ? 46  U   C OP1   1 
ATOM   1248 O  OP2   . U   C 3 16 ? -11.263 19.956  3.846   1.00 82.18  ? 46  U   C OP2   1 
ATOM   1249 O  "O5'" . U   C 3 16 ? -12.421 20.361  1.672   1.00 76.91  ? 46  U   C "O5'" 1 
ATOM   1250 C  "C5'" . U   C 3 16 ? -12.655 21.043  0.455   1.00 72.96  ? 46  U   C "C5'" 1 
ATOM   1251 C  "C4'" . U   C 3 16 ? -13.538 20.221  -0.448  1.00 77.66  ? 46  U   C "C4'" 1 
ATOM   1252 O  "O4'" . U   C 3 16 ? -12.842 19.003  -0.822  1.00 77.82  ? 46  U   C "O4'" 1 
ATOM   1253 C  "C3'" . U   C 3 16 ? -14.829 19.723  0.178   1.00 81.34  ? 46  U   C "C3'" 1 
ATOM   1254 O  "O3'" . U   C 3 16 ? -15.852 20.703  0.164   1.00 84.36  ? 46  U   C "O3'" 1 
ATOM   1255 C  "C2'" . U   C 3 16 ? -15.164 18.520  -0.693  1.00 79.84  ? 46  U   C "C2'" 1 
ATOM   1256 O  "O2'" . U   C 3 16 ? -15.750 18.876  -1.928  1.00 78.25  ? 46  U   C "O2'" 1 
ATOM   1257 C  "C1'" . U   C 3 16 ? -13.773 17.932  -0.933  1.00 78.69  ? 46  U   C "C1'" 1 
ATOM   1258 N  N1    . U   C 3 16 ? -13.441 16.914  0.076   1.00 77.12  ? 46  U   C N1    1 
ATOM   1259 C  C2    . U   C 3 16 ? -13.958 15.635  -0.095  1.00 75.11  ? 46  U   C C2    1 
ATOM   1260 O  O2    . U   C 3 16 ? -14.653 15.315  -1.047  1.00 74.12  ? 46  U   C O2    1 
ATOM   1261 N  N3    . U   C 3 16 ? -13.630 14.745  0.894   1.00 73.31  ? 46  U   C N3    1 
ATOM   1262 C  C4    . U   C 3 16 ? -12.856 14.988  2.006   1.00 74.09  ? 46  U   C C4    1 
ATOM   1263 O  O4    . U   C 3 16 ? -12.655 14.080  2.814   1.00 72.79  ? 46  U   C O4    1 
ATOM   1264 C  C5    . U   C 3 16 ? -12.354 16.325  2.105   1.00 75.46  ? 46  U   C C5    1 
ATOM   1265 C  C6    . U   C 3 16 ? -12.655 17.218  1.159   1.00 76.12  ? 46  U   C C6    1 
ATOM   1266 P  P     . G   C 3 17 ? -17.011 20.647  1.272   1.00 86.68  ? 47  G   C P     1 
ATOM   1267 O  OP1   . G   C 3 17 ? -17.774 21.914  1.194   1.00 90.35  ? 47  G   C OP1   1 
ATOM   1268 O  OP2   . G   C 3 17 ? -16.408 20.228  2.566   1.00 82.93  ? 47  G   C OP2   1 
ATOM   1269 O  "O5'" . G   C 3 17 ? -17.963 19.489  0.752   1.00 79.10  ? 47  G   C "O5'" 1 
ATOM   1270 C  "C5'" . G   C 3 17 ? -18.657 19.634  -0.468  1.00 73.03  ? 47  G   C "C5'" 1 
ATOM   1271 C  "C4'" . G   C 3 17 ? -19.411 18.375  -0.766  1.00 75.80  ? 47  G   C "C4'" 1 
ATOM   1272 O  "O4'" . G   C 3 17 ? -18.459 17.296  -0.938  1.00 76.52  ? 47  G   C "O4'" 1 
ATOM   1273 C  "C3'" . G   C 3 17 ? -20.317 17.900  0.354   1.00 76.22  ? 47  G   C "C3'" 1 
ATOM   1274 O  "O3'" . G   C 3 17 ? -21.573 18.565  0.318   1.00 77.29  ? 47  G   C "O3'" 1 
ATOM   1275 C  "C2'" . G   C 3 17 ? -20.423 16.409  0.060   1.00 76.69  ? 47  G   C "C2'" 1 
ATOM   1276 O  "O2'" . G   C 3 17 ? -21.332 16.102  -0.977  1.00 70.67  ? 47  G   C "O2'" 1 
ATOM   1277 C  "C1'" . G   C 3 17 ? -18.996 16.098  -0.402  1.00 75.66  ? 47  G   C "C1'" 1 
ATOM   1278 N  N9    . G   C 3 17 ? -18.141 15.671  0.704   1.00 73.28  ? 47  G   C N9    1 
ATOM   1279 C  C8    . G   C 3 17 ? -17.210 16.427  1.381   1.00 71.90  ? 47  G   C C8    1 
ATOM   1280 N  N7    . G   C 3 17 ? -16.622 15.770  2.343   1.00 71.84  ? 47  G   C N7    1 
ATOM   1281 C  C5    . G   C 3 17 ? -17.194 14.505  2.295   1.00 71.20  ? 47  G   C C5    1 
ATOM   1282 C  C6    . G   C 3 17 ? -16.964 13.358  3.100   1.00 70.55  ? 47  G   C C6    1 
ATOM   1283 O  O6    . G   C 3 17 ? -16.191 13.231  4.058   1.00 70.61  ? 47  G   C O6    1 
ATOM   1284 N  N1    . G   C 3 17 ? -17.753 12.285  2.697   1.00 68.24  ? 47  G   C N1    1 
ATOM   1285 C  C2    . G   C 3 17 ? -18.654 12.315  1.664   1.00 69.27  ? 47  G   C C2    1 
ATOM   1286 N  N2    . G   C 3 17 ? -19.316 11.182  1.424   1.00 70.67  ? 47  G   C N2    1 
ATOM   1287 N  N3    . G   C 3 17 ? -18.887 13.377  0.918   1.00 69.88  ? 47  G   C N3    1 
ATOM   1288 C  C4    . G   C 3 17 ? -18.127 14.427  1.283   1.00 71.25  ? 47  G   C C4    1 
ATOM   1289 P  P     . C   C 3 18 ? -22.418 18.744  1.670   1.00 79.40  ? 48  C   C P     1 
ATOM   1290 O  OP1   . C   C 3 18 ? -23.593 19.572  1.326   1.00 81.12  ? 48  C   C OP1   1 
ATOM   1291 O  OP2   . C   C 3 18 ? -21.503 19.190  2.752   1.00 72.90  ? 48  C   C OP2   1 
ATOM   1292 O  "O5'" . C   C 3 18 ? -22.940 17.269  1.970   1.00 77.17  ? 48  C   C "O5'" 1 
ATOM   1293 C  "C5'" . C   C 3 18 ? -23.772 16.608  1.025   1.00 71.97  ? 48  C   C "C5'" 1 
ATOM   1294 C  "C4'" . C   C 3 18 ? -24.133 15.224  1.501   1.00 73.59  ? 48  C   C "C4'" 1 
ATOM   1295 O  "O4'" . C   C 3 18 ? -22.978 14.352  1.398   1.00 76.65  ? 48  C   C "O4'" 1 
ATOM   1296 C  "C3'" . C   C 3 18 ? -24.556 15.115  2.954   1.00 73.89  ? 48  C   C "C3'" 1 
ATOM   1297 O  "O3'" . C   C 3 18 ? -25.919 15.444  3.141   1.00 73.23  ? 48  C   C "O3'" 1 
ATOM   1298 C  "C2'" . C   C 3 18 ? -24.275 13.652  3.259   1.00 75.06  ? 48  C   C "C2'" 1 
ATOM   1299 O  "O2'" . C   C 3 18 ? -25.286 12.799  2.765   1.00 70.06  ? 48  C   C "O2'" 1 
ATOM   1300 C  "C1'" . C   C 3 18 ? -22.978 13.429  2.480   1.00 77.26  ? 48  C   C "C1'" 1 
ATOM   1301 N  N1    . C   C 3 18 ? -21.797 13.696  3.320   1.00 77.23  ? 48  C   C N1    1 
ATOM   1302 C  C2    . C   C 3 18 ? -21.408 12.731  4.262   1.00 76.52  ? 48  C   C C2    1 
ATOM   1303 O  O2    . C   C 3 18 ? -22.046 11.671  4.332   1.00 76.22  ? 48  C   C O2    1 
ATOM   1304 N  N3    . C   C 3 18 ? -20.347 12.980  5.066   1.00 75.50  ? 48  C   C N3    1 
ATOM   1305 C  C4    . C   C 3 18 ? -19.680 14.129  4.948   1.00 75.01  ? 48  C   C C4    1 
ATOM   1306 N  N4    . C   C 3 18 ? -18.648 14.336  5.764   1.00 73.25  ? 48  C   C N4    1 
ATOM   1307 C  C5    . C   C 3 18 ? -20.042 15.120  3.986   1.00 75.35  ? 48  C   C C5    1 
ATOM   1308 C  C6    . C   C 3 18 ? -21.095 14.865  3.200   1.00 75.08  ? 48  C   C C6    1 
ATOM   1309 P  P     . C   C 3 19 ? -26.377 16.136  4.514   1.00 78.55  ? 49  C   C P     1 
ATOM   1310 O  OP1   . C   C 3 19 ? -27.778 16.582  4.344   1.00 79.90  ? 49  C   C OP1   1 
ATOM   1311 O  OP2   . C   C 3 19 ? -25.330 17.119  4.913   1.00 75.84  ? 49  C   C OP2   1 
ATOM   1312 O  "O5'" . C   C 3 19 ? -26.369 14.941  5.566   1.00 76.70  ? 49  C   C "O5'" 1 
ATOM   1313 C  "C5'" . C   C 3 19 ? -27.155 13.780  5.340   1.00 75.13  ? 49  C   C "C5'" 1 
ATOM   1314 C  "C4'" . C   C 3 19 ? -26.743 12.670  6.276   1.00 76.54  ? 49  C   C "C4'" 1 
ATOM   1315 O  "O4'" . C   C 3 19 ? -25.383 12.263  5.967   1.00 78.32  ? 49  C   C "O4'" 1 
ATOM   1316 C  "C3'" . C   C 3 19 ? -26.683 13.031  7.753   1.00 73.92  ? 49  C   C "C3'" 1 
ATOM   1317 O  "O3'" . C   C 3 19 ? -27.928 13.124  8.438   1.00 75.18  ? 49  C   C "O3'" 1 
ATOM   1318 C  "C2'" . C   C 3 19 ? -25.739 11.971  8.291   1.00 74.43  ? 49  C   C "C2'" 1 
ATOM   1319 O  "O2'" . C   C 3 19 ? -26.378 10.714  8.356   1.00 68.18  ? 49  C   C "O2'" 1 
ATOM   1320 C  "C1'" . C   C 3 19 ? -24.715 11.892  7.163   1.00 77.46  ? 49  C   C "C1'" 1 
ATOM   1321 N  N1    . C   C 3 19 ? -23.584 12.804  7.384   1.00 79.19  ? 49  C   C N1    1 
ATOM   1322 C  C2    . C   C 3 19 ? -22.539 12.389  8.214   1.00 78.63  ? 49  C   C C2    1 
ATOM   1323 O  O2    . C   C 3 19 ? -22.587 11.260  8.715   1.00 79.41  ? 49  C   C O2    1 
ATOM   1324 N  N3    . C   C 3 19 ? -21.503 13.224  8.443   1.00 78.01  ? 49  C   C N3    1 
ATOM   1325 C  C4    . C   C 3 19 ? -21.482 14.427  7.870   1.00 77.59  ? 49  C   C C4    1 
ATOM   1326 N  N4    . C   C 3 19 ? -20.444 15.217  8.119   1.00 76.69  ? 49  C   C N4    1 
ATOM   1327 C  C5    . C   C 3 19 ? -22.526 14.871  7.013   1.00 79.03  ? 49  C   C C5    1 
ATOM   1328 C  C6    . C   C 3 19 ? -23.550 14.037  6.798   1.00 78.89  ? 49  C   C C6    1 
HETATM 1329 S  S     . SO4 D 4 .  ? 1.405   -3.443  14.547  0.30 89.97  ? 102 SO4 A S     1 
HETATM 1330 O  O1    . SO4 D 4 .  ? 2.699   -4.141  14.421  0.30 89.20  ? 102 SO4 A O1    1 
HETATM 1331 O  O2    . SO4 D 4 .  ? 1.565   -2.291  15.457  0.30 89.75  ? 102 SO4 A O2    1 
HETATM 1332 O  O3    . SO4 D 4 .  ? 0.972   -2.970  13.216  0.30 89.78  ? 102 SO4 A O3    1 
HETATM 1333 CO CO    A NCO E 5 .  ? -9.516  5.574   -5.148  0.75 66.98  ? 101 NCO B CO    1 
HETATM 1334 CO CO    B NCO E 5 .  ? 3.992   0.876   12.535  0.25 70.36  ? 101 NCO B CO    1 
HETATM 1335 N  N1    A NCO E 5 .  ? -9.537  3.553   -5.336  0.75 65.42  ? 101 NCO B N1    1 
HETATM 1336 N  N1    B NCO E 5 .  ? 5.153   1.131   10.886  0.25 70.29  ? 101 NCO B N1    1 
HETATM 1337 N  N2    A NCO E 5 .  ? -9.148  5.640   -7.126  0.75 66.23  ? 101 NCO B N2    1 
HETATM 1338 N  N2    B NCO E 5 .  ? 3.172   2.664   12.091  0.25 69.20  ? 101 NCO B N2    1 
HETATM 1339 N  N3    A NCO E 5 .  ? -11.491 5.760   -5.310  0.75 65.83  ? 101 NCO B N3    1 
HETATM 1340 N  N3    B NCO E 5 .  ? 2.628   -0.225  11.588  0.25 69.32  ? 101 NCO B N3    1 
HETATM 1341 N  N4    A NCO E 5 .  ? -7.564  5.569   -4.941  0.75 66.10  ? 101 NCO B N4    1 
HETATM 1342 N  N4    B NCO E 5 .  ? 5.252   1.912   13.623  0.25 69.36  ? 101 NCO B N4    1 
HETATM 1343 N  N5    A NCO E 5 .  ? -9.411  7.527   -4.981  0.75 66.66  ? 101 NCO B N5    1 
HETATM 1344 N  N5    B NCO E 5 .  ? 2.918   0.686   14.166  0.25 69.36  ? 101 NCO B N5    1 
HETATM 1345 N  N6    A NCO E 5 .  ? -9.828  5.415   -3.151  0.75 66.33  ? 101 NCO B N6    1 
HETATM 1346 N  N6    B NCO E 5 .  ? 4.916   -0.881  12.949  0.25 69.34  ? 101 NCO B N6    1 
# 
loop_
_pdbx_poly_seq_scheme.asym_id 
_pdbx_poly_seq_scheme.entity_id 
_pdbx_poly_seq_scheme.seq_id 
_pdbx_poly_seq_scheme.mon_id 
_pdbx_poly_seq_scheme.ndb_seq_num 
_pdbx_poly_seq_scheme.pdb_seq_num 
_pdbx_poly_seq_scheme.auth_seq_num 
_pdbx_poly_seq_scheme.pdb_mon_id 
_pdbx_poly_seq_scheme.auth_mon_id 
_pdbx_poly_seq_scheme.pdb_strand_id 
_pdbx_poly_seq_scheme.pdb_ins_code 
_pdbx_poly_seq_scheme.hetero 
A 1 1  U   1  -5 -5 U   U   A . n 
A 1 2  C   2  -4 -4 C   C   A . n 
A 1 3  C   3  -3 -3 C   C   A . n 
A 1 4  C   4  -2 -2 C   C   A . n 
A 1 5  A2M 5  -1 -1 A2M A2M A . n 
A 1 6  G   6  1  1  G   G   A . n 
A 1 7  U   7  2  2  U   U   A . n 
A 1 8  C   8  3  3  C   C   A . n 
A 1 9  C   9  4  4  C   C   A . n 
A 1 10 A   10 5  5  A   A   A . n 
A 1 11 C   11 6  6  C   C   A . n 
A 1 12 C   12 7  7  C   C   A . n 
A 1 13 G   13 8  8  G   G   A . n 
A 1 14 U   14 9  ?  ?   ?   A . n 
B 2 1  C   1  2  2  C   C   B . n 
B 2 2  G   2  3  3  G   G   B . n 
B 2 3  G   3  4  4  G   G   B . n 
B 2 4  U   4  5  5  U   U   B . n 
B 2 5  G   5  6  6  G   G   B . n 
B 2 6  A   6  7  7  A   A   B . n 
B 2 7  G   7  8  8  G   G   B . n 
B 2 8  1DP 8  9  9  1DP A   B . n 
B 2 9  A   9  10 10 A   A   B . n 
B 2 10 G   10 11 11 G   G   B . n 
B 2 11 G   11 12 12 G   G   B . n 
B 2 12 G   12 13 13 G   G   B . n 
B 2 13 S9L 13 14 14 S9L S9L B . n 
B 2 14 G   14 15 15 G   G   B . n 
B 2 15 G   15 16 16 G   G   B . n 
B 2 16 C   16 17 17 C   C   B . n 
B 2 17 A   17 18 18 A   A   B . n 
B 2 18 G   18 19 19 G   G   B . n 
B 2 19 A   19 20 20 A   A   B . n 
B 2 20 G   20 21 21 G   G   B . n 
B 2 21 A   21 22 22 A   A   B . n 
B 2 22 A   22 23 23 A   A   B . n 
B 2 23 A   23 24 24 A   A   B . n 
B 2 24 C   24 25 25 C   C   B . n 
B 2 25 A   25 26 26 A   A   B . n 
B 2 26 C   26 27 27 C   C   B . n 
B 2 27 A   27 28 28 A   A   B . n 
B 2 28 C   28 29 29 C   C   B . n 
B 2 29 G   29 30 30 G   G   B . n 
B 2 30 A   30 31 31 A   A   B . n 
C 3 1  U   1  31 31 U   U   C . n 
C 3 2  C   2  32 32 C   C   C . n 
C 3 3  G   3  33 33 G   G   C . n 
C 3 4  U   4  34 34 U   U   C . n 
C 3 5  G   5  35 35 G   G   C . n 
C 3 6  G   6  36 36 G   G   C . n 
C 3 7  U   7  37 37 U   U   C . n 
C 3 8  A   8  38 38 A   A   C . n 
C 3 9  C   9  39 39 C   C   C . n 
C 3 10 A   10 40 40 A   A   C . n 
C 3 11 U   11 41 41 U   U   C . n 
C 3 12 U   12 42 42 U   U   C . n 
C 3 13 A   13 43 43 A   A   C . n 
C 3 14 C   14 44 44 C   C   C . n 
C 3 15 C   15 45 45 C   C   C . n 
C 3 16 U   16 46 46 U   U   C . n 
C 3 17 G   17 47 47 G   G   C . n 
C 3 18 C   18 48 48 C   C   C . n 
C 3 19 C   19 49 49 C   C   C . n 
# 
loop_
_pdbx_nonpoly_scheme.asym_id 
_pdbx_nonpoly_scheme.entity_id 
_pdbx_nonpoly_scheme.mon_id 
_pdbx_nonpoly_scheme.ndb_seq_num 
_pdbx_nonpoly_scheme.pdb_seq_num 
_pdbx_nonpoly_scheme.auth_seq_num 
_pdbx_nonpoly_scheme.pdb_mon_id 
_pdbx_nonpoly_scheme.auth_mon_id 
_pdbx_nonpoly_scheme.pdb_strand_id 
_pdbx_nonpoly_scheme.pdb_ins_code 
D 4 SO4 1 102 1 SO4 SO4 A . 
E 5 NCO 1 101 1 NCO NCO B . 
# 
_pdbx_struct_mod_residue.id               1 
_pdbx_struct_mod_residue.label_asym_id    A 
_pdbx_struct_mod_residue.label_comp_id    A2M 
_pdbx_struct_mod_residue.label_seq_id     5 
_pdbx_struct_mod_residue.auth_asym_id     A 
_pdbx_struct_mod_residue.auth_comp_id     A2M 
_pdbx_struct_mod_residue.auth_seq_id      -1 
_pdbx_struct_mod_residue.PDB_ins_code     ? 
_pdbx_struct_mod_residue.parent_comp_id   A 
_pdbx_struct_mod_residue.details          "2'-O-METHYL-ADENOSINE-5'-MONOPHOSPHATE" 
# 
_pdbx_struct_assembly.id                   1 
_pdbx_struct_assembly.details              author_and_software_defined_assembly 
_pdbx_struct_assembly.method_details       PISA 
_pdbx_struct_assembly.oligomeric_details   trimeric 
_pdbx_struct_assembly.oligomeric_count     3 
# 
_pdbx_struct_assembly_gen.assembly_id       1 
_pdbx_struct_assembly_gen.oper_expression   1 
_pdbx_struct_assembly_gen.asym_id_list      A,B,C,D,E 
# 
loop_
_pdbx_struct_assembly_prop.biol_id 
_pdbx_struct_assembly_prop.type 
_pdbx_struct_assembly_prop.value 
_pdbx_struct_assembly_prop.details 
1 'ABSA (A^2)' 2890  ? 
1 MORE         -3.6  ? 
1 'SSA (A^2)'  11270 ? 
# 
_pdbx_struct_oper_list.id                   1 
_pdbx_struct_oper_list.type                 'identity operation' 
_pdbx_struct_oper_list.name                 1_555 
_pdbx_struct_oper_list.symmetry_operation   x,y,z 
_pdbx_struct_oper_list.matrix[1][1]         1.0000000000 
_pdbx_struct_oper_list.matrix[1][2]         0.0000000000 
_pdbx_struct_oper_list.matrix[1][3]         0.0000000000 
_pdbx_struct_oper_list.vector[1]            0.0000000000 
_pdbx_struct_oper_list.matrix[2][1]         0.0000000000 
_pdbx_struct_oper_list.matrix[2][2]         1.0000000000 
_pdbx_struct_oper_list.matrix[2][3]         0.0000000000 
_pdbx_struct_oper_list.vector[2]            0.0000000000 
_pdbx_struct_oper_list.matrix[3][1]         0.0000000000 
_pdbx_struct_oper_list.matrix[3][2]         0.0000000000 
_pdbx_struct_oper_list.matrix[3][3]         1.0000000000 
_pdbx_struct_oper_list.vector[3]            0.0000000000 
# 
loop_
_pdbx_audit_revision_history.ordinal 
_pdbx_audit_revision_history.data_content_type 
_pdbx_audit_revision_history.major_revision 
_pdbx_audit_revision_history.minor_revision 
_pdbx_audit_revision_history.revision_date 
1 'Structure model' 1 0 2009-11-03 
2 'Structure model' 1 1 2011-07-13 
3 'Structure model' 1 2 2023-09-06 
# 
_pdbx_audit_revision_details.ordinal             1 
_pdbx_audit_revision_details.revision_ordinal    1 
_pdbx_audit_revision_details.data_content_type   'Structure model' 
_pdbx_audit_revision_details.provider            repository 
_pdbx_audit_revision_details.type                'Initial release' 
_pdbx_audit_revision_details.description         ? 
_pdbx_audit_revision_details.details             ? 
# 
loop_
_pdbx_audit_revision_group.ordinal 
_pdbx_audit_revision_group.revision_ordinal 
_pdbx_audit_revision_group.data_content_type 
_pdbx_audit_revision_group.group 
1 2 'Structure model' 'Non-polymer description'   
2 2 'Structure model' 'Version format compliance' 
3 3 'Structure model' 'Data collection'           
4 3 'Structure model' 'Database references'       
5 3 'Structure model' 'Derived calculations'      
6 3 'Structure model' 'Refinement description'    
# 
loop_
_pdbx_audit_revision_category.ordinal 
_pdbx_audit_revision_category.revision_ordinal 
_pdbx_audit_revision_category.data_content_type 
_pdbx_audit_revision_category.category 
1 3 'Structure model' chem_comp_atom                
2 3 'Structure model' chem_comp_bond                
3 3 'Structure model' database_2                    
4 3 'Structure model' pdbx_initial_refinement_model 
5 3 'Structure model' struct_conn                   
6 3 'Structure model' struct_ref_seq                
7 3 'Structure model' struct_site                   
# 
loop_
_pdbx_audit_revision_item.ordinal 
_pdbx_audit_revision_item.revision_ordinal 
_pdbx_audit_revision_item.data_content_type 
_pdbx_audit_revision_item.item 
1 3 'Structure model' '_database_2.pdbx_DOI'                
2 3 'Structure model' '_database_2.pdbx_database_accession' 
3 3 'Structure model' '_struct_conn.pdbx_leaving_atom_flag' 
4 3 'Structure model' '_struct_ref_seq.db_align_end'        
5 3 'Structure model' '_struct_site.pdbx_auth_asym_id'      
6 3 'Structure model' '_struct_site.pdbx_auth_comp_id'      
7 3 'Structure model' '_struct_site.pdbx_auth_seq_id'       
# 
loop_
_software.name 
_software.classification 
_software.version 
_software.citation_id 
_software.pdbx_ordinal 
HKL-2000 'data collection' . ? 1 
CNS      refinement        . ? 2 
HKL-2000 'data reduction'  . ? 3 
HKL-2000 'data scaling'    . ? 4 
CNS      phasing           . ? 5 
# 
loop_
_pdbx_validate_rmsd_angle.id 
_pdbx_validate_rmsd_angle.PDB_model_num 
_pdbx_validate_rmsd_angle.auth_atom_id_1 
_pdbx_validate_rmsd_angle.auth_asym_id_1 
_pdbx_validate_rmsd_angle.auth_comp_id_1 
_pdbx_validate_rmsd_angle.auth_seq_id_1 
_pdbx_validate_rmsd_angle.PDB_ins_code_1 
_pdbx_validate_rmsd_angle.label_alt_id_1 
_pdbx_validate_rmsd_angle.auth_atom_id_2 
_pdbx_validate_rmsd_angle.auth_asym_id_2 
_pdbx_validate_rmsd_angle.auth_comp_id_2 
_pdbx_validate_rmsd_angle.auth_seq_id_2 
_pdbx_validate_rmsd_angle.PDB_ins_code_2 
_pdbx_validate_rmsd_angle.label_alt_id_2 
_pdbx_validate_rmsd_angle.auth_atom_id_3 
_pdbx_validate_rmsd_angle.auth_asym_id_3 
_pdbx_validate_rmsd_angle.auth_comp_id_3 
_pdbx_validate_rmsd_angle.auth_seq_id_3 
_pdbx_validate_rmsd_angle.PDB_ins_code_3 
_pdbx_validate_rmsd_angle.label_alt_id_3 
_pdbx_validate_rmsd_angle.angle_value 
_pdbx_validate_rmsd_angle.angle_target_value 
_pdbx_validate_rmsd_angle.angle_deviation 
_pdbx_validate_rmsd_angle.angle_standard_deviation 
_pdbx_validate_rmsd_angle.linker_flag 
1 1 "C4'" A C -4 ? ? "C3'" A C -4 ? ? "C2'" A C -4 ? ? 108.82 102.60 6.22  1.00 N 
2 1 "O4'" A C -4 ? ? "C1'" A C -4 ? ? N1    A C -4 ? ? 113.10 108.50 4.60  0.70 N 
3 1 "C2'" C G 36 ? ? "C3'" C G 36 ? ? "O3'" C G 36 ? ? 125.23 113.70 11.53 1.60 N 
# 
_pdbx_unobs_or_zero_occ_atoms.id               1 
_pdbx_unobs_or_zero_occ_atoms.PDB_model_num    1 
_pdbx_unobs_or_zero_occ_atoms.polymer_flag     N 
_pdbx_unobs_or_zero_occ_atoms.occupancy_flag   1 
_pdbx_unobs_or_zero_occ_atoms.auth_asym_id     A 
_pdbx_unobs_or_zero_occ_atoms.auth_comp_id     SO4 
_pdbx_unobs_or_zero_occ_atoms.auth_seq_id      102 
_pdbx_unobs_or_zero_occ_atoms.PDB_ins_code     ? 
_pdbx_unobs_or_zero_occ_atoms.auth_atom_id     O4 
_pdbx_unobs_or_zero_occ_atoms.label_alt_id     ? 
_pdbx_unobs_or_zero_occ_atoms.label_asym_id    D 
_pdbx_unobs_or_zero_occ_atoms.label_comp_id    SO4 
_pdbx_unobs_or_zero_occ_atoms.label_seq_id     1 
_pdbx_unobs_or_zero_occ_atoms.label_atom_id    O4 
# 
_pdbx_unobs_or_zero_occ_residues.id               1 
_pdbx_unobs_or_zero_occ_residues.PDB_model_num    1 
_pdbx_unobs_or_zero_occ_residues.polymer_flag     Y 
_pdbx_unobs_or_zero_occ_residues.occupancy_flag   1 
_pdbx_unobs_or_zero_occ_residues.auth_asym_id     A 
_pdbx_unobs_or_zero_occ_residues.auth_comp_id     U 
_pdbx_unobs_or_zero_occ_residues.auth_seq_id      9 
_pdbx_unobs_or_zero_occ_residues.PDB_ins_code     ? 
_pdbx_unobs_or_zero_occ_residues.label_asym_id    A 
_pdbx_unobs_or_zero_occ_residues.label_comp_id    U 
_pdbx_unobs_or_zero_occ_residues.label_seq_id     14 
# 
loop_
_chem_comp_atom.comp_id 
_chem_comp_atom.atom_id 
_chem_comp_atom.type_symbol 
_chem_comp_atom.pdbx_aromatic_flag 
_chem_comp_atom.pdbx_stereo_config 
_chem_comp_atom.pdbx_ordinal 
1DP O3P    O  N N 1   
1DP P      P  N N 2   
1DP O1P    O  N N 3   
1DP O2P    O  N N 4   
1DP "O5'"  O  N N 5   
1DP "C5'"  C  N N 6   
1DP "C4'"  C  N R 7   
1DP "O4'"  O  N N 8   
1DP "C1'"  C  N R 9   
1DP N9     N  Y N 10  
1DP C4     C  Y N 11  
1DP N3     N  Y N 12  
1DP C2     C  Y N 13  
1DP C1     C  Y N 14  
1DP C6     C  Y N 15  
1DP N6     N  N N 16  
1DP C5     C  Y N 17  
1DP N7     N  Y N 18  
1DP C8     C  Y N 19  
1DP "C2'"  C  N R 20  
1DP "O2'"  O  N N 21  
1DP "C3'"  C  N S 22  
1DP "O3'"  O  N N 23  
1DP HO3P   H  N N 24  
1DP HO2P   H  N N 25  
1DP "H5'"  H  N N 26  
1DP "H5'A" H  N N 27  
1DP "H4'"  H  N N 28  
1DP "H1'"  H  N N 29  
1DP H2     H  N N 30  
1DP H1     H  N N 31  
1DP HN6    H  N N 32  
1DP HN6A   H  N N 33  
1DP H8     H  N N 34  
1DP "H2'"  H  N N 35  
1DP "HO2'" H  N N 36  
1DP "H3'"  H  N N 37  
1DP "HO3'" H  N N 38  
A   OP3    O  N N 39  
A   P      P  N N 40  
A   OP1    O  N N 41  
A   OP2    O  N N 42  
A   "O5'"  O  N N 43  
A   "C5'"  C  N N 44  
A   "C4'"  C  N R 45  
A   "O4'"  O  N N 46  
A   "C3'"  C  N S 47  
A   "O3'"  O  N N 48  
A   "C2'"  C  N R 49  
A   "O2'"  O  N N 50  
A   "C1'"  C  N R 51  
A   N9     N  Y N 52  
A   C8     C  Y N 53  
A   N7     N  Y N 54  
A   C5     C  Y N 55  
A   C6     C  Y N 56  
A   N6     N  N N 57  
A   N1     N  Y N 58  
A   C2     C  Y N 59  
A   N3     N  Y N 60  
A   C4     C  Y N 61  
A   HOP3   H  N N 62  
A   HOP2   H  N N 63  
A   "H5'"  H  N N 64  
A   "H5''" H  N N 65  
A   "H4'"  H  N N 66  
A   "H3'"  H  N N 67  
A   "HO3'" H  N N 68  
A   "H2'"  H  N N 69  
A   "HO2'" H  N N 70  
A   "H1'"  H  N N 71  
A   H8     H  N N 72  
A   H61    H  N N 73  
A   H62    H  N N 74  
A   H2     H  N N 75  
A2M P      P  N N 76  
A2M OP1    O  N N 77  
A2M OP3    O  N N 78  
A2M "O5'"  O  N N 79  
A2M "C5'"  C  N N 80  
A2M "C4'"  C  N R 81  
A2M "O4'"  O  N N 82  
A2M "C3'"  C  N R 83  
A2M "O3'"  O  N N 84  
A2M "C2'"  C  N R 85  
A2M "O2'"  O  N N 86  
A2M "C1'"  C  N R 87  
A2M "CM'"  C  N N 88  
A2M N9     N  Y N 89  
A2M C8     C  Y N 90  
A2M N7     N  Y N 91  
A2M C5     C  Y N 92  
A2M C6     C  Y N 93  
A2M N6     N  N N 94  
A2M N1     N  Y N 95  
A2M C2     C  Y N 96  
A2M N3     N  Y N 97  
A2M C4     C  Y N 98  
A2M HOP3   H  N N 99  
A2M "H5'"  H  N N 100 
A2M "H5''" H  N N 101 
A2M "H4'"  H  N N 102 
A2M "H3'"  H  N N 103 
A2M "HO3'" H  N N 104 
A2M "H2'"  H  N N 105 
A2M "H1'"  H  N N 106 
A2M "HM'1" H  N N 107 
A2M "HM'2" H  N N 108 
A2M "HM'3" H  N N 109 
A2M H8     H  N N 110 
A2M H61    H  N N 111 
A2M H62    H  N N 112 
A2M H2     H  N N 113 
A2M OP2    O  N N 114 
A2M HOP2   H  N N 115 
C   OP3    O  N N 116 
C   P      P  N N 117 
C   OP1    O  N N 118 
C   OP2    O  N N 119 
C   "O5'"  O  N N 120 
C   "C5'"  C  N N 121 
C   "C4'"  C  N R 122 
C   "O4'"  O  N N 123 
C   "C3'"  C  N S 124 
C   "O3'"  O  N N 125 
C   "C2'"  C  N R 126 
C   "O2'"  O  N N 127 
C   "C1'"  C  N R 128 
C   N1     N  N N 129 
C   C2     C  N N 130 
C   O2     O  N N 131 
C   N3     N  N N 132 
C   C4     C  N N 133 
C   N4     N  N N 134 
C   C5     C  N N 135 
C   C6     C  N N 136 
C   HOP3   H  N N 137 
C   HOP2   H  N N 138 
C   "H5'"  H  N N 139 
C   "H5''" H  N N 140 
C   "H4'"  H  N N 141 
C   "H3'"  H  N N 142 
C   "HO3'" H  N N 143 
C   "H2'"  H  N N 144 
C   "HO2'" H  N N 145 
C   "H1'"  H  N N 146 
C   H41    H  N N 147 
C   H42    H  N N 148 
C   H5     H  N N 149 
C   H6     H  N N 150 
G   OP3    O  N N 151 
G   P      P  N N 152 
G   OP1    O  N N 153 
G   OP2    O  N N 154 
G   "O5'"  O  N N 155 
G   "C5'"  C  N N 156 
G   "C4'"  C  N R 157 
G   "O4'"  O  N N 158 
G   "C3'"  C  N S 159 
G   "O3'"  O  N N 160 
G   "C2'"  C  N R 161 
G   "O2'"  O  N N 162 
G   "C1'"  C  N R 163 
G   N9     N  Y N 164 
G   C8     C  Y N 165 
G   N7     N  Y N 166 
G   C5     C  Y N 167 
G   C6     C  N N 168 
G   O6     O  N N 169 
G   N1     N  N N 170 
G   C2     C  N N 171 
G   N2     N  N N 172 
G   N3     N  N N 173 
G   C4     C  Y N 174 
G   HOP3   H  N N 175 
G   HOP2   H  N N 176 
G   "H5'"  H  N N 177 
G   "H5''" H  N N 178 
G   "H4'"  H  N N 179 
G   "H3'"  H  N N 180 
G   "HO3'" H  N N 181 
G   "H2'"  H  N N 182 
G   "HO2'" H  N N 183 
G   "H1'"  H  N N 184 
G   H8     H  N N 185 
G   H1     H  N N 186 
G   H21    H  N N 187 
G   H22    H  N N 188 
NCO CO     CO N N 189 
NCO N1     N  N N 190 
NCO N2     N  N N 191 
NCO N3     N  N N 192 
NCO N4     N  N N 193 
NCO N5     N  N N 194 
NCO N6     N  N N 195 
NCO HN11   H  N N 196 
NCO HN12   H  N N 197 
NCO HN13   H  N N 198 
NCO HN21   H  N N 199 
NCO HN22   H  N N 200 
NCO HN23   H  N N 201 
NCO HN31   H  N N 202 
NCO HN32   H  N N 203 
NCO HN33   H  N N 204 
NCO HN41   H  N N 205 
NCO HN42   H  N N 206 
NCO HN43   H  N N 207 
NCO HN51   H  N N 208 
NCO HN52   H  N N 209 
NCO HN53   H  N N 210 
NCO HN61   H  N N 211 
NCO HN62   H  N N 212 
NCO HN63   H  N N 213 
S9L O3P    O  N N 214 
S9L P      P  N N 215 
S9L O1P    O  N N 216 
S9L O2P    O  N N 217 
S9L "O5'"  O  N N 218 
S9L C12    C  N N 219 
S9L C22    C  N N 220 
S9L OH3    O  N N 221 
S9L C13    C  N N 222 
S9L C23    C  N N 223 
S9L OH4    O  N N 224 
S9L C14    C  N N 225 
S9L C24    C  N N 226 
S9L "O3'"  O  N N 227 
S9L HO3P   H  N N 228 
S9L HO1P   H  N N 229 
S9L H121   H  N N 230 
S9L H122   H  N N 231 
S9L H221   H  N N 232 
S9L H222   H  N N 233 
S9L H131   H  N N 234 
S9L H132   H  N N 235 
S9L H231   H  N N 236 
S9L H232   H  N N 237 
S9L H141   H  N N 238 
S9L H142   H  N N 239 
S9L H241   H  N N 240 
S9L H242   H  N N 241 
S9L "HO3'" H  N N 242 
SO4 S      S  N N 243 
SO4 O1     O  N N 244 
SO4 O2     O  N N 245 
SO4 O3     O  N N 246 
SO4 O4     O  N N 247 
U   OP3    O  N N 248 
U   P      P  N N 249 
U   OP1    O  N N 250 
U   OP2    O  N N 251 
U   "O5'"  O  N N 252 
U   "C5'"  C  N N 253 
U   "C4'"  C  N R 254 
U   "O4'"  O  N N 255 
U   "C3'"  C  N S 256 
U   "O3'"  O  N N 257 
U   "C2'"  C  N R 258 
U   "O2'"  O  N N 259 
U   "C1'"  C  N R 260 
U   N1     N  N N 261 
U   C2     C  N N 262 
U   O2     O  N N 263 
U   N3     N  N N 264 
U   C4     C  N N 265 
U   O4     O  N N 266 
U   C5     C  N N 267 
U   C6     C  N N 268 
U   HOP3   H  N N 269 
U   HOP2   H  N N 270 
U   "H5'"  H  N N 271 
U   "H5''" H  N N 272 
U   "H4'"  H  N N 273 
U   "H3'"  H  N N 274 
U   "HO3'" H  N N 275 
U   "H2'"  H  N N 276 
U   "HO2'" H  N N 277 
U   "H1'"  H  N N 278 
U   H3     H  N N 279 
U   H5     H  N N 280 
U   H6     H  N N 281 
# 
loop_
_chem_comp_bond.comp_id 
_chem_comp_bond.atom_id_1 
_chem_comp_bond.atom_id_2 
_chem_comp_bond.value_order 
_chem_comp_bond.pdbx_aromatic_flag 
_chem_comp_bond.pdbx_stereo_config 
_chem_comp_bond.pdbx_ordinal 
1DP P     O3P    sing N N 1   
1DP O3P   HO3P   sing N N 2   
1DP "O5'" P      sing N N 3   
1DP O1P   P      doub N N 4   
1DP P     O2P    sing N N 5   
1DP O2P   HO2P   sing N N 6   
1DP "O5'" "C5'"  sing N N 7   
1DP "C4'" "C5'"  sing N N 8   
1DP "C5'" "H5'"  sing N N 9   
1DP "C5'" "H5'A" sing N N 10  
1DP "C3'" "C4'"  sing N N 11  
1DP "C4'" "O4'"  sing N N 12  
1DP "C4'" "H4'"  sing N N 13  
1DP "C1'" "O4'"  sing N N 14  
1DP "C2'" "C1'"  sing N N 15  
1DP N9    "C1'"  sing N N 16  
1DP "C1'" "H1'"  sing N N 17  
1DP C4    N9     sing Y N 18  
1DP N9    C8     sing Y N 19  
1DP N3    C4     doub Y N 20  
1DP C4    C5     sing Y N 21  
1DP C2    N3     sing Y N 22  
1DP C1    C2     doub Y N 23  
1DP C2    H2     sing N N 24  
1DP C1    C6     sing Y N 25  
1DP C1    H1     sing N N 26  
1DP N6    C6     sing N N 27  
1DP C6    C5     doub Y N 28  
1DP N6    HN6    sing N N 29  
1DP N6    HN6A   sing N N 30  
1DP C5    N7     sing Y N 31  
1DP N7    C8     doub Y N 32  
1DP C8    H8     sing N N 33  
1DP "O2'" "C2'"  sing N N 34  
1DP "C2'" "C3'"  sing N N 35  
1DP "C2'" "H2'"  sing N N 36  
1DP "O2'" "HO2'" sing N N 37  
1DP "O3'" "C3'"  sing N N 38  
1DP "C3'" "H3'"  sing N N 39  
1DP "O3'" "HO3'" sing N N 40  
A   OP3   P      sing N N 41  
A   OP3   HOP3   sing N N 42  
A   P     OP1    doub N N 43  
A   P     OP2    sing N N 44  
A   P     "O5'"  sing N N 45  
A   OP2   HOP2   sing N N 46  
A   "O5'" "C5'"  sing N N 47  
A   "C5'" "C4'"  sing N N 48  
A   "C5'" "H5'"  sing N N 49  
A   "C5'" "H5''" sing N N 50  
A   "C4'" "O4'"  sing N N 51  
A   "C4'" "C3'"  sing N N 52  
A   "C4'" "H4'"  sing N N 53  
A   "O4'" "C1'"  sing N N 54  
A   "C3'" "O3'"  sing N N 55  
A   "C3'" "C2'"  sing N N 56  
A   "C3'" "H3'"  sing N N 57  
A   "O3'" "HO3'" sing N N 58  
A   "C2'" "O2'"  sing N N 59  
A   "C2'" "C1'"  sing N N 60  
A   "C2'" "H2'"  sing N N 61  
A   "O2'" "HO2'" sing N N 62  
A   "C1'" N9     sing N N 63  
A   "C1'" "H1'"  sing N N 64  
A   N9    C8     sing Y N 65  
A   N9    C4     sing Y N 66  
A   C8    N7     doub Y N 67  
A   C8    H8     sing N N 68  
A   N7    C5     sing Y N 69  
A   C5    C6     sing Y N 70  
A   C5    C4     doub Y N 71  
A   C6    N6     sing N N 72  
A   C6    N1     doub Y N 73  
A   N6    H61    sing N N 74  
A   N6    H62    sing N N 75  
A   N1    C2     sing Y N 76  
A   C2    N3     doub Y N 77  
A   C2    H2     sing N N 78  
A   N3    C4     sing Y N 79  
A2M P     OP1    doub N N 80  
A2M P     OP3    sing N N 81  
A2M P     "O5'"  sing N N 82  
A2M OP3   HOP3   sing N N 83  
A2M "O5'" "C5'"  sing N N 84  
A2M "C5'" "C4'"  sing N N 85  
A2M "C5'" "H5'"  sing N N 86  
A2M "C5'" "H5''" sing N N 87  
A2M "C4'" "O4'"  sing N N 88  
A2M "C4'" "C3'"  sing N N 89  
A2M "C4'" "H4'"  sing N N 90  
A2M "O4'" "C1'"  sing N N 91  
A2M "C3'" "O3'"  sing N N 92  
A2M "C3'" "C2'"  sing N N 93  
A2M "C3'" "H3'"  sing N N 94  
A2M "O3'" "HO3'" sing N N 95  
A2M "C2'" "O2'"  sing N N 96  
A2M "C2'" "C1'"  sing N N 97  
A2M "C2'" "H2'"  sing N N 98  
A2M "O2'" "CM'"  sing N N 99  
A2M "C1'" N9     sing N N 100 
A2M "C1'" "H1'"  sing N N 101 
A2M "CM'" "HM'1" sing N N 102 
A2M "CM'" "HM'2" sing N N 103 
A2M "CM'" "HM'3" sing N N 104 
A2M N9    C8     sing Y N 105 
A2M N9    C4     sing Y N 106 
A2M C8    N7     doub Y N 107 
A2M C8    H8     sing N N 108 
A2M N7    C5     sing Y N 109 
A2M C5    C6     sing Y N 110 
A2M C5    C4     doub Y N 111 
A2M C6    N6     sing N N 112 
A2M C6    N1     doub Y N 113 
A2M N6    H61    sing N N 114 
A2M N6    H62    sing N N 115 
A2M N1    C2     sing Y N 116 
A2M C2    N3     doub Y N 117 
A2M C2    H2     sing N N 118 
A2M N3    C4     sing Y N 119 
A2M P     OP2    sing N N 120 
A2M OP2   HOP2   sing N N 121 
C   OP3   P      sing N N 122 
C   OP3   HOP3   sing N N 123 
C   P     OP1    doub N N 124 
C   P     OP2    sing N N 125 
C   P     "O5'"  sing N N 126 
C   OP2   HOP2   sing N N 127 
C   "O5'" "C5'"  sing N N 128 
C   "C5'" "C4'"  sing N N 129 
C   "C5'" "H5'"  sing N N 130 
C   "C5'" "H5''" sing N N 131 
C   "C4'" "O4'"  sing N N 132 
C   "C4'" "C3'"  sing N N 133 
C   "C4'" "H4'"  sing N N 134 
C   "O4'" "C1'"  sing N N 135 
C   "C3'" "O3'"  sing N N 136 
C   "C3'" "C2'"  sing N N 137 
C   "C3'" "H3'"  sing N N 138 
C   "O3'" "HO3'" sing N N 139 
C   "C2'" "O2'"  sing N N 140 
C   "C2'" "C1'"  sing N N 141 
C   "C2'" "H2'"  sing N N 142 
C   "O2'" "HO2'" sing N N 143 
C   "C1'" N1     sing N N 144 
C   "C1'" "H1'"  sing N N 145 
C   N1    C2     sing N N 146 
C   N1    C6     sing N N 147 
C   C2    O2     doub N N 148 
C   C2    N3     sing N N 149 
C   N3    C4     doub N N 150 
C   C4    N4     sing N N 151 
C   C4    C5     sing N N 152 
C   N4    H41    sing N N 153 
C   N4    H42    sing N N 154 
C   C5    C6     doub N N 155 
C   C5    H5     sing N N 156 
C   C6    H6     sing N N 157 
G   OP3   P      sing N N 158 
G   OP3   HOP3   sing N N 159 
G   P     OP1    doub N N 160 
G   P     OP2    sing N N 161 
G   P     "O5'"  sing N N 162 
G   OP2   HOP2   sing N N 163 
G   "O5'" "C5'"  sing N N 164 
G   "C5'" "C4'"  sing N N 165 
G   "C5'" "H5'"  sing N N 166 
G   "C5'" "H5''" sing N N 167 
G   "C4'" "O4'"  sing N N 168 
G   "C4'" "C3'"  sing N N 169 
G   "C4'" "H4'"  sing N N 170 
G   "O4'" "C1'"  sing N N 171 
G   "C3'" "O3'"  sing N N 172 
G   "C3'" "C2'"  sing N N 173 
G   "C3'" "H3'"  sing N N 174 
G   "O3'" "HO3'" sing N N 175 
G   "C2'" "O2'"  sing N N 176 
G   "C2'" "C1'"  sing N N 177 
G   "C2'" "H2'"  sing N N 178 
G   "O2'" "HO2'" sing N N 179 
G   "C1'" N9     sing N N 180 
G   "C1'" "H1'"  sing N N 181 
G   N9    C8     sing Y N 182 
G   N9    C4     sing Y N 183 
G   C8    N7     doub Y N 184 
G   C8    H8     sing N N 185 
G   N7    C5     sing Y N 186 
G   C5    C6     sing N N 187 
G   C5    C4     doub Y N 188 
G   C6    O6     doub N N 189 
G   C6    N1     sing N N 190 
G   N1    C2     sing N N 191 
G   N1    H1     sing N N 192 
G   C2    N2     sing N N 193 
G   C2    N3     doub N N 194 
G   N2    H21    sing N N 195 
G   N2    H22    sing N N 196 
G   N3    C4     sing N N 197 
NCO CO    N1     sing N N 198 
NCO CO    N2     sing N N 199 
NCO CO    N3     sing N N 200 
NCO CO    N4     sing N N 201 
NCO CO    N5     sing N N 202 
NCO CO    N6     sing N N 203 
NCO N1    HN11   sing N N 204 
NCO N1    HN12   sing N N 205 
NCO N1    HN13   sing N N 206 
NCO N2    HN21   sing N N 207 
NCO N2    HN22   sing N N 208 
NCO N2    HN23   sing N N 209 
NCO N3    HN31   sing N N 210 
NCO N3    HN32   sing N N 211 
NCO N3    HN33   sing N N 212 
NCO N4    HN41   sing N N 213 
NCO N4    HN42   sing N N 214 
NCO N4    HN43   sing N N 215 
NCO N5    HN51   sing N N 216 
NCO N5    HN52   sing N N 217 
NCO N5    HN53   sing N N 218 
NCO N6    HN61   sing N N 219 
NCO N6    HN62   sing N N 220 
NCO N6    HN63   sing N N 221 
S9L O3P   P      sing N N 222 
S9L O3P   HO3P   sing N N 223 
S9L P     O2P    doub N N 224 
S9L P     O1P    sing N N 225 
S9L P     "O5'"  sing N N 226 
S9L O1P   HO1P   sing N N 227 
S9L "O5'" C12    sing N N 228 
S9L C12   C22    sing N N 229 
S9L C12   H121   sing N N 230 
S9L C12   H122   sing N N 231 
S9L C22   OH3    sing N N 232 
S9L C22   H221   sing N N 233 
S9L C22   H222   sing N N 234 
S9L OH3   C23    sing N N 235 
S9L C13   C23    sing N N 236 
S9L C13   OH4    sing N N 237 
S9L C13   H131   sing N N 238 
S9L C13   H132   sing N N 239 
S9L C23   H231   sing N N 240 
S9L C23   H232   sing N N 241 
S9L OH4   C24    sing N N 242 
S9L C14   C24    sing N N 243 
S9L C14   "O3'"  sing N N 244 
S9L C14   H141   sing N N 245 
S9L C14   H142   sing N N 246 
S9L C24   H241   sing N N 247 
S9L C24   H242   sing N N 248 
S9L "O3'" "HO3'" sing N N 249 
SO4 S     O1     doub N N 250 
SO4 S     O2     doub N N 251 
SO4 S     O3     sing N N 252 
SO4 S     O4     sing N N 253 
U   OP3   P      sing N N 254 
U   OP3   HOP3   sing N N 255 
U   P     OP1    doub N N 256 
U   P     OP2    sing N N 257 
U   P     "O5'"  sing N N 258 
U   OP2   HOP2   sing N N 259 
U   "O5'" "C5'"  sing N N 260 
U   "C5'" "C4'"  sing N N 261 
U   "C5'" "H5'"  sing N N 262 
U   "C5'" "H5''" sing N N 263 
U   "C4'" "O4'"  sing N N 264 
U   "C4'" "C3'"  sing N N 265 
U   "C4'" "H4'"  sing N N 266 
U   "O4'" "C1'"  sing N N 267 
U   "C3'" "O3'"  sing N N 268 
U   "C3'" "C2'"  sing N N 269 
U   "C3'" "H3'"  sing N N 270 
U   "O3'" "HO3'" sing N N 271 
U   "C2'" "O2'"  sing N N 272 
U   "C2'" "C1'"  sing N N 273 
U   "C2'" "H2'"  sing N N 274 
U   "O2'" "HO2'" sing N N 275 
U   "C1'" N1     sing N N 276 
U   "C1'" "H1'"  sing N N 277 
U   N1    C2     sing N N 278 
U   N1    C6     sing N N 279 
U   C2    O2     doub N N 280 
U   C2    N3     sing N N 281 
U   N3    C4     sing N N 282 
U   N3    H3     sing N N 283 
U   C4    O4     doub N N 284 
U   C4    C5     sing N N 285 
U   C5    C6     doub N N 286 
U   C5    H5     sing N N 287 
U   C6    H6     sing N N 288 
# 
loop_
_ndb_struct_conf_na.entry_id 
_ndb_struct_conf_na.feature 
3I2Q 'double helix'         
3I2Q 'a-form double helix'  
3I2Q 'bulge loop'           
3I2Q 'mismatched base pair' 
3I2Q 'internal loop'        
# 
loop_
_ndb_struct_na_base_pair.model_number 
_ndb_struct_na_base_pair.i_label_asym_id 
_ndb_struct_na_base_pair.i_label_comp_id 
_ndb_struct_na_base_pair.i_label_seq_id 
_ndb_struct_na_base_pair.i_symmetry 
_ndb_struct_na_base_pair.j_label_asym_id 
_ndb_struct_na_base_pair.j_label_comp_id 
_ndb_struct_na_base_pair.j_label_seq_id 
_ndb_struct_na_base_pair.j_symmetry 
_ndb_struct_na_base_pair.shear 
_ndb_struct_na_base_pair.stretch 
_ndb_struct_na_base_pair.stagger 
_ndb_struct_na_base_pair.buckle 
_ndb_struct_na_base_pair.propeller 
_ndb_struct_na_base_pair.opening 
_ndb_struct_na_base_pair.pair_number 
_ndb_struct_na_base_pair.pair_name 
_ndb_struct_na_base_pair.i_auth_asym_id 
_ndb_struct_na_base_pair.i_auth_seq_id 
_ndb_struct_na_base_pair.i_PDB_ins_code 
_ndb_struct_na_base_pair.j_auth_asym_id 
_ndb_struct_na_base_pair.j_auth_seq_id 
_ndb_struct_na_base_pair.j_PDB_ins_code 
_ndb_struct_na_base_pair.hbond_type_28 
_ndb_struct_na_base_pair.hbond_type_12 
1 A C 2  1_555 B G 12 1_555 -0.043 -0.053 -0.272 6.093   -20.702 -0.743   1  A_C-4:G13_B A -4 ? B 13 ? 19 1  
1 A C 3  1_555 B G 11 1_555 0.240  -0.237 -0.002 -4.524  -1.442  1.604    2  A_C-3:G12_B A -3 ? B 12 ? 19 1  
1 A C 4  1_555 B G 10 1_555 0.427  0.027  0.006  4.296   3.302   7.585    3  A_C-2:G11_B A -2 ? B 11 ? 19 1  
1 A U 7  1_555 B G 7  1_555 -8.065 -3.034 -0.481 9.313   1.408   5.454    4  A_U2:G8_B   A 2  ? B 8  ? ?  ?  
1 A C 8  1_555 B A 6  1_555 -2.303 0.655  -0.730 23.780  -17.253 11.537   5  A_C3:A7_B   A 3  ? B 7  ? ?  ?  
1 A C 9  1_555 B G 5  1_555 0.103  0.095  -0.031 9.113   -10.392 5.499    6  A_C4:G6_B   A 4  ? B 6  ? 19 1  
1 A A 10 1_555 B U 4  1_555 0.231  -0.084 0.314  5.145   -3.154  4.613    7  A_A5:U5_B   A 5  ? B 5  ? 20 1  
1 A C 11 1_555 B G 3  1_555 0.324  0.120  0.199  5.531   -6.045  10.003   8  A_C6:G4_B   A 6  ? B 4  ? 19 1  
1 A C 12 1_555 B G 2  1_555 0.637  -0.303 -0.002 4.272   -11.325 7.432    9  A_C7:G3_B   A 7  ? B 3  ? 19 1  
1 A G 13 1_555 B C 1  1_555 -0.361 0.099  -0.018 -3.995  -11.587 12.247   10 A_G8:C2_B   A 8  ? B 2  ? 19 1  
1 B G 14 1_555 C C 19 1_555 -0.372 -0.065 0.650  3.560   -6.240  1.572    11 B_G15:C49_C B 15 ? C 49 ? 19 1  
1 B G 15 1_555 C C 18 1_555 -0.300 -0.077 0.558  13.491  -9.345  0.120    12 B_G16:C48_C B 16 ? C 48 ? 19 1  
1 B C 16 1_555 C G 17 1_555 -0.053 0.093  0.125  4.679   -11.004 5.771    13 B_C17:G47_C B 17 ? C 47 ? 19 1  
1 B A 17 1_555 C U 16 1_555 -0.266 -0.061 -0.237 -3.144  -8.459  5.598    14 B_A18:U46_C B 18 ? C 46 ? 20 1  
1 B G 18 1_555 C C 15 1_555 -0.484 -0.111 -0.481 -8.352  -7.200  6.376    15 B_G19:C45_C B 19 ? C 45 ? 19 1  
1 B A 19 1_555 C C 14 1_555 2.069  0.256  -0.296 -15.116 -5.714  17.678   16 B_A20:C44_C B 20 ? C 44 ? ?  1  
1 B G 20 1_555 C A 13 1_555 6.991  -4.705 -0.018 -7.557  3.201   -8.139   17 B_G21:A43_C B 21 ? C 43 ? 11 10 
1 B A 21 1_555 C U 11 1_555 -4.378 -1.847 0.012  -1.683  -5.541  -99.680  18 B_A22:U41_C B 22 ? C 41 ? 24 4  
1 B A 22 1_555 C A 10 1_555 -4.268 1.029  -0.190 2.367   -22.157 -95.021  19 B_A23:A40_C B 23 ? C 40 ? ?  ?  
1 B A 23 1_555 C A 8  1_555 5.519  3.156  -0.239 -4.363  -10.182 -156.082 20 B_A24:A38_C B 24 ? C 38 ? ?  ?  
1 B C 24 1_555 A G 6  1_555 0.509  -0.322 0.295  12.469  -11.725 -3.067   21 B_C25:G1_A  B 25 ? A 1  ? 19 1  
1 B A 25 1_555 C G 6  1_555 -0.069 1.526  -0.503 -10.758 -10.932 -17.719  22 B_A26:G36_C B 26 ? C 36 ? 8  ?  
1 B C 26 1_555 C G 5  1_555 0.044  -0.111 0.107  5.305   -18.145 1.422    23 B_C27:G35_C B 27 ? C 35 ? 19 1  
1 B A 27 1_555 C U 4  1_555 -0.069 -0.216 0.540  9.922   -13.605 -1.426   24 B_A28:U34_C B 28 ? C 34 ? 20 1  
1 B C 28 1_555 C G 3  1_555 0.103  -0.101 0.096  4.560   -13.550 3.657    25 B_C29:G33_C B 29 ? C 33 ? 19 1  
1 B G 29 1_555 C C 2  1_555 -0.331 -0.032 0.317  -6.282  -10.060 -2.500   26 B_G30:C32_C B 30 ? C 32 ? 19 1  
1 B A 30 1_555 C U 1  1_555 0.451  0.003  0.088  -3.547  -4.790  1.582    27 B_A31:U31_C B 31 ? C 31 ? 20 1  
# 
loop_
_ndb_struct_na_base_pair_step.model_number 
_ndb_struct_na_base_pair_step.i_label_asym_id_1 
_ndb_struct_na_base_pair_step.i_label_comp_id_1 
_ndb_struct_na_base_pair_step.i_label_seq_id_1 
_ndb_struct_na_base_pair_step.i_symmetry_1 
_ndb_struct_na_base_pair_step.j_label_asym_id_1 
_ndb_struct_na_base_pair_step.j_label_comp_id_1 
_ndb_struct_na_base_pair_step.j_label_seq_id_1 
_ndb_struct_na_base_pair_step.j_symmetry_1 
_ndb_struct_na_base_pair_step.i_label_asym_id_2 
_ndb_struct_na_base_pair_step.i_label_comp_id_2 
_ndb_struct_na_base_pair_step.i_label_seq_id_2 
_ndb_struct_na_base_pair_step.i_symmetry_2 
_ndb_struct_na_base_pair_step.j_label_asym_id_2 
_ndb_struct_na_base_pair_step.j_label_comp_id_2 
_ndb_struct_na_base_pair_step.j_label_seq_id_2 
_ndb_struct_na_base_pair_step.j_symmetry_2 
_ndb_struct_na_base_pair_step.shift 
_ndb_struct_na_base_pair_step.slide 
_ndb_struct_na_base_pair_step.rise 
_ndb_struct_na_base_pair_step.tilt 
_ndb_struct_na_base_pair_step.roll 
_ndb_struct_na_base_pair_step.twist 
_ndb_struct_na_base_pair_step.x_displacement 
_ndb_struct_na_base_pair_step.y_displacement 
_ndb_struct_na_base_pair_step.helical_rise 
_ndb_struct_na_base_pair_step.inclination 
_ndb_struct_na_base_pair_step.tip 
_ndb_struct_na_base_pair_step.helical_twist 
_ndb_struct_na_base_pair_step.step_number 
_ndb_struct_na_base_pair_step.step_name 
_ndb_struct_na_base_pair_step.i_auth_asym_id_1 
_ndb_struct_na_base_pair_step.i_auth_seq_id_1 
_ndb_struct_na_base_pair_step.i_PDB_ins_code_1 
_ndb_struct_na_base_pair_step.j_auth_asym_id_1 
_ndb_struct_na_base_pair_step.j_auth_seq_id_1 
_ndb_struct_na_base_pair_step.j_PDB_ins_code_1 
_ndb_struct_na_base_pair_step.i_auth_asym_id_2 
_ndb_struct_na_base_pair_step.i_auth_seq_id_2 
_ndb_struct_na_base_pair_step.i_PDB_ins_code_2 
_ndb_struct_na_base_pair_step.j_auth_asym_id_2 
_ndb_struct_na_base_pair_step.j_auth_seq_id_2 
_ndb_struct_na_base_pair_step.j_PDB_ins_code_2 
1 A C 2  1_555 B G 12 1_555 A C 3  1_555 B G 11 1_555 -0.469 -1.765 3.600 -2.639  8.908  36.938  -3.890 0.369  3.131 13.794  4.086 
38.049  1  AA_C-4C-3:G12G13_BB A -4 ? B 13 ? A -3 ? B 12 ? 
1 A C 3  1_555 B G 11 1_555 A C 4  1_555 B G 10 1_555 0.979  -1.734 3.136 2.062   6.340  27.012  -4.993 -1.587 2.732 13.316  
-4.332  27.808  2  AA_C-3C-2:G11G12_BB A -3 ? B 12 ? A -2 ? B 11 ? 
1 A U 7  1_555 B G 7  1_555 A C 8  1_555 B A 6  1_555 0.123  -0.685 3.046 -2.681  3.706  52.409  -0.996 -0.301 2.985 4.187   3.029 
52.594  3  AA_U2C3:A7G8_BB     A 2  ? B 8  ? A 3  ? B 7  ? 
1 A C 8  1_555 B A 6  1_555 A C 9  1_555 B G 5  1_555 -0.290 -1.314 3.756 -6.082  9.732  39.808  -3.018 -0.314 3.364 13.945  8.716 
41.364  4  AA_C3C4:G6A7_BB     A 3  ? B 7  ? A 4  ? B 6  ? 
1 A C 9  1_555 B G 5  1_555 A A 10 1_555 B U 4  1_555 -0.285 -1.792 3.135 -3.450  10.698 33.157  -4.406 0.015  2.472 18.110  5.840 
34.960  5  AA_C4A5:U5G6_BB     A 4  ? B 6  ? A 5  ? B 5  ? 
1 A A 10 1_555 B U 4  1_555 A C 11 1_555 B G 3  1_555 0.056  -1.579 3.222 0.057   4.746  30.727  -3.809 -0.094 2.951 8.889   
-0.107  31.083  6  AA_A5C6:G4U5_BB     A 5  ? B 5  ? A 6  ? B 4  ? 
1 A C 11 1_555 B G 3  1_555 A C 12 1_555 B G 2  1_555 0.116  -1.935 3.119 2.423   7.007  33.179  -4.316 0.149  2.668 12.083  
-4.178  33.974  7  AA_C6C7:G3G4_BB     A 6  ? B 4  ? A 7  ? B 3  ? 
1 A C 12 1_555 B G 2  1_555 A G 13 1_555 B C 1  1_555 0.235  -1.561 3.353 3.335   9.996  28.833  -4.829 0.182  2.685 19.281  
-6.433  30.660  8  AA_C7G8:C2G3_BB     A 7  ? B 3  ? A 8  ? B 2  ? 
1 B G 14 1_555 C C 19 1_555 B G 15 1_555 C C 18 1_555 -0.626 -1.125 2.899 -2.780  3.120  34.121  -2.332 0.677  2.829 5.293   4.715 
34.368  9  BB_G15G16:C48C49_CC B 15 ? C 49 ? B 16 ? C 48 ? 
1 B G 15 1_555 C C 18 1_555 B C 16 1_555 C G 17 1_555 0.353  -1.453 3.414 2.585   11.235 34.911  -3.816 -0.214 2.846 18.125  
-4.170  36.709  10 BB_G16C17:G47C48_CC B 16 ? C 48 ? B 17 ? C 47 ? 
1 B C 16 1_555 C G 17 1_555 B A 17 1_555 C U 16 1_555 0.209  -1.667 3.320 0.330   10.627 30.375  -4.787 -0.322 2.606 19.545  
-0.607  32.141  11 BB_C17A18:U46G47_CC B 17 ? C 47 ? B 18 ? C 46 ? 
1 B A 17 1_555 C U 16 1_555 B G 18 1_555 C C 15 1_555 0.205  -1.879 3.467 0.239   6.096  29.604  -4.847 -0.344 3.030 11.773  
-0.462  30.213  12 BB_A18G19:C45U46_CC B 18 ? C 46 ? B 19 ? C 45 ? 
1 B G 18 1_555 C C 15 1_555 B A 19 1_555 C C 14 1_555 0.896  -1.287 3.441 0.626   8.973  39.585  -2.871 -1.222 3.102 13.046  
-0.911  40.554  13 BB_G19A20:C44C45_CC B 19 ? C 45 ? B 20 ? C 44 ? 
1 B A 19 1_555 C C 14 1_555 B G 20 1_555 C A 13 1_555 -0.757 -1.142 3.113 6.381   5.014  59.653  -1.368 1.047  2.930 5.016   
-6.383  60.152  14 BB_A20G21:A43C44_CC B 20 ? C 44 ? B 21 ? C 43 ? 
1 B G 20 1_555 C A 13 1_555 B A 21 1_555 C U 11 1_555 -2.178 -0.396 3.316 2.192   -1.133 9.754   -0.274 16.261 2.786 -6.529  
-12.625 10.061  15 BB_G21A22:U41A43_CC B 21 ? C 43 ? B 22 ? C 41 ? 
1 B A 21 1_555 C U 11 1_555 B A 22 1_555 C A 10 1_555 -0.109 -2.436 3.450 -11.158 3.893  45.672  -3.379 -0.808 3.185 4.919   
14.098  47.097  16 BB_A22A23:A40U41_CC B 22 ? C 41 ? B 23 ? C 40 ? 
1 B A 22 1_555 C A 10 1_555 B A 23 1_555 C A 8  1_555 -3.275 -3.146 3.611 -3.619  -0.714 76.403  -2.518 2.526  3.765 -0.577  2.924 
76.478  17 BB_A23A24:A38A40_CC B 23 ? C 40 ? B 24 ? C 38 ? 
1 B A 23 1_555 C A 8  1_555 B C 24 1_555 A G 6  1_555 2.355  0.040  3.057 0.337   5.354  -29.778 -1.085 4.576  2.978 -10.312 0.649 
-30.247 18 BB_A24C25:G1A38_AC  B 24 ? C 38 ? B 25 ? A 1  ? 
1 B C 24 1_555 A G 6  1_555 B A 25 1_555 C G 6  1_555 0.248  -2.363 3.682 6.587   3.965  41.402  -3.741 0.404  3.450 5.550   
-9.221  42.079  19 BB_C25A26:G36G1_CA  B 25 ? A 1  ? B 26 ? C 36 ? 
1 B A 25 1_555 C G 6  1_555 B C 26 1_555 C G 5  1_555 1.190  -0.566 2.897 -5.387  4.154  32.192  -1.601 -2.881 2.579 7.389   9.582 
32.885  20 BB_A26C27:G35G36_CC B 26 ? C 36 ? B 27 ? C 35 ? 
1 B C 26 1_555 C G 5  1_555 B A 27 1_555 C U 4  1_555 0.057  -1.224 3.030 -2.659  6.097  34.335  -2.860 -0.455 2.767 10.209  4.453 
34.955  21 BB_C27A28:U34G35_CC B 27 ? C 35 ? B 28 ? C 34 ? 
1 B A 27 1_555 C U 4  1_555 B C 28 1_555 C G 3  1_555 0.539  -1.195 3.329 5.683   1.333  33.597  -2.256 0.006  3.325 2.284   
-9.740  34.086  22 BB_A28C29:G33U34_CC B 28 ? C 34 ? B 29 ? C 33 ? 
1 B C 28 1_555 C G 3  1_555 B G 29 1_555 C C 2  1_555 0.174  -1.590 3.291 -0.966  10.113 34.279  -3.967 -0.415 2.721 16.708  1.595 
35.710  23 BB_C29G30:C32G33_CC B 29 ? C 33 ? B 30 ? C 32 ? 
1 B G 29 1_555 C C 2  1_555 B A 30 1_555 C U 1  1_555 0.668  -1.751 3.123 5.591   5.243  33.385  -3.746 -0.313 2.894 8.980   
-9.576  34.229  24 BB_G30A31:U31C32_CC B 30 ? C 32 ? B 31 ? C 31 ? 
# 
loop_
_pdbx_entity_nonpoly.entity_id 
_pdbx_entity_nonpoly.name 
_pdbx_entity_nonpoly.comp_id 
4 'SULFATE ION'           SO4 
5 'COBALT HEXAMMINE(III)' NCO 
# 
_pdbx_initial_refinement_model.id               1 
_pdbx_initial_refinement_model.entity_id_list   ? 
_pdbx_initial_refinement_model.type             'experimental model' 
_pdbx_initial_refinement_model.source_name      PDB 
_pdbx_initial_refinement_model.accession_code   2OUE 
_pdbx_initial_refinement_model.details          'PDB entry 2OUE' 
# 
